data_8PZU
#
_entry.id   8PZU
#
_cell.length_a   1.00
_cell.length_b   1.00
_cell.length_c   1.00
_cell.angle_alpha   90.00
_cell.angle_beta   90.00
_cell.angle_gamma   90.00
#
_symmetry.space_group_name_H-M   'P 1'
#
loop_
_entity.id
_entity.type
_entity.pdbx_description
1 polymer 'Outer membrane protein assembly factor BamA'
2 polymer 'Outer membrane protein assembly factor BamB'
3 polymer 'Outer membrane protein assembly factor BamC'
4 polymer 'Outer membrane protein assembly factor BamD'
5 polymer 'Outer membrane protein assembly factor BamE'
6 polymer 'Chaperone SurA'
7 polymer Darobactin-B
8 non-polymer 'MAGNESIUM ION'
#
loop_
_entity_poly.entity_id
_entity_poly.type
_entity_poly.pdbx_seq_one_letter_code
_entity_poly.pdbx_strand_id
1 'polypeptide(L)'
;AEGFVVKDIHFEGLQRVAVGAALLSMPVRTGDTVNDEDISNTIRALFATGNFEDVCVLRDGDTLLVQVKERPTIASITFS
GNKSVKDDMLKQNLEASGVRVGESLDRTTIADIEKGLEDFYYSVGKYSASVKAVVTPLPRNRVDLKLVFQEGVSAEIQQI
NIVGNHAFTTDELISHFQLRDEVPWWNVVGDRKYQKQKLAGDLETLRSYYLDRGYARFNIDSTQVSLTPDKKGIYVTVNI
TEGDQYKLSGVEVSGNLAGHSAEIEQLTKIEPGELYNGTKVTKMEDDIKKLLGRYGYAYPRVQSMPEINDADKTVKLRVN
VDAGNRFYVRKIRFEGNDTSKDAVLRREMRQMEGAWLGSDLVDQGKERLNRLGFFETVDTDTQRVPGSPDQVDVVYKVKE
RNTGSFNFGIGYGTESGVSFQAGVQQDNWLGTGYAVGINGTKNDYQTYAELSVTNPYFTVDGVSLGGRLFYNDFQADDAD
LSDYTNKSYGTDVTLGFPINEYNSLRAGLGYVHNSLSNMQPQVAMWRYLYSMGEHPSTSDQDNSFKTDDFTFNYGWTYNK
LDRGYFPTDGSRVNLTGKVTIPGSDNEYYKVTLDTATYVPIDDDHKWVVLGRTRWGYGDGLGGKEMPFYENFYAGGSSTV
RGFQSNTIGPKAVYFPHQASNYDPDYDYECATQDGAKDLCKSDDAVGGNAMAVASLEFITPTPFISDKYANSVRTSFFWD
MGTVWDTNWDSSQYSGYPDYSDPSNIRMSAGIALQWMSPLGPLVFSYAQPFKKYDGDKAEQFQFNIGKTW
;
A
2 'polypeptide(L)'
;CSLFNSEEDVVKMSPLPTVENQFTPTTAWSTSVGSGIGNFYSNLHPALADNVVYAADRAGLVKALNADDGKEIWSVSLAE
KDGWFSKEPALLSGGVTVSGGHVYIGSEKAQVYALNTSDGTVAWQTKVAGEALSRPVVSDGLVLIHTSNGQLQALNEADG
AVKWTVNLDMPSLSLRGESAPTTAFGAAVVGGDNGRVSAVLMEQGQMIWQQRISQATGSTEIDRLSDVDTTPVVVNGVVF
ALAYNGNLTALDLRSGQIMWKRELGSVNDFIVDGNRIYLVDQNDRVMALTIDGGVTLWTQSDLLHRLLTSPVLYNGNLVV
GDSEGYLHWINVEDGRFVAQQKVDSSGFQTEPVAADGKLLIQAKDGTVYSITR
;
B
3 'polypeptide(L)'
;CSSDSRYKRQVSGDEAYLEAAPLAELHAPAGMILPVTSGDYAIPVTNGSGAVGKALDIRPPAQPLALVSGARTQFTGDTA
SLLVENGRGNTLWPQVVSVLQAKNYTITQRDDAGQTLTTDWVQWNRLDEDEQYRGRYQISVKPQGYQQAVTVKLLNLEQA
GKPVADAASMQRYSTEMMNVISAGLDKSATDAANAAQNRASTTMDVQSAADDTGLPMLVVRGPFNVVWQRLPAALEKVGM
KVTDSTRSQGNMAVTYKPLSDSDWQELGASDPGLASGDYKLQVGDLDNRSSLQFIDPKGHTLTQSQNDALVAVFQAAFSK
;
C
4 'polypeptide(L)'
;CSGSKEEVPDNPPNEIYATAQQKLQDGNWRQAITQLEALDNRYPFGPYSQQVQLDLIYAYYKNADLPLAQAAIDRFIRLN
PTHPNIDYVMYMRGLTNMALDDSALQGFFGVDRSDRDPQHARAAFSDFSKLVRGYPNSQYTTDATKRLVFLKDRLAKYEY
SVAEYYTERGAWVAVVNRVEGMLRDYPDTQATRDALPLMENAYRQMQMNAQAEKVAKIIAANSSNT
;
D
5 'polypeptide(L)'
;CSTLERVVYRPDINQGNYLTANDVSKIRVGMTQQQVAYALGTPLMSDPFGTNTWFYVFRQQPGHEGVTQQTLTLTFNSSG
VLTNIDNKPALSGNGGHHHHHHHH
;
E
6 'polypeptide(L)'
;GSSAWSHPQFEKGGGSGGGSGGSAWSHPQFEKSSGENLYFQGAPQVVDCVAAVVNNGVVLESDVDGLMQSVKLNAAQARQ
QLPDDATLRHQIMERLIMDQIILQMGQKMGVKISDEQLDQAIANIAKQNNMTLDQMRSRLAYDGLNYNTYRNQIRKEMII
SEVRNNEVRRRITILPQEVESLAQQVGNQNDASTELNLSHILIPLPENPTSDQVNEAESQARAIVDQARNGADFGKLAIA
HSADQQALNGGQMGWGRIQELPGIFAQALSTAKKGDIVGPIRSGVGFHILKVNDLRGESKNISVTEVHARHILLKPSPIM
TDEQARVKLEQIAADIKSGKTTFAAAAKEFSQDPGSANQGGDLGWATPDIFDPAFRDALTRLNKGQMSAPVHSSFGWHLI
ELLDTRNVDKTDAAQKDRAYRMLMNRKFSEEAASWMQEQRASAYVKILSN
;
F
7 'polypeptide(L)' WN(UX8)TKRF I
#
loop_
_chem_comp.id
_chem_comp.type
_chem_comp.name
_chem_comp.formula
MG non-polymer 'MAGNESIUM ION' 'Mg 2'
#
# COMPACT_ATOMS: atom_id res chain seq x y z
N LYS A 7 41.34 -7.44 -48.81
CA LYS A 7 42.00 -8.66 -49.26
C LYS A 7 41.76 -9.79 -48.26
N ASP A 8 41.93 -9.49 -46.98
CA ASP A 8 41.72 -10.48 -45.92
C ASP A 8 41.49 -9.72 -44.62
N ILE A 9 40.26 -9.77 -44.12
CA ILE A 9 39.93 -9.08 -42.87
C ILE A 9 40.29 -9.97 -41.69
N HIS A 10 40.97 -9.38 -40.71
CA HIS A 10 41.37 -10.07 -39.47
C HIS A 10 40.76 -9.31 -38.30
N PHE A 11 39.72 -9.86 -37.70
CA PHE A 11 39.10 -9.24 -36.54
C PHE A 11 39.96 -9.46 -35.29
N GLU A 12 39.83 -8.53 -34.34
CA GLU A 12 40.49 -8.65 -33.05
C GLU A 12 39.54 -8.80 -31.88
N GLY A 13 38.27 -8.43 -32.04
CA GLY A 13 37.30 -8.57 -30.98
C GLY A 13 36.49 -9.83 -31.12
N LEU A 14 35.16 -9.70 -31.13
CA LEU A 14 34.25 -10.82 -31.35
C LEU A 14 34.39 -11.88 -30.27
N GLN A 15 34.78 -11.46 -29.06
CA GLN A 15 34.88 -12.41 -27.95
C GLN A 15 33.51 -12.97 -27.59
N ARG A 16 32.48 -12.14 -27.56
CA ARG A 16 31.12 -12.57 -27.24
C ARG A 16 30.24 -12.70 -28.46
N VAL A 17 30.27 -11.73 -29.36
CA VAL A 17 29.46 -11.77 -30.57
C VAL A 17 30.09 -12.73 -31.56
N ALA A 18 29.24 -13.50 -32.25
CA ALA A 18 29.73 -14.45 -33.25
C ALA A 18 30.41 -13.71 -34.40
N VAL A 19 31.42 -14.36 -34.98
CA VAL A 19 32.17 -13.78 -36.09
C VAL A 19 31.26 -13.58 -37.30
N GLY A 20 30.31 -14.49 -37.51
CA GLY A 20 29.43 -14.39 -38.66
C GLY A 20 28.59 -13.12 -38.65
N ALA A 21 28.17 -12.67 -37.46
CA ALA A 21 27.41 -11.43 -37.38
C ALA A 21 28.23 -10.24 -37.86
N ALA A 22 29.51 -10.19 -37.48
CA ALA A 22 30.38 -9.13 -37.96
C ALA A 22 30.65 -9.25 -39.45
N LEU A 23 30.80 -10.48 -39.96
CA LEU A 23 31.05 -10.67 -41.37
C LEU A 23 29.87 -10.21 -42.21
N LEU A 24 28.65 -10.54 -41.78
CA LEU A 24 27.47 -10.13 -42.54
C LEU A 24 27.18 -8.65 -42.34
N SER A 25 27.61 -8.08 -41.21
CA SER A 25 27.40 -6.66 -40.95
C SER A 25 28.49 -5.79 -41.56
N MET A 26 29.53 -6.40 -42.13
CA MET A 26 30.65 -5.66 -42.74
C MET A 26 30.76 -6.04 -44.21
N PRO A 27 30.24 -5.21 -45.13
CA PRO A 27 30.29 -5.57 -46.55
C PRO A 27 31.66 -5.98 -47.09
N VAL A 28 32.72 -5.22 -46.77
CA VAL A 28 34.04 -5.57 -47.28
C VAL A 28 34.58 -6.76 -46.50
N ARG A 29 35.09 -7.75 -47.21
CA ARG A 29 35.57 -8.98 -46.62
C ARG A 29 36.82 -9.42 -47.38
N THR A 30 37.22 -10.68 -47.17
CA THR A 30 38.35 -11.23 -47.89
C THR A 30 38.06 -11.29 -49.38
N GLY A 31 39.05 -10.91 -50.19
CA GLY A 31 38.88 -10.90 -51.63
C GLY A 31 37.87 -9.89 -52.13
N ASP A 32 37.90 -8.67 -51.61
CA ASP A 32 36.96 -7.63 -52.00
C ASP A 32 37.71 -6.32 -52.20
N THR A 33 37.10 -5.42 -52.98
CA THR A 33 37.69 -4.12 -53.24
C THR A 33 37.83 -3.33 -51.93
N VAL A 34 38.99 -2.71 -51.74
CA VAL A 34 39.31 -1.99 -50.51
C VAL A 34 39.54 -0.52 -50.84
N ASN A 35 38.78 0.35 -50.19
CA ASN A 35 39.00 1.79 -50.27
C ASN A 35 38.29 2.45 -49.09
N ASP A 36 38.54 3.75 -48.94
CA ASP A 36 38.05 4.47 -47.76
C ASP A 36 36.53 4.53 -47.73
N GLU A 37 35.89 4.75 -48.88
CA GLU A 37 34.43 4.83 -48.91
C GLU A 37 33.79 3.52 -48.48
N ASP A 38 34.31 2.39 -48.97
CA ASP A 38 33.73 1.11 -48.62
C ASP A 38 33.90 0.81 -47.14
N ILE A 39 35.10 1.04 -46.59
CA ILE A 39 35.30 0.76 -45.18
C ILE A 39 34.45 1.68 -44.31
N SER A 40 34.25 2.93 -44.76
CA SER A 40 33.35 3.83 -44.05
C SER A 40 31.91 3.31 -44.07
N ASN A 41 31.47 2.81 -45.22
CA ASN A 41 30.12 2.25 -45.31
C ASN A 41 29.98 1.02 -44.43
N THR A 42 31.00 0.16 -44.41
CA THR A 42 30.94 -1.06 -43.59
C THR A 42 30.89 -0.71 -42.11
N ILE A 43 31.73 0.22 -41.65
CA ILE A 43 31.71 0.57 -40.24
C ILE A 43 30.40 1.28 -39.88
N ARG A 44 29.86 2.10 -40.78
CA ARG A 44 28.59 2.76 -40.51
C ARG A 44 27.46 1.74 -40.39
N ALA A 45 27.43 0.75 -41.28
CA ALA A 45 26.42 -0.29 -41.20
C ALA A 45 26.64 -1.19 -39.98
N LEU A 46 27.89 -1.38 -39.58
CA LEU A 46 28.18 -2.16 -38.38
C LEU A 46 27.63 -1.48 -37.14
N PHE A 47 27.80 -0.17 -37.03
CA PHE A 47 27.18 0.56 -35.92
C PHE A 47 25.69 0.78 -36.12
N ALA A 48 25.18 0.61 -37.34
CA ALA A 48 23.75 0.76 -37.57
C ALA A 48 22.96 -0.27 -36.78
N THR A 49 23.42 -1.53 -36.76
CA THR A 49 22.77 -2.56 -35.98
C THR A 49 23.09 -2.48 -34.49
N GLY A 50 24.08 -1.67 -34.10
CA GLY A 50 24.45 -1.57 -32.71
C GLY A 50 25.11 -2.81 -32.14
N ASN A 51 25.73 -3.63 -33.00
CA ASN A 51 26.36 -4.85 -32.52
C ASN A 51 27.54 -4.55 -31.60
N PHE A 52 28.35 -3.55 -31.95
CA PHE A 52 29.61 -3.27 -31.28
C PHE A 52 29.58 -1.86 -30.72
N GLU A 53 30.08 -1.69 -29.49
CA GLU A 53 30.09 -0.36 -28.88
C GLU A 53 31.16 0.51 -29.53
N ASP A 54 32.30 -0.07 -29.86
CA ASP A 54 33.41 0.64 -30.48
C ASP A 54 34.17 -0.33 -31.38
N VAL A 55 34.53 0.13 -32.58
CA VAL A 55 35.39 -0.62 -33.47
C VAL A 55 36.39 0.34 -34.11
N CYS A 56 37.43 -0.24 -34.71
CA CYS A 56 38.47 0.51 -35.38
C CYS A 56 39.16 -0.39 -36.37
N VAL A 57 39.88 0.21 -37.31
CA VAL A 57 40.71 -0.50 -38.27
C VAL A 57 42.15 -0.10 -38.02
N LEU A 58 42.99 -1.08 -37.72
CA LEU A 58 44.39 -0.84 -37.38
C LEU A 58 45.26 -1.05 -38.60
N ARG A 59 46.15 -0.10 -38.85
CA ARG A 59 47.01 -0.17 -40.02
C ARG A 59 47.95 -1.37 -39.92
N ASP A 60 47.98 -2.18 -40.98
CA ASP A 60 48.81 -3.37 -41.02
C ASP A 60 49.38 -3.53 -42.42
N GLY A 61 50.69 -3.81 -42.51
CA GLY A 61 51.29 -4.05 -43.81
C GLY A 61 50.68 -5.24 -44.52
N ASP A 62 50.31 -6.26 -43.76
CA ASP A 62 49.67 -7.46 -44.30
C ASP A 62 48.16 -7.23 -44.36
N THR A 63 47.61 -7.26 -45.57
CA THR A 63 46.18 -7.12 -45.85
C THR A 63 45.48 -6.11 -44.94
N LEU A 64 44.30 -6.46 -44.42
CA LEU A 64 43.50 -5.59 -43.59
C LEU A 64 43.40 -6.14 -42.17
N LEU A 65 43.18 -5.22 -41.22
CA LEU A 65 43.03 -5.57 -39.82
C LEU A 65 41.85 -4.79 -39.25
N VAL A 66 41.06 -5.45 -38.40
CA VAL A 66 39.86 -4.86 -37.81
C VAL A 66 39.92 -5.07 -36.31
N GLN A 67 39.61 -4.01 -35.56
CA GLN A 67 39.50 -4.07 -34.10
C GLN A 67 38.03 -3.92 -33.74
N VAL A 68 37.58 -4.70 -32.77
CA VAL A 68 36.17 -4.74 -32.36
C VAL A 68 36.10 -4.70 -30.84
N LYS A 69 35.20 -3.87 -30.31
CA LYS A 69 34.91 -3.80 -28.88
C LYS A 69 33.39 -3.88 -28.76
N GLU A 70 32.89 -5.04 -28.36
CA GLU A 70 31.44 -5.23 -28.24
C GLU A 70 30.91 -4.43 -27.04
N ARG A 71 29.60 -4.23 -27.05
CA ARG A 71 28.96 -3.55 -25.92
C ARG A 71 29.08 -4.42 -24.67
N PRO A 72 29.41 -3.82 -23.53
CA PRO A 72 29.65 -4.62 -22.32
C PRO A 72 28.41 -5.32 -21.80
N THR A 73 28.41 -6.64 -21.85
CA THR A 73 27.28 -7.43 -21.39
C THR A 73 27.13 -7.32 -19.87
N ILE A 74 25.89 -7.24 -19.40
CA ILE A 74 25.62 -7.20 -17.97
C ILE A 74 25.55 -8.62 -17.43
N ALA A 75 26.27 -8.88 -16.34
CA ALA A 75 26.31 -10.19 -15.73
C ALA A 75 25.48 -10.29 -14.46
N SER A 76 25.18 -9.16 -13.81
CA SER A 76 24.37 -9.16 -12.61
C SER A 76 23.74 -7.79 -12.43
N ILE A 77 22.62 -7.77 -11.71
CA ILE A 77 21.88 -6.55 -11.43
C ILE A 77 21.89 -6.33 -9.93
N THR A 78 22.43 -5.20 -9.49
CA THR A 78 22.59 -4.89 -8.08
C THR A 78 21.73 -3.70 -7.71
N PHE A 79 20.93 -3.84 -6.65
CA PHE A 79 20.05 -2.80 -6.15
C PHE A 79 20.43 -2.48 -4.72
N SER A 80 20.57 -1.20 -4.41
CA SER A 80 20.90 -0.75 -3.07
C SER A 80 20.06 0.47 -2.72
N GLY A 81 19.58 0.52 -1.49
CA GLY A 81 18.79 1.64 -1.02
C GLY A 81 17.31 1.58 -1.36
N ASN A 82 16.84 0.48 -1.94
CA ASN A 82 15.42 0.33 -2.28
C ASN A 82 14.66 -0.18 -1.05
N LYS A 83 14.50 0.72 -0.09
CA LYS A 83 13.87 0.36 1.18
C LYS A 83 12.39 0.05 0.99
N SER A 84 11.70 0.81 0.14
CA SER A 84 10.24 0.75 0.06
C SER A 84 9.72 -0.35 -0.85
N VAL A 85 10.57 -1.03 -1.61
CA VAL A 85 10.10 -2.03 -2.56
C VAL A 85 11.15 -3.12 -2.72
N LYS A 86 10.68 -4.33 -3.01
CA LYS A 86 11.55 -5.49 -3.17
C LYS A 86 12.38 -5.37 -4.45
N ASP A 87 13.58 -5.95 -4.41
CA ASP A 87 14.55 -5.77 -5.49
C ASP A 87 14.04 -6.34 -6.80
N ASP A 88 13.50 -7.57 -6.77
CA ASP A 88 13.05 -8.19 -8.01
C ASP A 88 11.88 -7.45 -8.64
N MET A 89 11.14 -6.65 -7.85
CA MET A 89 10.12 -5.79 -8.45
C MET A 89 10.73 -4.83 -9.45
N LEU A 90 11.86 -4.20 -9.09
CA LEU A 90 12.55 -3.31 -10.01
C LEU A 90 13.34 -4.08 -11.07
N LYS A 91 13.77 -5.30 -10.75
CA LYS A 91 14.39 -6.13 -11.78
C LYS A 91 13.39 -6.50 -12.86
N GLN A 92 12.12 -6.70 -12.51
CA GLN A 92 11.08 -6.87 -13.51
C GLN A 92 10.92 -5.62 -14.35
N ASN A 93 11.09 -4.44 -13.75
CA ASN A 93 11.08 -3.19 -14.52
C ASN A 93 12.21 -3.18 -15.55
N LEU A 94 13.41 -3.56 -15.10
CA LEU A 94 14.56 -3.63 -16.00
C LEU A 94 14.32 -4.65 -17.11
N GLU A 95 13.71 -5.79 -16.77
CA GLU A 95 13.35 -6.79 -17.76
C GLU A 95 12.36 -6.22 -18.78
N ALA A 96 11.34 -5.52 -18.30
CA ALA A 96 10.31 -4.99 -19.18
C ALA A 96 10.86 -3.92 -20.10
N SER A 97 11.89 -3.19 -19.65
CA SER A 97 12.51 -2.21 -20.54
C SER A 97 13.14 -2.87 -21.75
N GLY A 98 13.77 -4.04 -21.56
CA GLY A 98 14.35 -4.77 -22.67
C GLY A 98 15.81 -5.11 -22.47
N VAL A 99 16.38 -4.66 -21.35
CA VAL A 99 17.76 -4.95 -20.99
C VAL A 99 17.76 -5.80 -19.73
N ARG A 100 18.47 -6.92 -19.78
CA ARG A 100 18.58 -7.80 -18.63
C ARG A 100 19.90 -8.55 -18.70
N VAL A 101 20.18 -9.32 -17.65
CA VAL A 101 21.38 -10.16 -17.62
C VAL A 101 21.31 -11.17 -18.76
N GLY A 102 22.44 -11.38 -19.43
CA GLY A 102 22.53 -12.25 -20.57
C GLY A 102 22.73 -11.54 -21.88
N GLU A 103 22.42 -10.24 -21.95
CA GLU A 103 22.68 -9.42 -23.11
C GLU A 103 23.41 -8.15 -22.67
N SER A 104 23.78 -7.33 -23.65
CA SER A 104 24.61 -6.17 -23.41
C SER A 104 23.84 -5.08 -22.66
N LEU A 105 24.60 -4.11 -22.15
CA LEU A 105 24.04 -2.92 -21.52
C LEU A 105 24.12 -1.75 -22.49
N ASP A 106 23.04 -0.98 -22.58
CA ASP A 106 22.99 0.22 -23.42
C ASP A 106 23.01 1.44 -22.52
N ARG A 107 23.97 2.33 -22.74
CA ARG A 107 24.07 3.53 -21.91
C ARG A 107 22.89 4.47 -22.15
N THR A 108 22.37 4.50 -23.38
CA THR A 108 21.20 5.32 -23.66
C THR A 108 19.98 4.85 -22.88
N THR A 109 19.81 3.53 -22.75
CA THR A 109 18.68 2.97 -22.02
C THR A 109 18.77 3.23 -20.52
N ILE A 110 19.93 3.65 -20.03
CA ILE A 110 20.11 3.84 -18.58
C ILE A 110 19.14 4.87 -18.04
N ALA A 111 19.01 6.01 -18.72
CA ALA A 111 18.10 7.05 -18.23
C ALA A 111 16.65 6.58 -18.27
N ASP A 112 16.29 5.79 -19.29
CA ASP A 112 14.95 5.20 -19.33
C ASP A 112 14.73 4.28 -18.15
N ILE A 113 15.77 3.52 -17.76
CA ILE A 113 15.66 2.70 -16.56
C ILE A 113 15.45 3.58 -15.34
N GLU A 114 16.19 4.68 -15.26
CA GLU A 114 16.09 5.56 -14.10
C GLU A 114 14.68 6.12 -13.97
N LYS A 115 14.10 6.56 -15.08
CA LYS A 115 12.73 7.08 -15.06
C LYS A 115 11.73 5.97 -14.82
N GLY A 116 12.02 4.75 -15.27
CA GLY A 116 11.13 3.63 -14.97
C GLY A 116 11.05 3.33 -13.49
N LEU A 117 12.19 3.36 -12.80
CA LEU A 117 12.14 3.19 -11.34
C LEU A 117 11.38 4.34 -10.67
N GLU A 118 11.55 5.56 -11.18
CA GLU A 118 10.74 6.67 -10.73
C GLU A 118 9.26 6.38 -10.93
N ASP A 119 8.92 5.69 -12.01
CA ASP A 119 7.52 5.41 -12.30
C ASP A 119 6.87 4.57 -11.21
N PHE A 120 7.50 3.46 -10.82
CA PHE A 120 6.90 2.63 -9.80
C PHE A 120 7.08 3.20 -8.39
N TYR A 121 8.12 4.01 -8.15
CA TYR A 121 8.11 4.74 -6.89
C TYR A 121 6.97 5.76 -6.84
N TYR A 122 6.62 6.35 -7.97
CA TYR A 122 5.43 7.20 -8.03
C TYR A 122 4.17 6.40 -7.76
N SER A 123 4.06 5.21 -8.34
CA SER A 123 2.85 4.42 -8.18
C SER A 123 2.70 3.92 -6.74
N VAL A 124 3.80 3.47 -6.11
CA VAL A 124 3.70 2.95 -4.75
C VAL A 124 3.43 4.06 -3.74
N GLY A 125 3.74 5.30 -4.07
CA GLY A 125 3.51 6.42 -3.18
C GLY A 125 4.74 7.24 -2.85
N LYS A 126 5.91 6.91 -3.38
CA LYS A 126 7.12 7.70 -3.16
C LYS A 126 7.28 8.60 -4.38
N TYR A 127 6.67 9.78 -4.32
CA TYR A 127 6.68 10.71 -5.44
C TYR A 127 8.02 11.40 -5.63
N SER A 128 9.02 11.04 -4.83
CA SER A 128 10.38 11.55 -5.00
C SER A 128 11.34 10.45 -4.57
N ALA A 129 11.94 9.77 -5.55
CA ALA A 129 12.89 8.71 -5.25
C ALA A 129 13.93 8.66 -6.37
N SER A 130 15.05 9.36 -6.15
CA SER A 130 16.08 9.43 -7.17
C SER A 130 16.81 8.10 -7.29
N VAL A 131 17.36 7.85 -8.48
CA VAL A 131 18.10 6.63 -8.77
C VAL A 131 19.34 7.00 -9.59
N LYS A 132 20.49 6.45 -9.21
CA LYS A 132 21.75 6.72 -9.89
C LYS A 132 22.38 5.42 -10.36
N ALA A 133 22.81 5.38 -11.62
CA ALA A 133 23.43 4.18 -12.17
C ALA A 133 24.92 4.16 -11.88
N VAL A 134 25.42 2.97 -11.54
CA VAL A 134 26.85 2.72 -11.33
C VAL A 134 27.23 1.52 -12.18
N VAL A 135 28.18 1.71 -13.09
CA VAL A 135 28.56 0.68 -14.06
C VAL A 135 29.95 0.20 -13.67
N THR A 136 30.00 -0.88 -12.89
CA THR A 136 31.29 -1.43 -12.46
C THR A 136 31.87 -2.31 -13.55
N PRO A 137 33.08 -2.03 -14.04
CA PRO A 137 33.67 -2.85 -15.12
C PRO A 137 34.02 -4.25 -14.65
N LEU A 138 34.05 -5.17 -15.61
CA LEU A 138 34.41 -6.57 -15.42
C LEU A 138 35.05 -7.07 -16.70
N PRO A 139 36.09 -7.90 -16.60
CA PRO A 139 36.78 -8.38 -17.80
C PRO A 139 35.88 -9.26 -18.66
N ARG A 140 36.43 -9.65 -19.81
CA ARG A 140 35.69 -10.36 -20.85
C ARG A 140 34.50 -9.54 -21.33
N ASN A 141 34.67 -8.22 -21.36
CA ASN A 141 33.64 -7.28 -21.82
C ASN A 141 32.34 -7.45 -21.04
N ARG A 142 32.41 -7.13 -19.74
CA ARG A 142 31.23 -7.21 -18.88
C ARG A 142 31.16 -5.98 -18.00
N VAL A 143 29.93 -5.67 -17.56
CA VAL A 143 29.69 -4.59 -16.61
C VAL A 143 28.56 -5.00 -15.69
N ASP A 144 28.67 -4.61 -14.42
CA ASP A 144 27.64 -4.87 -13.42
C ASP A 144 27.02 -3.54 -13.01
N LEU A 145 25.72 -3.42 -13.22
CA LEU A 145 25.00 -2.24 -12.75
C LEU A 145 24.73 -2.33 -11.26
N LYS A 146 25.01 -1.23 -10.56
CA LYS A 146 24.75 -1.12 -9.12
C LYS A 146 23.95 0.16 -8.92
N LEU A 147 22.63 0.07 -9.04
CA LEU A 147 21.78 1.25 -8.96
C LEU A 147 21.64 1.68 -7.51
N VAL A 148 22.04 2.92 -7.23
CA VAL A 148 21.92 3.53 -5.91
C VAL A 148 20.56 4.21 -5.85
N PHE A 149 19.67 3.67 -5.02
CA PHE A 149 18.35 4.24 -4.82
C PHE A 149 18.39 5.20 -3.63
N GLN A 150 17.86 6.40 -3.82
CA GLN A 150 17.76 7.41 -2.77
C GLN A 150 16.30 7.84 -2.74
N GLU A 151 15.49 7.13 -1.95
CA GLU A 151 14.06 7.39 -1.89
C GLU A 151 13.79 8.54 -0.93
N GLY A 152 13.14 9.59 -1.44
CA GLY A 152 12.86 10.75 -0.63
C GLY A 152 11.83 10.47 0.44
N VAL A 153 11.34 11.57 1.04
CA VAL A 153 10.31 11.46 2.06
C VAL A 153 9.03 10.98 1.41
N SER A 154 8.41 9.97 2.03
CA SER A 154 7.15 9.44 1.50
C SER A 154 6.06 10.51 1.56
N ALA A 155 5.18 10.49 0.56
CA ALA A 155 4.11 11.49 0.50
C ALA A 155 3.02 11.18 1.52
N GLU A 156 3.14 11.77 2.70
CA GLU A 156 2.17 11.56 3.77
C GLU A 156 1.05 12.59 3.68
N ILE A 157 -0.12 12.19 4.18
CA ILE A 157 -1.25 13.12 4.19
C ILE A 157 -0.97 14.23 5.20
N GLN A 158 -0.84 15.46 4.69
CA GLN A 158 -0.64 16.60 5.56
C GLN A 158 -1.93 17.03 6.23
N GLN A 159 -3.06 16.87 5.54
CA GLN A 159 -4.34 17.30 6.09
C GLN A 159 -5.47 16.67 5.30
N ILE A 160 -6.53 16.27 6.00
CA ILE A 160 -7.79 15.88 5.39
C ILE A 160 -8.83 16.91 5.80
N ASN A 161 -9.43 17.56 4.80
CA ASN A 161 -10.40 18.62 5.05
C ASN A 161 -11.74 18.24 4.42
N ILE A 162 -12.81 18.65 5.08
CA ILE A 162 -14.17 18.45 4.59
C ILE A 162 -14.86 19.79 4.50
N VAL A 163 -15.55 20.03 3.40
CA VAL A 163 -16.18 21.31 3.11
C VAL A 163 -17.70 21.11 3.11
N GLY A 164 -18.40 21.96 3.86
CA GLY A 164 -19.84 21.86 3.97
C GLY A 164 -20.33 21.04 5.14
N ASN A 165 -19.44 20.59 6.02
CA ASN A 165 -19.83 19.80 7.19
C ASN A 165 -20.18 20.73 8.34
N HIS A 166 -21.30 21.45 8.17
CA HIS A 166 -21.75 22.35 9.22
C HIS A 166 -22.30 21.58 10.42
N ALA A 167 -22.91 20.41 10.19
CA ALA A 167 -23.48 19.65 11.29
C ALA A 167 -22.40 19.04 12.17
N PHE A 168 -21.39 18.42 11.57
CA PHE A 168 -20.34 17.73 12.30
C PHE A 168 -18.99 18.35 11.99
N THR A 169 -18.17 18.50 13.02
CA THR A 169 -16.83 19.05 12.84
C THR A 169 -16.00 18.13 11.96
N THR A 170 -15.00 18.72 11.31
CA THR A 170 -14.11 17.93 10.44
C THR A 170 -13.38 16.87 11.24
N ASP A 171 -12.92 17.21 12.45
CA ASP A 171 -12.18 16.25 13.26
C ASP A 171 -13.02 15.02 13.59
N GLU A 172 -14.29 15.22 13.93
CA GLU A 172 -15.15 14.10 14.27
C GLU A 172 -15.33 13.16 13.09
N LEU A 173 -15.49 13.70 11.89
CA LEU A 173 -15.66 12.85 10.71
C LEU A 173 -14.36 12.16 10.33
N ILE A 174 -13.23 12.84 10.48
CA ILE A 174 -11.95 12.23 10.12
C ILE A 174 -11.52 11.19 11.15
N SER A 175 -12.04 11.26 12.37
CA SER A 175 -11.69 10.28 13.39
C SER A 175 -11.96 8.85 12.91
N HIS A 176 -13.06 8.66 12.19
CA HIS A 176 -13.40 7.33 11.69
C HIS A 176 -12.66 6.97 10.42
N PHE A 177 -12.04 7.94 9.75
CA PHE A 177 -11.30 7.64 8.52
C PHE A 177 -10.08 6.79 8.84
N GLN A 178 -9.80 5.82 7.96
CA GLN A 178 -8.55 5.08 8.10
C GLN A 178 -7.36 5.89 7.62
N LEU A 179 -7.57 6.81 6.68
CA LEU A 179 -6.54 7.77 6.34
C LEU A 179 -6.40 8.78 7.47
N ARG A 180 -5.16 8.98 7.93
CA ARG A 180 -4.90 9.84 9.09
C ARG A 180 -3.97 10.97 8.69
N ASP A 181 -4.34 12.19 9.05
CA ASP A 181 -3.48 13.34 8.86
C ASP A 181 -2.64 13.65 10.10
N GLU A 182 -3.11 13.26 11.27
CA GLU A 182 -2.36 13.41 12.52
C GLU A 182 -2.24 12.05 13.18
N VAL A 183 -1.02 11.61 13.41
CA VAL A 183 -0.72 10.39 14.15
C VAL A 183 0.19 10.76 15.30
N PRO A 184 -0.36 10.97 16.51
CA PRO A 184 0.48 11.34 17.64
C PRO A 184 1.47 10.25 17.98
N TRP A 185 2.63 10.66 18.53
CA TRP A 185 3.65 9.70 18.91
C TRP A 185 3.15 8.76 19.99
N TRP A 186 2.33 9.26 20.92
CA TRP A 186 1.85 8.48 22.04
C TRP A 186 0.62 7.64 21.72
N ASN A 187 0.10 7.72 20.50
CA ASN A 187 -1.11 7.00 20.12
C ASN A 187 -0.86 6.19 18.86
N VAL A 188 -1.60 5.10 18.72
CA VAL A 188 -1.53 4.23 17.54
C VAL A 188 -2.87 4.38 16.84
N VAL A 189 -2.95 5.30 15.89
CA VAL A 189 -4.17 5.57 15.14
C VAL A 189 -4.03 5.23 13.67
N GLY A 190 -2.89 4.70 13.24
CA GLY A 190 -2.73 4.31 11.85
C GLY A 190 -1.49 4.86 11.21
N ASP A 191 -1.57 5.14 9.91
CA ASP A 191 -0.45 5.69 9.16
C ASP A 191 -0.96 6.83 8.28
N ARG A 192 -0.05 7.74 7.95
CA ARG A 192 -0.38 8.89 7.11
C ARG A 192 -0.22 8.60 5.63
N LYS A 193 0.16 7.38 5.25
CA LYS A 193 0.27 7.02 3.85
C LYS A 193 -1.09 7.08 3.18
N TYR A 194 -1.11 7.55 1.94
CA TYR A 194 -2.33 7.74 1.18
C TYR A 194 -2.44 6.69 0.07
N GLN A 195 -3.63 6.12 -0.07
CA GLN A 195 -3.90 5.13 -1.09
C GLN A 195 -5.27 5.40 -1.71
N LYS A 196 -5.43 5.01 -2.98
CA LYS A 196 -6.70 5.20 -3.66
C LYS A 196 -7.81 4.40 -3.00
N GLN A 197 -7.54 3.12 -2.72
CA GLN A 197 -8.55 2.26 -2.09
C GLN A 197 -8.89 2.76 -0.69
N LYS A 198 -7.89 3.23 0.07
CA LYS A 198 -8.15 3.78 1.39
C LYS A 198 -9.04 5.02 1.29
N LEU A 199 -8.78 5.88 0.30
CA LEU A 199 -9.61 7.05 0.12
C LEU A 199 -11.04 6.68 -0.22
N ALA A 200 -11.22 5.69 -1.11
CA ALA A 200 -12.57 5.25 -1.45
C ALA A 200 -13.28 4.65 -0.24
N GLY A 201 -12.56 3.85 0.55
CA GLY A 201 -13.15 3.30 1.76
C GLY A 201 -13.56 4.36 2.76
N ASP A 202 -12.73 5.41 2.90
CA ASP A 202 -13.07 6.49 3.82
C ASP A 202 -14.21 7.36 3.28
N LEU A 203 -14.32 7.50 1.96
CA LEU A 203 -15.49 8.15 1.40
C LEU A 203 -16.75 7.37 1.68
N GLU A 204 -16.69 6.04 1.54
CA GLU A 204 -17.83 5.20 1.92
C GLU A 204 -18.12 5.32 3.40
N THR A 205 -17.08 5.43 4.24
CA THR A 205 -17.28 5.61 5.67
C THR A 205 -17.97 6.93 5.96
N LEU A 206 -17.58 7.99 5.27
CA LEU A 206 -18.24 9.28 5.45
C LEU A 206 -19.70 9.23 5.01
N ARG A 207 -19.96 8.56 3.89
CA ARG A 207 -21.35 8.39 3.45
C ARG A 207 -22.16 7.61 4.48
N SER A 208 -21.59 6.54 5.02
CA SER A 208 -22.29 5.78 6.05
C SER A 208 -22.54 6.62 7.29
N TYR A 209 -21.55 7.41 7.70
CA TYR A 209 -21.71 8.26 8.87
C TYR A 209 -22.83 9.27 8.67
N TYR A 210 -22.91 9.86 7.48
CA TYR A 210 -23.94 10.87 7.26
C TYR A 210 -25.32 10.26 7.05
N LEU A 211 -25.40 9.07 6.44
CA LEU A 211 -26.69 8.41 6.30
C LEU A 211 -27.16 7.79 7.61
N ASP A 212 -26.27 7.56 8.56
CA ASP A 212 -26.69 7.05 9.87
C ASP A 212 -27.27 8.12 10.77
N ARG A 213 -27.13 9.40 10.40
CA ARG A 213 -27.62 10.49 11.23
C ARG A 213 -28.88 11.14 10.65
N GLY A 214 -29.44 10.59 9.58
CA GLY A 214 -30.66 11.11 9.01
C GLY A 214 -30.48 11.96 7.77
N TYR A 215 -29.25 12.11 7.27
CA TYR A 215 -28.99 12.93 6.09
C TYR A 215 -29.13 12.06 4.85
N ALA A 216 -30.38 11.82 4.45
CA ALA A 216 -30.64 11.02 3.26
C ALA A 216 -30.21 11.74 1.99
N ARG A 217 -30.19 13.08 2.02
CA ARG A 217 -29.79 13.86 0.86
C ARG A 217 -28.30 14.15 0.85
N PHE A 218 -27.54 13.55 1.76
CA PHE A 218 -26.10 13.77 1.80
C PHE A 218 -25.46 13.30 0.49
N ASN A 219 -24.56 14.11 -0.04
CA ASN A 219 -23.89 13.80 -1.29
C ASN A 219 -22.48 14.37 -1.25
N ILE A 220 -21.52 13.57 -1.70
CA ILE A 220 -20.14 14.02 -1.82
C ILE A 220 -20.00 14.66 -3.19
N ASP A 221 -19.98 16.00 -3.22
CA ASP A 221 -19.92 16.71 -4.49
C ASP A 221 -18.61 16.41 -5.23
N SER A 222 -17.49 16.43 -4.52
CA SER A 222 -16.21 16.18 -5.16
C SER A 222 -15.19 15.77 -4.11
N THR A 223 -14.09 15.18 -4.58
CA THR A 223 -12.99 14.76 -3.72
C THR A 223 -11.68 15.22 -4.38
N GLN A 224 -11.13 16.31 -3.85
CA GLN A 224 -9.89 16.87 -4.38
C GLN A 224 -8.70 16.25 -3.66
N VAL A 225 -7.85 15.56 -4.40
CA VAL A 225 -6.58 15.07 -3.88
C VAL A 225 -5.48 15.92 -4.50
N SER A 226 -4.77 16.66 -3.66
CA SER A 226 -3.76 17.59 -4.11
C SER A 226 -2.41 17.23 -3.50
N LEU A 227 -1.35 17.48 -4.25
CA LEU A 227 0.01 17.26 -3.77
C LEU A 227 0.63 18.61 -3.42
N THR A 228 1.37 18.64 -2.32
CA THR A 228 2.20 19.80 -2.06
C THR A 228 3.26 19.89 -3.15
N PRO A 229 3.58 21.10 -3.65
CA PRO A 229 4.52 21.21 -4.77
C PRO A 229 5.85 20.49 -4.57
N ASP A 230 6.19 20.14 -3.33
CA ASP A 230 7.36 19.30 -3.09
C ASP A 230 7.05 17.82 -3.21
N LYS A 231 5.79 17.47 -3.47
CA LYS A 231 5.34 16.08 -3.54
C LYS A 231 5.71 15.32 -2.26
N LYS A 232 5.56 15.99 -1.12
CA LYS A 232 5.75 15.39 0.18
C LYS A 232 4.48 15.34 1.01
N GLY A 233 3.57 16.29 0.83
CA GLY A 233 2.33 16.33 1.56
C GLY A 233 1.14 16.18 0.63
N ILE A 234 0.12 15.48 1.11
CA ILE A 234 -1.09 15.21 0.36
C ILE A 234 -2.26 15.82 1.09
N TYR A 235 -3.08 16.60 0.39
CA TYR A 235 -4.26 17.23 0.96
C TYR A 235 -5.50 16.63 0.34
N VAL A 236 -6.39 16.12 1.18
CA VAL A 236 -7.65 15.53 0.74
C VAL A 236 -8.77 16.45 1.18
N THR A 237 -9.51 16.99 0.22
CA THR A 237 -10.63 17.89 0.47
C THR A 237 -11.89 17.20 -0.04
N VAL A 238 -12.74 16.74 0.88
CA VAL A 238 -13.97 16.05 0.53
C VAL A 238 -15.07 17.10 0.54
N ASN A 239 -15.28 17.73 -0.62
CA ASN A 239 -16.33 18.74 -0.74
C ASN A 239 -17.68 18.03 -0.79
N ILE A 240 -18.44 18.15 0.29
CA ILE A 240 -19.71 17.45 0.45
C ILE A 240 -20.83 18.48 0.54
N THR A 241 -22.06 17.98 0.38
CA THR A 241 -23.27 18.78 0.56
C THR A 241 -24.25 17.98 1.41
N GLU A 242 -24.15 18.15 2.73
CA GLU A 242 -25.08 17.50 3.64
C GLU A 242 -26.46 18.13 3.51
N GLY A 243 -27.49 17.29 3.58
CA GLY A 243 -28.85 17.75 3.49
C GLY A 243 -29.44 18.12 4.83
N ASP A 244 -30.63 17.64 5.11
CA ASP A 244 -31.29 17.84 6.40
C ASP A 244 -31.40 16.50 7.12
N GLN A 245 -31.85 16.56 8.37
CA GLN A 245 -32.03 15.35 9.16
C GLN A 245 -33.43 14.81 8.85
N TYR A 246 -33.50 13.94 7.85
CA TYR A 246 -34.78 13.45 7.36
C TYR A 246 -35.37 12.41 8.31
N LYS A 247 -36.66 12.15 8.14
CA LYS A 247 -37.38 11.15 8.91
C LYS A 247 -37.62 9.91 8.04
N LEU A 248 -38.21 8.89 8.65
CA LEU A 248 -38.55 7.64 7.98
C LEU A 248 -40.06 7.46 8.08
N SER A 249 -40.79 7.93 7.07
CA SER A 249 -42.25 7.88 7.11
C SER A 249 -42.76 6.45 7.06
N GLY A 250 -42.26 5.66 6.11
CA GLY A 250 -42.74 4.29 5.96
C GLY A 250 -41.81 3.49 5.09
N VAL A 251 -41.99 2.17 5.13
CA VAL A 251 -41.21 1.23 4.34
C VAL A 251 -42.18 0.32 3.59
N GLU A 252 -41.98 0.20 2.28
CA GLU A 252 -42.75 -0.71 1.45
C GLU A 252 -41.82 -1.73 0.80
N VAL A 253 -42.35 -2.92 0.57
CA VAL A 253 -41.62 -3.98 -0.11
C VAL A 253 -42.33 -4.28 -1.42
N SER A 254 -41.55 -4.72 -2.41
CA SER A 254 -42.08 -4.95 -3.74
C SER A 254 -41.35 -6.16 -4.34
N GLY A 255 -41.53 -6.35 -5.64
CA GLY A 255 -40.89 -7.46 -6.33
C GLY A 255 -41.55 -8.78 -6.00
N ASN A 256 -40.90 -9.86 -6.45
CA ASN A 256 -41.37 -11.21 -6.18
C ASN A 256 -40.84 -11.63 -4.82
N LEU A 257 -41.67 -11.51 -3.79
CA LEU A 257 -41.30 -11.94 -2.44
C LEU A 257 -41.45 -13.44 -2.25
N ALA A 258 -41.94 -14.15 -3.27
CA ALA A 258 -42.01 -15.61 -3.27
C ALA A 258 -42.88 -16.14 -2.13
N GLY A 259 -43.97 -15.46 -1.85
CA GLY A 259 -44.93 -15.91 -0.86
C GLY A 259 -44.58 -15.61 0.57
N HIS A 260 -43.41 -15.02 0.83
CA HIS A 260 -43.01 -14.64 2.19
C HIS A 260 -43.23 -13.16 2.45
N SER A 261 -44.30 -12.59 1.87
CA SER A 261 -44.59 -11.17 2.06
C SER A 261 -44.88 -10.87 3.53
N ALA A 262 -45.61 -11.75 4.20
CA ALA A 262 -45.98 -11.51 5.60
C ALA A 262 -44.75 -11.39 6.48
N GLU A 263 -43.82 -12.34 6.38
CA GLU A 263 -42.63 -12.31 7.23
C GLU A 263 -41.72 -11.14 6.87
N ILE A 264 -41.61 -10.82 5.58
CA ILE A 264 -40.80 -9.68 5.18
C ILE A 264 -41.36 -8.38 5.76
N GLU A 265 -42.69 -8.22 5.69
CA GLU A 265 -43.31 -7.07 6.32
C GLU A 265 -43.10 -7.09 7.83
N GLN A 266 -43.11 -8.28 8.42
CA GLN A 266 -42.81 -8.40 9.85
C GLN A 266 -41.38 -7.96 10.16
N LEU A 267 -40.48 -8.10 9.20
CA LEU A 267 -39.15 -7.54 9.38
C LEU A 267 -39.16 -6.02 9.27
N THR A 268 -40.05 -5.46 8.45
CA THR A 268 -40.07 -4.03 8.17
C THR A 268 -41.10 -3.32 9.05
N LYS A 269 -40.83 -3.33 10.35
CA LYS A 269 -41.46 -2.38 11.27
C LYS A 269 -40.52 -1.21 11.53
N ILE A 270 -41.05 0.00 11.40
CA ILE A 270 -40.39 1.22 11.81
C ILE A 270 -41.40 2.06 12.59
N GLU A 271 -40.89 2.89 13.47
CA GLU A 271 -41.73 3.87 14.14
C GLU A 271 -41.65 5.21 13.41
N PRO A 272 -42.80 5.81 13.06
CA PRO A 272 -42.76 7.05 12.29
C PRO A 272 -42.10 8.19 13.05
N GLY A 273 -41.54 9.12 12.29
CA GLY A 273 -40.87 10.27 12.88
C GLY A 273 -39.51 9.98 13.45
N GLU A 274 -38.92 8.84 13.08
CA GLU A 274 -37.59 8.46 13.53
C GLU A 274 -36.58 8.70 12.42
N LEU A 275 -35.41 9.22 12.80
CA LEU A 275 -34.42 9.67 11.84
C LEU A 275 -33.98 8.54 10.92
N TYR A 276 -33.84 8.85 9.65
CA TYR A 276 -33.33 7.87 8.68
C TYR A 276 -31.95 7.38 9.12
N ASN A 277 -31.75 6.07 9.05
CA ASN A 277 -30.49 5.45 9.47
C ASN A 277 -30.03 4.52 8.37
N GLY A 278 -28.90 4.83 7.75
CA GLY A 278 -28.33 3.95 6.74
C GLY A 278 -27.97 2.59 7.29
N THR A 279 -27.45 2.56 8.53
CA THR A 279 -27.16 1.28 9.16
C THR A 279 -28.42 0.47 9.37
N LYS A 280 -29.50 1.10 9.83
CA LYS A 280 -30.75 0.38 10.02
C LYS A 280 -31.31 -0.11 8.69
N VAL A 281 -31.19 0.71 7.64
CA VAL A 281 -31.67 0.30 6.31
C VAL A 281 -30.89 -0.91 5.82
N THR A 282 -29.56 -0.87 5.96
CA THR A 282 -28.74 -2.00 5.53
C THR A 282 -29.02 -3.23 6.39
N LYS A 283 -29.27 -3.04 7.68
CA LYS A 283 -29.60 -4.17 8.55
C LYS A 283 -30.93 -4.80 8.15
N MET A 284 -31.91 -3.96 7.79
CA MET A 284 -33.18 -4.49 7.29
C MET A 284 -32.99 -5.24 5.99
N GLU A 285 -32.18 -4.70 5.08
CA GLU A 285 -31.90 -5.40 3.83
C GLU A 285 -31.24 -6.75 4.09
N ASP A 286 -30.26 -6.78 5.00
CA ASP A 286 -29.59 -8.03 5.32
C ASP A 286 -30.52 -9.00 6.04
N ASP A 287 -31.44 -8.49 6.85
CA ASP A 287 -32.43 -9.36 7.50
C ASP A 287 -33.34 -10.00 6.47
N ILE A 288 -33.80 -9.24 5.49
CA ILE A 288 -34.60 -9.82 4.41
C ILE A 288 -33.79 -10.83 3.62
N LYS A 289 -32.52 -10.49 3.34
CA LYS A 289 -31.65 -11.42 2.62
C LYS A 289 -31.47 -12.72 3.38
N LYS A 290 -31.26 -12.63 4.70
CA LYS A 290 -31.08 -13.83 5.52
C LYS A 290 -32.36 -14.63 5.61
N LEU A 291 -33.51 -13.94 5.70
CA LEU A 291 -34.79 -14.63 5.74
C LEU A 291 -35.01 -15.42 4.45
N LEU A 292 -34.73 -14.81 3.30
CA LEU A 292 -34.90 -15.53 2.05
C LEU A 292 -33.86 -16.63 1.85
N GLY A 293 -32.63 -16.40 2.32
CA GLY A 293 -31.62 -17.45 2.23
C GLY A 293 -31.95 -18.65 3.09
N ARG A 294 -32.47 -18.41 4.29
CA ARG A 294 -32.94 -19.50 5.14
C ARG A 294 -34.10 -20.24 4.47
N TYR A 295 -34.82 -19.57 3.59
CA TYR A 295 -35.88 -20.21 2.82
C TYR A 295 -35.37 -20.85 1.54
N GLY A 296 -34.06 -20.79 1.29
CA GLY A 296 -33.46 -21.52 0.18
C GLY A 296 -33.05 -20.70 -1.02
N TYR A 297 -33.12 -19.37 -0.95
CA TYR A 297 -32.79 -18.51 -2.08
C TYR A 297 -31.34 -18.06 -1.96
N ALA A 298 -30.55 -18.39 -2.97
CA ALA A 298 -29.11 -18.16 -2.89
C ALA A 298 -28.76 -16.68 -3.00
N TYR A 299 -29.40 -15.96 -3.92
CA TYR A 299 -29.08 -14.58 -4.21
C TYR A 299 -30.34 -13.73 -4.11
N PRO A 300 -30.79 -13.43 -2.90
CA PRO A 300 -31.98 -12.59 -2.74
C PRO A 300 -31.66 -11.11 -2.92
N ARG A 301 -31.71 -10.63 -4.16
CA ARG A 301 -31.39 -9.22 -4.42
C ARG A 301 -32.37 -8.31 -3.69
N VAL A 302 -31.83 -7.33 -2.99
CA VAL A 302 -32.65 -6.39 -2.21
C VAL A 302 -32.13 -4.98 -2.48
N GLN A 303 -32.94 -4.16 -3.14
CA GLN A 303 -32.60 -2.77 -3.43
C GLN A 303 -33.57 -1.89 -2.67
N SER A 304 -33.07 -1.17 -1.66
CA SER A 304 -33.90 -0.30 -0.84
C SER A 304 -33.71 1.14 -1.34
N MET A 305 -34.54 1.51 -2.31
CA MET A 305 -34.39 2.88 -2.83
C MET A 305 -35.21 3.85 -1.98
N PRO A 306 -34.64 4.98 -1.58
CA PRO A 306 -35.42 5.96 -0.83
C PRO A 306 -36.15 6.96 -1.70
N GLU A 307 -37.47 7.07 -1.54
CA GLU A 307 -38.23 8.18 -2.10
C GLU A 307 -38.23 9.30 -1.08
N ILE A 308 -37.62 10.42 -1.43
CA ILE A 308 -37.30 11.48 -0.49
C ILE A 308 -38.26 12.64 -0.71
N ASN A 309 -39.08 12.92 0.30
CA ASN A 309 -39.97 14.08 0.28
C ASN A 309 -39.21 15.25 0.91
N ASP A 310 -38.73 16.16 0.07
CA ASP A 310 -38.03 17.34 0.58
C ASP A 310 -38.98 18.30 1.27
N ALA A 311 -40.24 18.36 0.82
CA ALA A 311 -41.20 19.27 1.43
C ALA A 311 -41.43 18.92 2.90
N ASP A 312 -41.95 17.72 3.16
CA ASP A 312 -42.13 17.26 4.53
C ASP A 312 -40.84 16.76 5.15
N LYS A 313 -39.77 16.62 4.36
CA LYS A 313 -38.48 16.11 4.82
C LYS A 313 -38.63 14.73 5.45
N THR A 314 -39.10 13.79 4.64
CA THR A 314 -39.30 12.41 5.06
C THR A 314 -38.71 11.48 4.02
N VAL A 315 -38.53 10.22 4.40
CA VAL A 315 -38.00 9.20 3.51
C VAL A 315 -38.94 8.00 3.54
N LYS A 316 -39.31 7.51 2.37
CA LYS A 316 -40.15 6.32 2.23
C LYS A 316 -39.34 5.28 1.48
N LEU A 317 -39.07 4.15 2.14
CA LEU A 317 -38.17 3.14 1.60
C LEU A 317 -38.96 2.17 0.73
N ARG A 318 -38.64 2.12 -0.55
CA ARG A 318 -39.16 1.11 -1.45
C ARG A 318 -38.14 -0.02 -1.52
N VAL A 319 -38.43 -1.13 -0.86
CA VAL A 319 -37.50 -2.25 -0.75
C VAL A 319 -37.92 -3.26 -1.82
N ASN A 320 -37.36 -3.10 -3.02
CA ASN A 320 -37.59 -4.06 -4.09
C ASN A 320 -36.81 -5.33 -3.80
N VAL A 321 -37.51 -6.46 -3.74
CA VAL A 321 -36.94 -7.74 -3.37
C VAL A 321 -37.14 -8.71 -4.53
N ASP A 322 -36.06 -9.33 -4.97
CA ASP A 322 -36.08 -10.36 -6.01
C ASP A 322 -35.38 -11.59 -5.48
N ALA A 323 -36.16 -12.61 -5.14
CA ALA A 323 -35.59 -13.88 -4.68
C ALA A 323 -35.19 -14.69 -5.91
N GLY A 324 -33.88 -14.82 -6.12
CA GLY A 324 -33.37 -15.51 -7.29
C GLY A 324 -33.62 -17.01 -7.20
N ASN A 325 -33.16 -17.70 -8.24
CA ASN A 325 -33.35 -19.14 -8.30
C ASN A 325 -32.58 -19.83 -7.18
N ARG A 326 -33.10 -20.96 -6.73
CA ARG A 326 -32.44 -21.73 -5.68
C ARG A 326 -31.25 -22.47 -6.28
N PHE A 327 -30.06 -22.22 -5.74
CA PHE A 327 -28.85 -22.90 -6.15
C PHE A 327 -28.45 -23.88 -5.06
N TYR A 328 -27.93 -25.04 -5.47
CA TYR A 328 -27.50 -26.08 -4.55
C TYR A 328 -26.00 -26.31 -4.70
N VAL A 329 -25.33 -26.47 -3.57
CA VAL A 329 -23.88 -26.66 -3.56
C VAL A 329 -23.58 -28.13 -3.84
N ARG A 330 -23.11 -28.41 -5.05
CA ARG A 330 -22.75 -29.79 -5.37
C ARG A 330 -21.59 -30.28 -4.51
N LYS A 331 -20.58 -29.44 -4.32
CA LYS A 331 -19.46 -29.77 -3.45
C LYS A 331 -18.69 -28.52 -3.11
N ILE A 332 -18.20 -28.47 -1.87
CA ILE A 332 -17.36 -27.38 -1.39
C ILE A 332 -15.92 -27.82 -1.49
N ARG A 333 -15.11 -27.05 -2.23
CA ARG A 333 -13.73 -27.38 -2.49
C ARG A 333 -12.82 -26.38 -1.81
N PHE A 334 -11.72 -26.87 -1.24
CA PHE A 334 -10.72 -26.02 -0.60
C PHE A 334 -9.42 -26.09 -1.37
N GLU A 335 -8.88 -24.94 -1.72
CA GLU A 335 -7.64 -24.84 -2.48
C GLU A 335 -6.63 -24.04 -1.67
N GLY A 336 -5.39 -24.50 -1.66
CA GLY A 336 -4.33 -23.84 -0.93
C GLY A 336 -4.13 -24.32 0.49
N ASN A 337 -4.96 -25.23 0.98
CA ASN A 337 -4.81 -25.77 2.33
C ASN A 337 -3.77 -26.89 2.32
N ASP A 338 -2.54 -26.52 1.95
CA ASP A 338 -1.45 -27.49 1.91
C ASP A 338 -1.06 -27.98 3.29
N THR A 339 -1.15 -27.11 4.30
CA THR A 339 -0.81 -27.49 5.66
C THR A 339 -2.03 -28.00 6.42
N SER A 340 -3.05 -27.16 6.57
CA SER A 340 -4.25 -27.56 7.29
C SER A 340 -5.03 -28.60 6.51
N LYS A 341 -5.50 -29.63 7.20
CA LYS A 341 -6.25 -30.67 6.52
C LYS A 341 -7.63 -30.16 6.13
N ASP A 342 -8.29 -30.92 5.25
CA ASP A 342 -9.59 -30.49 4.73
C ASP A 342 -10.62 -30.36 5.84
N ALA A 343 -10.54 -31.22 6.85
CA ALA A 343 -11.52 -31.18 7.93
C ALA A 343 -11.42 -29.88 8.72
N VAL A 344 -10.21 -29.34 8.88
CA VAL A 344 -10.05 -28.10 9.64
C VAL A 344 -10.81 -26.96 8.96
N LEU A 345 -10.68 -26.86 7.63
CA LEU A 345 -11.37 -25.80 6.91
C LEU A 345 -12.86 -26.08 6.76
N ARG A 346 -13.24 -27.36 6.63
CA ARG A 346 -14.63 -27.69 6.38
C ARG A 346 -15.49 -27.57 7.63
N ARG A 347 -14.92 -27.77 8.82
CA ARG A 347 -15.69 -27.64 10.04
C ARG A 347 -16.03 -26.19 10.37
N GLU A 348 -15.35 -25.24 9.74
CA GLU A 348 -15.67 -23.82 9.89
C GLU A 348 -16.73 -23.35 8.90
N MET A 349 -17.22 -24.23 8.04
CA MET A 349 -18.20 -23.86 7.03
C MET A 349 -19.61 -23.94 7.60
N ARG A 350 -20.36 -22.86 7.44
CA ARG A 350 -21.78 -22.88 7.74
C ARG A 350 -22.60 -23.35 6.55
N GLN A 351 -22.19 -22.99 5.34
CA GLN A 351 -22.79 -23.58 4.14
C GLN A 351 -22.37 -25.04 4.04
N MET A 352 -23.34 -25.92 3.82
CA MET A 352 -23.12 -27.35 3.84
C MET A 352 -23.18 -27.90 2.43
N GLU A 353 -22.21 -28.76 2.09
CA GLU A 353 -22.23 -29.39 0.78
C GLU A 353 -23.46 -30.27 0.64
N GLY A 354 -24.07 -30.25 -0.55
CA GLY A 354 -25.30 -30.97 -0.78
C GLY A 354 -26.55 -30.24 -0.36
N ALA A 355 -26.42 -29.04 0.19
CA ALA A 355 -27.55 -28.21 0.58
C ALA A 355 -27.77 -27.11 -0.44
N TRP A 356 -28.84 -26.34 -0.25
CA TRP A 356 -29.07 -25.19 -1.10
C TRP A 356 -28.08 -24.09 -0.75
N LEU A 357 -27.56 -23.44 -1.79
CA LEU A 357 -26.55 -22.41 -1.58
C LEU A 357 -27.14 -21.23 -0.82
N GLY A 358 -26.38 -20.73 0.16
CA GLY A 358 -26.75 -19.55 0.88
C GLY A 358 -25.62 -18.54 0.91
N SER A 359 -25.84 -17.36 0.33
CA SER A 359 -24.79 -16.36 0.28
C SER A 359 -24.38 -15.93 1.69
N ASP A 360 -25.35 -15.78 2.59
CA ASP A 360 -25.02 -15.45 3.98
C ASP A 360 -24.23 -16.58 4.63
N LEU A 361 -24.59 -17.83 4.34
CA LEU A 361 -23.85 -18.96 4.89
C LEU A 361 -22.41 -19.00 4.37
N VAL A 362 -22.23 -18.73 3.08
CA VAL A 362 -20.88 -18.69 2.51
C VAL A 362 -20.08 -17.55 3.13
N ASP A 363 -20.70 -16.39 3.31
CA ASP A 363 -20.01 -15.28 3.96
C ASP A 363 -19.62 -15.63 5.40
N GLN A 364 -20.52 -16.32 6.12
CA GLN A 364 -20.19 -16.74 7.48
C GLN A 364 -19.04 -17.72 7.49
N GLY A 365 -19.01 -18.65 6.54
CA GLY A 365 -17.89 -19.57 6.46
C GLY A 365 -16.58 -18.88 6.17
N LYS A 366 -16.60 -17.91 5.24
CA LYS A 366 -15.40 -17.14 4.94
C LYS A 366 -14.93 -16.34 6.14
N GLU A 367 -15.87 -15.74 6.87
CA GLU A 367 -15.51 -14.99 8.07
C GLU A 367 -14.93 -15.90 9.15
N ARG A 368 -15.49 -17.10 9.31
CA ARG A 368 -14.94 -18.04 10.28
C ARG A 368 -13.53 -18.47 9.89
N LEU A 369 -13.30 -18.73 8.61
CA LEU A 369 -11.96 -19.09 8.16
C LEU A 369 -10.98 -17.95 8.38
N ASN A 370 -11.42 -16.71 8.14
CA ASN A 370 -10.57 -15.57 8.47
C ASN A 370 -10.33 -15.46 9.96
N ARG A 371 -11.30 -15.87 10.78
CA ARG A 371 -11.15 -15.84 12.23
C ARG A 371 -10.23 -16.95 12.73
N LEU A 372 -10.03 -18.01 11.94
CA LEU A 372 -9.07 -19.04 12.34
C LEU A 372 -7.67 -18.47 12.47
N GLY A 373 -7.31 -17.55 11.58
CA GLY A 373 -5.98 -16.98 11.58
C GLY A 373 -4.93 -17.83 10.92
N PHE A 374 -5.28 -19.00 10.40
CA PHE A 374 -4.31 -19.87 9.76
C PHE A 374 -3.96 -19.41 8.35
N PHE A 375 -4.72 -18.48 7.77
CA PHE A 375 -4.61 -18.14 6.37
C PHE A 375 -4.36 -16.65 6.20
N GLU A 376 -3.47 -16.30 5.27
CA GLU A 376 -3.24 -14.90 4.94
C GLU A 376 -4.52 -14.25 4.42
N THR A 377 -5.14 -14.88 3.42
CA THR A 377 -6.38 -14.36 2.85
C THR A 377 -7.24 -15.53 2.41
N VAL A 378 -8.55 -15.35 2.53
CA VAL A 378 -9.53 -16.37 2.16
C VAL A 378 -10.46 -15.77 1.13
N ASP A 379 -10.49 -16.34 -0.06
CA ASP A 379 -11.39 -15.94 -1.12
C ASP A 379 -12.38 -17.06 -1.43
N THR A 380 -13.57 -16.68 -1.84
CA THR A 380 -14.61 -17.63 -2.18
C THR A 380 -15.06 -17.42 -3.61
N ASP A 381 -15.26 -18.52 -4.34
CA ASP A 381 -15.73 -18.47 -5.71
C ASP A 381 -16.85 -19.48 -5.86
N THR A 382 -18.04 -19.00 -6.21
CA THR A 382 -19.20 -19.87 -6.41
C THR A 382 -19.26 -20.25 -7.89
N GLN A 383 -18.39 -21.17 -8.29
CA GLN A 383 -18.31 -21.58 -9.67
C GLN A 383 -19.57 -22.36 -10.06
N ARG A 384 -19.98 -22.19 -11.31
CA ARG A 384 -21.16 -22.87 -11.82
C ARG A 384 -20.78 -24.26 -12.31
N VAL A 385 -21.53 -25.26 -11.87
CA VAL A 385 -21.27 -26.63 -12.32
C VAL A 385 -21.66 -26.75 -13.79
N PRO A 386 -20.76 -27.22 -14.66
CA PRO A 386 -21.11 -27.36 -16.07
C PRO A 386 -22.24 -28.36 -16.26
N GLY A 387 -23.12 -28.05 -17.21
CA GLY A 387 -24.24 -28.93 -17.50
C GLY A 387 -25.23 -29.06 -16.37
N SER A 388 -25.45 -27.99 -15.61
CA SER A 388 -26.43 -27.98 -14.55
C SER A 388 -26.88 -26.56 -14.27
N PRO A 389 -28.19 -26.28 -14.37
CA PRO A 389 -28.63 -24.88 -14.27
C PRO A 389 -28.58 -24.31 -12.86
N ASP A 390 -28.62 -25.15 -11.82
CA ASP A 390 -28.74 -24.62 -10.47
C ASP A 390 -27.84 -25.35 -9.48
N GLN A 391 -26.68 -25.84 -9.92
CA GLN A 391 -25.72 -26.48 -9.05
C GLN A 391 -24.41 -25.70 -9.11
N VAL A 392 -23.80 -25.50 -7.94
CA VAL A 392 -22.59 -24.69 -7.84
C VAL A 392 -21.57 -25.40 -6.97
N ASP A 393 -20.30 -25.06 -7.18
CA ASP A 393 -19.20 -25.49 -6.33
C ASP A 393 -18.65 -24.26 -5.63
N VAL A 394 -18.63 -24.30 -4.31
CA VAL A 394 -18.18 -23.16 -3.50
C VAL A 394 -16.71 -23.42 -3.18
N VAL A 395 -15.83 -22.96 -4.07
CA VAL A 395 -14.40 -23.20 -3.94
C VAL A 395 -13.80 -22.11 -3.08
N TYR A 396 -13.05 -22.52 -2.06
CA TYR A 396 -12.39 -21.62 -1.14
C TYR A 396 -10.89 -21.64 -1.42
N LYS A 397 -10.34 -20.49 -1.80
CA LYS A 397 -8.91 -20.34 -2.04
C LYS A 397 -8.30 -19.65 -0.83
N VAL A 398 -7.47 -20.39 -0.09
CA VAL A 398 -6.83 -19.87 1.11
C VAL A 398 -5.32 -19.84 0.90
N LYS A 399 -4.68 -18.85 1.50
CA LYS A 399 -3.23 -18.69 1.46
C LYS A 399 -2.71 -18.96 2.87
N GLU A 400 -2.10 -20.12 3.05
CA GLU A 400 -1.71 -20.55 4.39
C GLU A 400 -0.67 -19.62 4.99
N ARG A 401 -0.79 -19.39 6.30
CA ARG A 401 0.13 -18.55 7.05
C ARG A 401 1.14 -19.40 7.80
N ASN A 402 2.24 -18.76 8.21
CA ASN A 402 3.15 -19.35 9.18
C ASN A 402 2.48 -19.24 10.54
N THR A 403 1.62 -20.22 10.83
CA THR A 403 0.72 -20.13 11.97
C THR A 403 1.49 -20.07 13.28
N GLY A 404 2.53 -20.88 13.41
CA GLY A 404 3.34 -20.83 14.62
C GLY A 404 4.01 -19.48 14.78
N SER A 405 4.07 -19.01 16.03
CA SER A 405 4.69 -17.73 16.33
C SER A 405 5.12 -17.73 17.79
N PHE A 406 6.18 -17.00 18.08
CA PHE A 406 6.63 -16.82 19.46
C PHE A 406 6.42 -15.37 19.87
N ASN A 407 5.67 -15.17 20.94
CA ASN A 407 5.36 -13.86 21.47
C ASN A 407 6.41 -13.40 22.48
N PHE A 408 6.74 -12.09 22.43
CA PHE A 408 7.71 -11.54 23.40
C PHE A 408 7.20 -10.23 24.02
N GLY A 409 6.39 -10.32 25.06
CA GLY A 409 5.81 -9.14 25.69
C GLY A 409 6.59 -8.68 26.90
N ILE A 410 6.68 -7.35 27.05
CA ILE A 410 7.26 -6.72 28.21
C ILE A 410 6.33 -5.62 28.68
N GLY A 411 5.98 -5.64 29.97
CA GLY A 411 5.08 -4.64 30.51
C GLY A 411 5.48 -4.23 31.91
N TYR A 412 4.91 -3.13 32.37
CA TYR A 412 5.14 -2.65 33.72
C TYR A 412 3.84 -2.14 34.32
N GLY A 413 3.70 -2.31 35.62
CA GLY A 413 2.53 -1.84 36.33
C GLY A 413 2.77 -1.86 37.82
N THR A 414 1.89 -1.15 38.54
CA THR A 414 2.00 -1.14 39.99
C THR A 414 1.55 -2.45 40.61
N GLU A 415 0.59 -3.13 39.97
CA GLU A 415 0.06 -4.36 40.54
C GLU A 415 1.11 -5.46 40.58
N SER A 416 1.86 -5.64 39.49
CA SER A 416 2.76 -6.77 39.34
C SER A 416 4.20 -6.37 39.05
N GLY A 417 4.55 -5.10 39.22
CA GLY A 417 5.91 -4.68 38.90
C GLY A 417 6.20 -4.87 37.42
N VAL A 418 7.34 -5.49 37.12
CA VAL A 418 7.73 -5.77 35.75
C VAL A 418 7.18 -7.13 35.36
N SER A 419 6.40 -7.18 34.29
CA SER A 419 5.82 -8.41 33.77
C SER A 419 6.57 -8.77 32.49
N PHE A 420 7.36 -9.84 32.56
CA PHE A 420 8.08 -10.37 31.40
C PHE A 420 7.30 -11.58 30.90
N GLN A 421 6.63 -11.43 29.76
CA GLN A 421 5.87 -12.51 29.16
C GLN A 421 6.58 -12.99 27.91
N ALA A 422 6.65 -14.30 27.74
CA ALA A 422 7.29 -14.88 26.57
C ALA A 422 6.55 -16.16 26.21
N GLY A 423 6.81 -16.66 25.01
CA GLY A 423 6.36 -17.99 24.70
C GLY A 423 6.37 -18.25 23.21
N VAL A 424 6.07 -19.49 22.86
CA VAL A 424 5.91 -19.89 21.47
C VAL A 424 4.71 -20.82 21.36
N GLN A 425 3.87 -20.59 20.36
CA GLN A 425 2.68 -21.41 20.14
C GLN A 425 2.50 -21.66 18.66
N GLN A 426 2.26 -22.92 18.31
CA GLN A 426 1.84 -23.31 16.98
C GLN A 426 0.35 -23.59 17.04
N ASP A 427 -0.46 -22.69 16.47
CA ASP A 427 -1.91 -22.79 16.59
C ASP A 427 -2.52 -23.78 15.60
N ASN A 428 -1.71 -24.32 14.69
CA ASN A 428 -2.16 -25.26 13.67
C ASN A 428 -1.21 -26.45 13.59
N TRP A 429 -0.94 -27.05 14.75
CA TRP A 429 0.04 -28.11 14.87
C TRP A 429 -0.18 -29.20 13.82
N LEU A 430 0.78 -29.34 12.91
CA LEU A 430 0.75 -30.30 11.81
C LEU A 430 -0.49 -30.14 10.95
N GLY A 431 -1.07 -28.94 10.92
CA GLY A 431 -2.26 -28.71 10.14
C GLY A 431 -3.49 -29.45 10.59
N THR A 432 -3.47 -30.05 11.79
CA THR A 432 -4.60 -30.81 12.29
C THR A 432 -5.59 -29.95 13.06
N GLY A 433 -5.34 -28.65 13.16
CA GLY A 433 -6.19 -27.76 13.92
C GLY A 433 -5.82 -27.64 15.39
N TYR A 434 -5.02 -28.57 15.91
CA TYR A 434 -4.59 -28.50 17.29
C TYR A 434 -3.70 -27.28 17.51
N ALA A 435 -3.91 -26.60 18.63
CA ALA A 435 -3.09 -25.47 19.03
C ALA A 435 -2.24 -25.92 20.21
N VAL A 436 -0.95 -26.05 19.97
CA VAL A 436 0.02 -26.35 21.03
C VAL A 436 0.75 -25.07 21.35
N GLY A 437 1.13 -24.90 22.61
CA GLY A 437 1.85 -23.69 22.95
C GLY A 437 2.39 -23.64 24.35
N ILE A 438 3.65 -23.23 24.49
CA ILE A 438 4.28 -23.01 25.78
C ILE A 438 4.36 -21.50 26.01
N ASN A 439 4.00 -21.08 27.22
CA ASN A 439 3.91 -19.68 27.59
C ASN A 439 4.57 -19.49 28.94
N GLY A 440 4.98 -18.26 29.22
CA GLY A 440 5.63 -17.94 30.47
C GLY A 440 5.44 -16.50 30.87
N THR A 441 5.22 -16.29 32.16
CA THR A 441 5.00 -14.97 32.73
C THR A 441 5.88 -14.81 33.96
N LYS A 442 6.47 -13.64 34.13
CA LYS A 442 7.30 -13.34 35.28
C LYS A 442 6.89 -11.96 35.81
N ASN A 443 6.11 -11.95 36.88
CA ASN A 443 5.75 -10.71 37.56
C ASN A 443 6.74 -10.45 38.68
N ASP A 444 6.45 -9.44 39.51
CA ASP A 444 7.23 -9.24 40.71
C ASP A 444 6.99 -10.33 41.74
N TYR A 445 5.89 -11.07 41.63
CA TYR A 445 5.50 -12.06 42.62
C TYR A 445 5.09 -13.41 42.06
N GLN A 446 4.84 -13.52 40.75
CA GLN A 446 4.33 -14.75 40.17
C GLN A 446 5.18 -15.15 38.97
N THR A 447 5.58 -16.43 38.92
CA THR A 447 6.30 -17.01 37.80
C THR A 447 5.47 -18.17 37.27
N TYR A 448 4.87 -17.98 36.11
CA TYR A 448 3.96 -18.94 35.51
C TYR A 448 4.61 -19.57 34.27
N ALA A 449 4.51 -20.88 34.16
CA ALA A 449 4.98 -21.61 32.98
C ALA A 449 3.90 -22.58 32.56
N GLU A 450 3.35 -22.38 31.36
CA GLU A 450 2.20 -23.13 30.88
C GLU A 450 2.58 -23.85 29.58
N LEU A 451 1.99 -25.02 29.40
CA LEU A 451 2.11 -25.78 28.15
C LEU A 451 0.71 -26.31 27.85
N SER A 452 0.02 -25.66 26.93
CA SER A 452 -1.37 -25.96 26.64
C SER A 452 -1.49 -26.53 25.24
N VAL A 453 -2.13 -27.69 25.13
CA VAL A 453 -2.48 -28.29 23.85
C VAL A 453 -3.99 -28.44 23.79
N THR A 454 -4.61 -27.84 22.78
CA THR A 454 -6.06 -27.81 22.70
C THR A 454 -6.52 -28.19 21.30
N ASN A 455 -7.56 -29.02 21.24
CA ASN A 455 -8.23 -29.34 20.00
C ASN A 455 -9.51 -28.52 19.96
N PRO A 456 -9.61 -27.52 19.08
CA PRO A 456 -10.81 -26.68 19.07
C PRO A 456 -12.08 -27.44 18.75
N TYR A 457 -12.00 -28.52 17.98
CA TYR A 457 -13.15 -29.35 17.64
C TYR A 457 -12.87 -30.77 18.12
N PHE A 458 -13.13 -31.01 19.40
CA PHE A 458 -13.14 -32.37 19.90
C PHE A 458 -14.41 -33.09 19.50
N THR A 459 -15.51 -32.36 19.41
CA THR A 459 -16.76 -32.84 18.83
C THR A 459 -17.07 -31.97 17.62
N VAL A 460 -17.70 -32.57 16.61
CA VAL A 460 -18.00 -31.85 15.38
C VAL A 460 -18.89 -30.64 15.64
N ASP A 461 -19.65 -30.64 16.74
CA ASP A 461 -20.50 -29.52 17.08
C ASP A 461 -19.72 -28.28 17.50
N GLY A 462 -18.42 -28.39 17.76
CA GLY A 462 -17.63 -27.25 18.14
C GLY A 462 -17.06 -27.32 19.53
N VAL A 463 -17.26 -28.44 20.22
CA VAL A 463 -16.76 -28.59 21.57
C VAL A 463 -15.25 -28.75 21.52
N SER A 464 -14.55 -27.93 22.29
CA SER A 464 -13.10 -27.97 22.34
C SER A 464 -12.63 -28.81 23.53
N LEU A 465 -11.44 -29.37 23.42
CA LEU A 465 -10.85 -30.15 24.50
C LEU A 465 -9.40 -29.72 24.66
N GLY A 466 -9.07 -29.11 25.80
CA GLY A 466 -7.74 -28.58 25.99
C GLY A 466 -7.08 -28.98 27.29
N GLY A 467 -5.87 -29.52 27.19
CA GLY A 467 -5.05 -29.82 28.35
C GLY A 467 -3.99 -28.74 28.55
N ARG A 468 -3.53 -28.61 29.78
CA ARG A 468 -2.66 -27.51 30.16
C ARG A 468 -1.81 -27.95 31.34
N LEU A 469 -0.50 -28.07 31.12
CA LEU A 469 0.46 -28.32 32.19
C LEU A 469 0.99 -26.97 32.69
N PHE A 470 0.69 -26.65 33.94
CA PHE A 470 1.02 -25.35 34.49
C PHE A 470 1.93 -25.49 35.70
N TYR A 471 2.80 -24.50 35.88
CA TYR A 471 3.70 -24.43 37.03
C TYR A 471 3.75 -22.97 37.48
N ASN A 472 3.22 -22.69 38.66
CA ASN A 472 3.10 -21.34 39.20
C ASN A 472 3.90 -21.24 40.48
N ASP A 473 4.93 -20.41 40.47
CA ASP A 473 5.70 -20.06 41.67
C ASP A 473 5.23 -18.69 42.14
N PHE A 474 4.45 -18.67 43.20
CA PHE A 474 3.80 -17.46 43.70
C PHE A 474 4.50 -17.02 44.97
N GLN A 475 5.14 -15.86 44.93
CA GLN A 475 5.81 -15.27 46.09
C GLN A 475 4.84 -14.28 46.71
N ALA A 476 4.21 -14.67 47.81
CA ALA A 476 3.17 -13.83 48.40
C ALA A 476 3.73 -12.55 48.99
N ASP A 477 4.98 -12.57 49.48
CA ASP A 477 5.57 -11.37 50.06
C ASP A 477 5.68 -10.25 49.03
N ASP A 478 6.10 -10.60 47.81
CA ASP A 478 6.22 -9.59 46.77
C ASP A 478 4.88 -9.11 46.25
N ALA A 479 3.81 -9.86 46.53
CA ALA A 479 2.46 -9.46 46.16
C ALA A 479 1.78 -8.65 47.25
N ASP A 480 2.56 -7.99 48.11
CA ASP A 480 2.03 -7.19 49.22
C ASP A 480 1.13 -8.02 50.13
N LEU A 481 1.56 -9.25 50.42
CA LEU A 481 0.84 -10.16 51.29
C LEU A 481 1.78 -10.69 52.36
N SER A 482 1.25 -11.55 53.22
CA SER A 482 2.09 -12.26 54.18
C SER A 482 3.00 -13.22 53.44
N ASP A 483 4.28 -13.22 53.82
CA ASP A 483 5.29 -13.96 53.07
C ASP A 483 5.02 -15.46 53.09
N TYR A 484 4.84 -16.04 51.90
CA TYR A 484 4.87 -17.48 51.73
C TYR A 484 5.05 -17.77 50.25
N THR A 485 5.85 -18.78 49.94
CA THR A 485 6.14 -19.18 48.57
C THR A 485 5.32 -20.43 48.25
N ASN A 486 4.48 -20.34 47.23
CA ASN A 486 3.65 -21.45 46.79
C ASN A 486 4.13 -21.89 45.41
N LYS A 487 4.84 -23.02 45.37
CA LYS A 487 5.26 -23.64 44.12
C LYS A 487 4.24 -24.72 43.79
N SER A 488 3.36 -24.44 42.84
CA SER A 488 2.34 -25.38 42.43
C SER A 488 2.62 -25.84 41.01
N TYR A 489 2.31 -27.10 40.74
CA TYR A 489 2.42 -27.62 39.39
C TYR A 489 1.31 -28.65 39.18
N GLY A 490 0.78 -28.70 37.97
CA GLY A 490 -0.29 -29.64 37.73
C GLY A 490 -0.74 -29.61 36.28
N THR A 491 -1.83 -30.32 36.03
CA THR A 491 -2.42 -30.45 34.71
C THR A 491 -3.93 -30.21 34.79
N ASP A 492 -4.46 -29.61 33.73
CA ASP A 492 -5.89 -29.41 33.58
C ASP A 492 -6.33 -29.99 32.25
N VAL A 493 -7.54 -30.52 32.20
CA VAL A 493 -8.17 -30.99 30.97
C VAL A 493 -9.59 -30.46 30.98
N THR A 494 -9.88 -29.52 30.08
CA THR A 494 -11.15 -28.80 30.09
C THR A 494 -11.84 -28.94 28.74
N LEU A 495 -13.12 -29.27 28.76
CA LEU A 495 -13.97 -29.25 27.58
C LEU A 495 -14.72 -27.93 27.54
N GLY A 496 -14.53 -27.19 26.45
CA GLY A 496 -15.28 -25.97 26.22
C GLY A 496 -16.49 -26.25 25.35
N PHE A 497 -17.66 -25.83 25.84
CA PHE A 497 -18.93 -26.07 25.19
C PHE A 497 -19.46 -24.77 24.60
N PRO A 498 -19.43 -24.58 23.29
CA PRO A 498 -20.08 -23.38 22.72
C PRO A 498 -21.58 -23.59 22.60
N ILE A 499 -22.27 -23.45 23.74
CA ILE A 499 -23.71 -23.72 23.78
C ILE A 499 -24.47 -22.74 22.90
N ASN A 500 -24.01 -21.49 22.86
CA ASN A 500 -24.61 -20.47 22.03
C ASN A 500 -23.53 -19.46 21.68
N GLU A 501 -23.71 -18.76 20.57
CA GLU A 501 -22.79 -17.68 20.26
C GLU A 501 -23.03 -16.54 21.25
N TYR A 502 -21.95 -15.81 21.56
CA TYR A 502 -21.79 -14.96 22.73
C TYR A 502 -21.70 -15.74 24.03
N ASN A 503 -21.76 -17.07 24.01
CA ASN A 503 -21.72 -17.88 25.22
C ASN A 503 -20.71 -18.99 25.06
N SER A 504 -20.18 -19.45 26.20
CA SER A 504 -19.30 -20.62 26.19
C SER A 504 -19.22 -21.16 27.61
N LEU A 505 -19.70 -22.37 27.82
CA LEU A 505 -19.45 -23.05 29.07
C LEU A 505 -18.11 -23.78 28.99
N ARG A 506 -17.65 -24.27 30.12
CA ARG A 506 -16.45 -25.09 30.16
C ARG A 506 -16.48 -25.94 31.41
N ALA A 507 -15.99 -27.16 31.30
CA ALA A 507 -15.96 -28.08 32.44
C ALA A 507 -14.75 -28.99 32.28
N GLY A 508 -13.96 -29.11 33.35
CA GLY A 508 -12.74 -29.90 33.25
C GLY A 508 -12.30 -30.41 34.60
N LEU A 509 -11.26 -31.24 34.55
CA LEU A 509 -10.66 -31.82 35.73
C LEU A 509 -9.18 -31.43 35.78
N GLY A 510 -8.73 -31.05 36.96
CA GLY A 510 -7.35 -30.61 37.10
C GLY A 510 -6.68 -31.04 38.38
N TYR A 511 -5.52 -31.65 38.26
CA TYR A 511 -4.70 -32.02 39.41
C TYR A 511 -3.65 -30.93 39.62
N VAL A 512 -3.50 -30.49 40.87
CA VAL A 512 -2.52 -29.48 41.21
C VAL A 512 -1.83 -29.88 42.51
N HIS A 513 -0.50 -29.83 42.52
CA HIS A 513 0.30 -30.08 43.70
C HIS A 513 0.87 -28.75 44.15
N ASN A 514 0.58 -28.37 45.39
CA ASN A 514 1.01 -27.10 45.97
C ASN A 514 2.07 -27.39 47.03
N SER A 515 3.19 -26.66 46.94
CA SER A 515 4.28 -26.74 47.92
C SER A 515 4.41 -25.36 48.56
N LEU A 516 4.05 -25.26 49.83
CA LEU A 516 4.06 -24.02 50.57
C LEU A 516 5.31 -23.98 51.46
N SER A 517 6.06 -22.89 51.37
CA SER A 517 7.28 -22.74 52.16
C SER A 517 7.39 -21.30 52.63
N ASN A 518 8.26 -21.09 53.62
CA ASN A 518 8.52 -19.76 54.18
C ASN A 518 7.22 -19.11 54.67
N MET A 519 6.33 -19.92 55.23
CA MET A 519 5.02 -19.43 55.65
C MET A 519 5.14 -18.53 56.87
N GLN A 520 4.57 -17.33 56.78
CA GLN A 520 4.52 -16.46 57.94
C GLN A 520 3.54 -17.01 58.96
N PRO A 521 3.93 -17.16 60.22
CA PRO A 521 2.97 -17.57 61.26
C PRO A 521 1.89 -16.51 61.43
N GLN A 522 0.64 -16.91 61.22
CA GLN A 522 -0.48 -15.99 61.32
C GLN A 522 -1.75 -16.78 61.58
N VAL A 523 -2.79 -16.06 62.00
CA VAL A 523 -4.01 -16.71 62.48
C VAL A 523 -4.70 -17.47 61.36
N ALA A 524 -4.85 -16.84 60.19
CA ALA A 524 -5.65 -17.46 59.12
C ALA A 524 -4.96 -18.70 58.55
N MET A 525 -3.67 -18.57 58.20
CA MET A 525 -2.96 -19.70 57.62
C MET A 525 -2.85 -20.85 58.61
N TRP A 526 -2.56 -20.55 59.88
CA TRP A 526 -2.51 -21.60 60.88
C TRP A 526 -3.88 -22.21 61.13
N ARG A 527 -4.96 -21.42 61.04
CA ARG A 527 -6.29 -21.98 61.14
C ARG A 527 -6.54 -22.98 60.02
N TYR A 528 -6.14 -22.63 58.79
CA TYR A 528 -6.30 -23.56 57.68
C TYR A 528 -5.47 -24.82 57.89
N LEU A 529 -4.21 -24.66 58.34
CA LEU A 529 -3.35 -25.81 58.54
C LEU A 529 -3.89 -26.72 59.65
N TYR A 530 -4.41 -26.13 60.73
CA TYR A 530 -5.02 -26.91 61.79
C TYR A 530 -6.24 -27.66 61.27
N SER A 531 -7.07 -27.00 60.46
CA SER A 531 -8.24 -27.65 59.89
C SER A 531 -7.88 -28.69 58.83
N MET A 532 -6.63 -28.72 58.37
CA MET A 532 -6.19 -29.75 57.44
C MET A 532 -5.54 -30.94 58.14
N GLY A 533 -5.56 -30.98 59.47
CA GLY A 533 -5.06 -32.12 60.20
C GLY A 533 -3.59 -32.12 60.52
N GLU A 534 -2.88 -31.04 60.26
CA GLU A 534 -1.47 -30.90 60.64
C GLU A 534 -1.34 -29.89 61.76
N HIS A 535 -0.48 -30.22 62.74
CA HIS A 535 -0.26 -29.38 63.90
C HIS A 535 1.23 -29.12 64.06
N PRO A 536 1.81 -28.29 63.20
CA PRO A 536 3.22 -27.92 63.36
C PRO A 536 3.40 -26.65 64.19
N SER A 537 4.63 -26.46 64.66
CA SER A 537 4.93 -25.39 65.60
C SER A 537 4.85 -24.02 64.92
N THR A 538 4.47 -23.01 65.71
CA THR A 538 4.34 -21.65 65.22
C THR A 538 5.69 -20.99 64.94
N SER A 539 6.80 -21.59 65.37
CA SER A 539 8.12 -21.09 65.04
C SER A 539 8.58 -21.71 63.73
N ASP A 540 9.88 -21.60 63.43
CA ASP A 540 10.47 -22.16 62.21
C ASP A 540 9.80 -21.57 60.96
N GLN A 541 10.05 -20.27 60.79
CA GLN A 541 9.57 -19.49 59.65
C GLN A 541 9.57 -20.26 58.33
N ASP A 542 10.65 -20.98 58.05
CA ASP A 542 10.75 -21.76 56.82
C ASP A 542 10.05 -23.10 57.02
N ASN A 543 8.72 -23.05 56.96
CA ASN A 543 7.92 -24.26 57.06
C ASN A 543 7.86 -24.97 55.71
N SER A 544 7.15 -26.09 55.67
CA SER A 544 6.98 -26.85 54.43
C SER A 544 5.66 -27.59 54.48
N PHE A 545 4.90 -27.49 53.39
CA PHE A 545 3.61 -28.17 53.27
C PHE A 545 3.45 -28.60 51.83
N LYS A 546 2.85 -29.77 51.62
CA LYS A 546 2.63 -30.29 50.28
C LYS A 546 1.24 -30.90 50.19
N THR A 547 0.48 -30.47 49.18
CA THR A 547 -0.87 -30.97 48.96
C THR A 547 -1.04 -31.38 47.51
N ASP A 548 -1.81 -32.45 47.28
CA ASP A 548 -2.19 -32.90 45.95
C ASP A 548 -3.70 -32.85 45.87
N ASP A 549 -4.22 -31.91 45.08
CA ASP A 549 -5.65 -31.60 45.08
C ASP A 549 -6.19 -31.73 43.66
N PHE A 550 -7.30 -32.46 43.53
CA PHE A 550 -7.99 -32.63 42.25
C PHE A 550 -9.27 -31.81 42.28
N THR A 551 -9.44 -30.95 41.28
CA THR A 551 -10.52 -29.99 41.23
C THR A 551 -11.33 -30.20 39.96
N PHE A 552 -12.65 -30.27 40.10
CA PHE A 552 -13.55 -30.09 38.97
C PHE A 552 -13.78 -28.60 38.80
N ASN A 553 -13.34 -28.06 37.66
CA ASN A 553 -13.51 -26.66 37.32
C ASN A 553 -14.66 -26.52 36.34
N TYR A 554 -15.51 -25.53 36.56
CA TYR A 554 -16.58 -25.19 35.64
C TYR A 554 -16.55 -23.70 35.40
N GLY A 555 -17.15 -23.29 34.29
CA GLY A 555 -17.15 -21.89 33.94
C GLY A 555 -18.19 -21.59 32.89
N TRP A 556 -18.59 -20.32 32.85
CA TRP A 556 -19.55 -19.83 31.87
C TRP A 556 -19.16 -18.41 31.52
N THR A 557 -18.85 -18.18 30.25
CA THR A 557 -18.48 -16.86 29.75
C THR A 557 -19.52 -16.40 28.76
N TYR A 558 -20.23 -15.34 29.10
CA TYR A 558 -21.17 -14.67 28.21
C TYR A 558 -20.50 -13.39 27.73
N ASN A 559 -20.29 -13.28 26.42
CA ASN A 559 -19.55 -12.16 25.85
C ASN A 559 -20.38 -11.53 24.72
N LYS A 560 -21.13 -10.48 25.06
CA LYS A 560 -21.90 -9.72 24.09
C LYS A 560 -21.25 -8.39 23.76
N LEU A 561 -20.00 -8.19 24.16
CA LEU A 561 -19.32 -6.93 23.93
C LEU A 561 -19.17 -6.67 22.43
N ASP A 562 -19.76 -5.57 21.96
CA ASP A 562 -19.71 -5.25 20.54
C ASP A 562 -18.29 -4.96 20.08
N ARG A 563 -17.46 -4.41 20.96
CA ARG A 563 -16.07 -4.11 20.66
C ARG A 563 -15.18 -4.82 21.67
N GLY A 564 -14.19 -5.57 21.17
CA GLY A 564 -13.25 -6.20 22.07
C GLY A 564 -12.40 -5.21 22.83
N TYR A 565 -11.90 -4.19 22.13
CA TYR A 565 -11.10 -3.12 22.72
C TYR A 565 -11.96 -1.87 22.83
N PHE A 566 -11.97 -1.27 24.02
CA PHE A 566 -12.80 -0.12 24.33
C PHE A 566 -14.27 -0.43 24.02
N PRO A 567 -14.89 -1.35 24.74
CA PRO A 567 -16.30 -1.65 24.49
C PRO A 567 -17.19 -0.45 24.81
N THR A 568 -18.32 -0.38 24.11
CA THR A 568 -19.30 0.67 24.35
C THR A 568 -20.68 0.14 24.68
N ASP A 569 -21.01 -1.08 24.28
CA ASP A 569 -22.31 -1.67 24.56
C ASP A 569 -22.13 -3.17 24.74
N GLY A 570 -22.88 -3.74 25.68
CA GLY A 570 -22.88 -5.18 25.84
C GLY A 570 -22.58 -5.56 27.27
N SER A 571 -22.19 -6.82 27.46
CA SER A 571 -21.86 -7.31 28.79
C SER A 571 -20.96 -8.52 28.65
N ARG A 572 -19.98 -8.63 29.56
CA ARG A 572 -19.10 -9.78 29.64
C ARG A 572 -19.17 -10.33 31.06
N VAL A 573 -19.74 -11.52 31.20
CA VAL A 573 -19.89 -12.19 32.49
C VAL A 573 -19.05 -13.46 32.44
N ASN A 574 -18.27 -13.69 33.49
CA ASN A 574 -17.41 -14.86 33.60
C ASN A 574 -17.63 -15.49 34.97
N LEU A 575 -18.42 -16.55 35.03
CA LEU A 575 -18.70 -17.25 36.26
C LEU A 575 -17.86 -18.52 36.28
N THR A 576 -16.82 -18.55 37.10
CA THR A 576 -15.88 -19.65 37.15
C THR A 576 -15.88 -20.26 38.54
N GLY A 577 -16.26 -21.51 38.64
CA GLY A 577 -16.25 -22.21 39.91
C GLY A 577 -15.27 -23.37 39.91
N LYS A 578 -14.83 -23.78 41.10
CA LYS A 578 -13.88 -24.87 41.23
C LYS A 578 -14.20 -25.60 42.52
N VAL A 579 -14.58 -26.87 42.42
CA VAL A 579 -14.95 -27.67 43.58
C VAL A 579 -14.08 -28.91 43.59
N THR A 580 -13.52 -29.24 44.76
CA THR A 580 -12.61 -30.35 44.88
C THR A 580 -13.38 -31.66 44.90
N ILE A 581 -13.03 -32.58 44.01
CA ILE A 581 -13.67 -33.89 43.96
C ILE A 581 -13.15 -34.72 45.12
N PRO A 582 -13.95 -35.65 45.66
CA PRO A 582 -13.47 -36.49 46.76
C PRO A 582 -12.24 -37.30 46.35
N GLY A 583 -11.37 -37.52 47.32
CA GLY A 583 -10.08 -38.12 47.06
C GLY A 583 -8.93 -37.15 46.91
N SER A 584 -9.14 -35.87 47.24
CA SER A 584 -8.12 -34.85 47.15
C SER A 584 -7.77 -34.35 48.54
N ASP A 585 -6.54 -33.84 48.69
CA ASP A 585 -6.09 -33.35 49.99
C ASP A 585 -6.95 -32.18 50.47
N ASN A 586 -7.25 -31.25 49.58
CA ASN A 586 -8.11 -30.13 49.90
C ASN A 586 -9.56 -30.49 49.60
N GLU A 587 -10.47 -30.05 50.47
CA GLU A 587 -11.90 -30.29 50.32
C GLU A 587 -12.60 -28.94 50.40
N TYR A 588 -12.70 -28.24 49.26
CA TYR A 588 -13.26 -26.90 49.25
C TYR A 588 -13.88 -26.61 47.90
N TYR A 589 -14.74 -25.60 47.89
CA TYR A 589 -15.31 -25.04 46.68
C TYR A 589 -15.08 -23.53 46.68
N LYS A 590 -14.92 -22.98 45.47
CA LYS A 590 -14.61 -21.57 45.30
C LYS A 590 -15.27 -21.08 44.03
N VAL A 591 -16.16 -20.10 44.15
CA VAL A 591 -16.90 -19.55 43.02
C VAL A 591 -16.49 -18.10 42.83
N THR A 592 -16.22 -17.72 41.58
CA THR A 592 -15.86 -16.36 41.22
C THR A 592 -16.78 -15.91 40.10
N LEU A 593 -17.08 -14.61 40.06
CA LEU A 593 -18.01 -14.07 39.08
C LEU A 593 -17.54 -12.67 38.68
N ASP A 594 -16.96 -12.56 37.49
CA ASP A 594 -16.65 -11.28 36.89
C ASP A 594 -17.82 -10.82 36.04
N THR A 595 -17.97 -9.51 35.94
CA THR A 595 -18.98 -8.92 35.08
C THR A 595 -18.54 -7.52 34.70
N ALA A 596 -18.69 -7.18 33.43
CA ALA A 596 -18.42 -5.84 32.95
C ALA A 596 -19.50 -5.52 31.92
N THR A 597 -20.45 -4.67 32.30
CA THR A 597 -21.54 -4.29 31.42
C THR A 597 -21.35 -2.84 30.97
N TYR A 598 -21.49 -2.62 29.67
CA TYR A 598 -21.32 -1.30 29.07
C TYR A 598 -22.67 -0.88 28.50
N VAL A 599 -23.23 0.18 29.09
CA VAL A 599 -24.49 0.76 28.64
C VAL A 599 -24.19 2.10 28.00
N PRO A 600 -24.37 2.27 26.69
CA PRO A 600 -24.15 3.58 26.06
C PRO A 600 -25.37 4.47 26.28
N ILE A 601 -25.15 5.65 26.87
CA ILE A 601 -26.22 6.57 27.18
C ILE A 601 -26.41 7.61 26.09
N ASP A 602 -25.65 7.54 25.00
CA ASP A 602 -25.81 8.45 23.88
C ASP A 602 -25.74 7.67 22.58
N ASP A 603 -26.33 8.23 21.53
CA ASP A 603 -26.36 7.56 20.23
C ASP A 603 -24.96 7.39 19.66
N ASP A 604 -24.04 8.31 19.97
CA ASP A 604 -22.68 8.23 19.46
C ASP A 604 -21.80 7.25 20.24
N HIS A 605 -22.29 6.72 21.35
CA HIS A 605 -21.56 5.77 22.20
C HIS A 605 -20.28 6.39 22.77
N LYS A 606 -20.21 7.72 22.81
CA LYS A 606 -19.07 8.39 23.45
C LYS A 606 -19.17 8.34 24.96
N TRP A 607 -20.39 8.46 25.49
CA TRP A 607 -20.63 8.41 26.92
C TRP A 607 -21.14 7.03 27.28
N VAL A 608 -20.43 6.34 28.18
CA VAL A 608 -20.73 4.96 28.52
C VAL A 608 -20.82 4.84 30.03
N VAL A 609 -21.67 3.93 30.49
CA VAL A 609 -21.73 3.55 31.90
C VAL A 609 -21.22 2.13 32.00
N LEU A 610 -20.21 1.92 32.83
CA LEU A 610 -19.54 0.64 33.00
C LEU A 610 -19.87 0.12 34.39
N GLY A 611 -20.67 -0.94 34.46
CA GLY A 611 -20.91 -1.62 35.71
C GLY A 611 -20.06 -2.87 35.79
N ARG A 612 -19.02 -2.85 36.62
CA ARG A 612 -18.09 -3.96 36.74
C ARG A 612 -18.22 -4.57 38.12
N THR A 613 -18.61 -5.83 38.18
CA THR A 613 -18.73 -6.55 39.43
C THR A 613 -17.74 -7.71 39.47
N ARG A 614 -17.34 -8.06 40.69
CA ARG A 614 -16.31 -9.06 40.95
C ARG A 614 -16.71 -9.72 42.27
N TRP A 615 -17.42 -10.83 42.18
CA TRP A 615 -17.91 -11.55 43.34
C TRP A 615 -17.11 -12.82 43.54
N GLY A 616 -17.07 -13.30 44.78
CA GLY A 616 -16.38 -14.54 45.06
C GLY A 616 -16.73 -15.10 46.42
N TYR A 617 -16.95 -16.40 46.49
CA TYR A 617 -17.29 -17.05 47.74
C TYR A 617 -16.70 -18.45 47.73
N GLY A 618 -15.99 -18.80 48.80
CA GLY A 618 -15.40 -20.11 48.88
C GLY A 618 -15.27 -20.64 50.29
N ASP A 619 -15.56 -21.93 50.47
CA ASP A 619 -15.51 -22.57 51.78
C ASP A 619 -15.19 -24.04 51.62
N GLY A 620 -14.78 -24.66 52.72
CA GLY A 620 -14.54 -26.09 52.72
C GLY A 620 -15.83 -26.88 52.65
N LEU A 621 -15.70 -28.17 52.34
CA LEU A 621 -16.84 -29.08 52.25
C LEU A 621 -17.00 -29.93 53.50
N GLY A 622 -16.57 -29.43 54.65
CA GLY A 622 -16.71 -30.18 55.89
C GLY A 622 -15.43 -30.89 56.30
N GLY A 623 -14.90 -30.51 57.45
CA GLY A 623 -13.65 -31.07 57.92
C GLY A 623 -12.41 -30.42 57.35
N LYS A 624 -12.57 -29.47 56.43
CA LYS A 624 -11.47 -28.77 55.80
C LYS A 624 -11.85 -27.30 55.62
N GLU A 625 -10.85 -26.47 55.38
CA GLU A 625 -11.05 -25.06 55.12
C GLU A 625 -10.45 -24.70 53.76
N MET A 626 -10.86 -23.55 53.24
CA MET A 626 -10.32 -23.06 51.98
C MET A 626 -8.84 -22.75 52.14
N PRO A 627 -7.98 -23.14 51.19
CA PRO A 627 -6.56 -22.81 51.31
C PRO A 627 -6.34 -21.30 51.33
N PHE A 628 -5.36 -20.88 52.13
CA PHE A 628 -5.08 -19.45 52.23
C PHE A 628 -4.52 -18.88 50.94
N TYR A 629 -3.90 -19.71 50.10
CA TYR A 629 -3.41 -19.23 48.81
C TYR A 629 -4.50 -19.09 47.77
N GLU A 630 -5.70 -19.61 48.04
CA GLU A 630 -6.84 -19.46 47.15
C GLU A 630 -7.75 -18.29 47.52
N ASN A 631 -7.43 -17.57 48.60
CA ASN A 631 -8.30 -16.47 49.02
C ASN A 631 -8.36 -15.39 47.94
N PHE A 632 -9.52 -14.75 47.87
CA PHE A 632 -9.71 -13.65 46.95
C PHE A 632 -8.96 -12.41 47.43
N TYR A 633 -8.67 -11.51 46.50
CA TYR A 633 -8.00 -10.27 46.80
C TYR A 633 -8.71 -9.12 46.10
N ALA A 634 -8.66 -7.95 46.72
CA ALA A 634 -9.19 -6.73 46.13
C ALA A 634 -8.20 -5.60 46.33
N GLY A 635 -8.42 -4.50 45.64
CA GLY A 635 -7.48 -3.41 45.63
C GLY A 635 -6.50 -3.51 44.46
N GLY A 636 -5.87 -2.39 44.17
CA GLY A 636 -5.01 -2.30 43.02
C GLY A 636 -5.80 -2.06 41.75
N SER A 637 -5.09 -2.04 40.64
CA SER A 637 -5.72 -1.79 39.35
C SER A 637 -6.64 -2.94 38.96
N SER A 638 -7.76 -2.59 38.35
CA SER A 638 -8.76 -3.45 37.73
C SER A 638 -9.65 -4.17 38.75
N THR A 639 -9.40 -4.07 40.06
CA THR A 639 -10.33 -4.59 41.05
C THR A 639 -10.92 -3.47 41.90
N VAL A 640 -10.10 -2.75 42.65
CA VAL A 640 -10.51 -1.55 43.35
C VAL A 640 -9.38 -0.54 43.21
N ARG A 641 -9.51 0.40 42.28
CA ARG A 641 -8.44 1.35 42.04
C ARG A 641 -8.29 2.31 43.22
N GLY A 642 -7.07 2.76 43.45
CA GLY A 642 -6.75 3.62 44.56
C GLY A 642 -6.18 2.91 45.76
N PHE A 643 -6.24 1.58 45.80
CA PHE A 643 -5.67 0.80 46.88
C PHE A 643 -4.43 0.05 46.38
N GLN A 644 -3.64 -0.43 47.32
CA GLN A 644 -2.49 -1.24 46.99
C GLN A 644 -2.95 -2.61 46.50
N SER A 645 -2.10 -3.25 45.69
CA SER A 645 -2.42 -4.57 45.16
C SER A 645 -2.68 -5.55 46.30
N ASN A 646 -3.88 -6.13 46.30
CA ASN A 646 -4.28 -7.17 47.25
C ASN A 646 -4.18 -6.68 48.69
N THR A 647 -4.47 -5.40 48.93
CA THR A 647 -4.43 -4.84 50.28
C THR A 647 -5.80 -4.79 50.94
N ILE A 648 -6.88 -5.05 50.21
CA ILE A 648 -8.22 -5.02 50.76
C ILE A 648 -8.57 -6.40 51.28
N GLY A 649 -9.02 -6.47 52.53
CA GLY A 649 -9.43 -7.72 53.12
C GLY A 649 -8.87 -7.95 54.50
N PRO A 650 -9.05 -9.17 55.01
CA PRO A 650 -8.49 -9.49 56.34
C PRO A 650 -6.98 -9.32 56.36
N LYS A 651 -6.48 -8.81 57.47
CA LYS A 651 -5.06 -8.58 57.65
C LYS A 651 -4.47 -9.70 58.49
N ALA A 652 -3.25 -10.10 58.18
CA ALA A 652 -2.59 -11.18 58.88
C ALA A 652 -2.32 -10.78 60.33
N VAL A 653 -2.59 -11.69 61.25
CA VAL A 653 -2.28 -11.48 62.66
C VAL A 653 -1.09 -12.36 63.02
N TYR A 654 0.12 -11.81 62.91
CA TYR A 654 1.32 -12.61 63.05
C TYR A 654 1.49 -13.11 64.49
N PHE A 655 1.84 -14.38 64.62
CA PHE A 655 2.16 -14.98 65.90
C PHE A 655 3.56 -14.55 66.34
N PRO A 656 3.82 -14.52 67.65
CA PRO A 656 5.19 -14.28 68.11
C PRO A 656 6.10 -15.44 67.73
N HIS A 657 7.09 -15.14 66.89
CA HIS A 657 7.95 -16.17 66.31
C HIS A 657 9.31 -15.56 66.02
N GLN A 658 10.29 -16.44 65.79
CA GLN A 658 11.65 -16.03 65.48
C GLN A 658 11.87 -16.07 63.98
N ALA A 659 12.20 -14.92 63.39
CA ALA A 659 12.45 -14.86 61.96
C ALA A 659 13.79 -15.52 61.62
N SER A 660 13.92 -15.93 60.36
CA SER A 660 15.16 -16.55 59.91
C SER A 660 16.33 -15.57 60.00
N ASN A 661 16.11 -14.32 59.62
CA ASN A 661 17.13 -13.29 59.66
C ASN A 661 16.58 -12.09 60.44
N TYR A 662 17.45 -11.46 61.22
CA TYR A 662 17.07 -10.33 62.04
C TYR A 662 18.00 -9.15 61.80
N ASP A 663 17.46 -7.94 61.93
CA ASP A 663 18.19 -6.71 61.73
C ASP A 663 17.43 -5.59 62.44
N PRO A 664 18.10 -4.82 63.31
CA PRO A 664 17.41 -3.74 64.01
C PRO A 664 16.85 -2.69 63.05
N ASP A 665 15.79 -2.02 63.51
CA ASP A 665 15.07 -0.96 62.79
C ASP A 665 14.26 -1.48 61.61
N TYR A 666 14.05 -2.79 61.51
CA TYR A 666 13.18 -3.37 60.50
C TYR A 666 11.94 -4.03 61.07
N ASP A 667 12.03 -4.56 62.30
CA ASP A 667 10.93 -5.13 63.07
C ASP A 667 10.48 -6.48 62.52
N TYR A 668 10.97 -6.83 61.32
CA TYR A 668 10.77 -8.13 60.68
C TYR A 668 9.40 -8.72 60.97
N GLU A 669 8.37 -7.92 60.71
CA GLU A 669 6.96 -8.30 60.85
C GLU A 669 6.71 -9.11 62.12
N CYS A 670 6.96 -8.45 63.26
CA CYS A 670 6.73 -9.02 64.59
C CYS A 670 7.58 -10.28 64.81
N ALA A 671 8.89 -10.08 64.80
CA ALA A 671 9.83 -11.13 65.15
C ALA A 671 10.12 -11.10 66.65
N THR A 672 10.43 -12.28 67.20
CA THR A 672 10.75 -12.36 68.62
C THR A 672 12.03 -11.59 68.95
N GLN A 673 13.01 -11.62 68.05
CA GLN A 673 14.24 -10.86 68.28
C GLN A 673 13.98 -9.37 68.40
N ASP A 674 12.97 -8.87 67.71
CA ASP A 674 12.64 -7.45 67.78
C ASP A 674 12.02 -7.07 69.13
N GLY A 675 11.47 -8.03 69.86
CA GLY A 675 10.87 -7.75 71.15
C GLY A 675 9.38 -8.05 71.18
N ALA A 676 8.94 -9.01 70.39
CA ALA A 676 7.53 -9.39 70.32
C ALA A 676 7.30 -10.69 71.07
N LYS A 677 6.33 -10.67 71.99
CA LYS A 677 5.96 -11.86 72.74
C LYS A 677 4.47 -12.18 72.68
N ASP A 678 3.65 -11.30 72.12
CA ASP A 678 2.21 -11.49 72.02
C ASP A 678 1.79 -11.23 70.57
N LEU A 679 0.57 -11.67 70.23
CA LEU A 679 0.05 -11.46 68.89
C LEU A 679 -0.03 -9.97 68.58
N CYS A 680 0.17 -9.63 67.30
CA CYS A 680 0.18 -8.24 66.86
C CYS A 680 -0.72 -8.08 65.64
N LYS A 681 -1.31 -6.90 65.52
CA LYS A 681 -2.06 -6.54 64.33
C LYS A 681 -1.10 -6.05 63.27
N SER A 682 -0.97 -6.79 62.19
CA SER A 682 -0.11 -6.41 61.07
C SER A 682 -0.96 -5.86 59.93
N ASP A 683 -0.37 -4.95 59.18
CA ASP A 683 -1.06 -4.30 58.07
C ASP A 683 -0.89 -5.05 56.75
N ASP A 684 -0.11 -6.13 56.72
CA ASP A 684 0.06 -6.91 55.51
C ASP A 684 -1.16 -7.80 55.31
N ALA A 685 -1.90 -7.56 54.22
CA ALA A 685 -3.15 -8.28 53.99
C ALA A 685 -2.89 -9.71 53.59
N VAL A 686 -3.88 -10.57 53.84
CA VAL A 686 -3.79 -11.97 53.48
C VAL A 686 -4.90 -12.42 52.54
N GLY A 687 -5.96 -11.63 52.38
CA GLY A 687 -7.10 -12.03 51.58
C GLY A 687 -8.17 -12.71 52.42
N GLY A 688 -9.30 -12.95 51.77
CA GLY A 688 -10.42 -13.56 52.45
C GLY A 688 -11.10 -14.59 51.56
N ASN A 689 -11.86 -15.47 52.19
CA ASN A 689 -12.56 -16.51 51.44
C ASN A 689 -13.73 -15.97 50.65
N ALA A 690 -14.14 -14.72 50.87
CA ALA A 690 -15.19 -14.12 50.08
C ALA A 690 -14.82 -12.69 49.74
N MET A 691 -15.20 -12.25 48.53
CA MET A 691 -15.04 -10.85 48.15
C MET A 691 -16.27 -10.40 47.40
N ALA A 692 -16.51 -9.09 47.45
CA ALA A 692 -17.60 -8.48 46.69
C ALA A 692 -17.14 -7.10 46.27
N VAL A 693 -16.98 -6.89 44.96
CA VAL A 693 -16.49 -5.63 44.42
C VAL A 693 -17.46 -5.18 43.35
N ALA A 694 -17.80 -3.90 43.36
CA ALA A 694 -18.58 -3.28 42.30
C ALA A 694 -17.88 -1.99 41.87
N SER A 695 -18.17 -1.54 40.67
CA SER A 695 -17.51 -0.37 40.12
C SER A 695 -18.41 0.29 39.10
N LEU A 696 -18.79 1.53 39.37
CA LEU A 696 -19.54 2.35 38.42
C LEU A 696 -18.56 3.31 37.76
N GLU A 697 -18.38 3.17 36.45
CA GLU A 697 -17.36 3.90 35.72
C GLU A 697 -18.03 4.67 34.59
N PHE A 698 -18.06 5.99 34.71
CA PHE A 698 -18.64 6.85 33.68
C PHE A 698 -17.54 7.20 32.69
N ILE A 699 -17.60 6.60 31.50
CA ILE A 699 -16.63 6.84 30.43
C ILE A 699 -17.11 8.03 29.61
N THR A 700 -16.26 9.03 29.47
CA THR A 700 -16.54 10.26 28.76
C THR A 700 -15.51 10.45 27.66
N PRO A 701 -15.84 11.21 26.62
CA PRO A 701 -14.80 11.59 25.65
C PRO A 701 -13.70 12.39 26.34
N THR A 702 -12.48 12.19 25.87
CA THR A 702 -11.34 12.86 26.48
C THR A 702 -11.50 14.38 26.32
N PRO A 703 -11.44 15.14 27.42
CA PRO A 703 -11.80 16.56 27.34
C PRO A 703 -10.89 17.39 26.44
N PHE A 704 -9.59 17.36 26.70
CA PHE A 704 -8.64 18.24 26.02
C PHE A 704 -7.80 17.37 25.08
N ILE A 705 -8.32 17.15 23.87
CA ILE A 705 -7.67 16.31 22.89
C ILE A 705 -8.33 16.60 21.54
N SER A 706 -7.58 16.36 20.47
CA SER A 706 -8.15 16.47 19.13
C SER A 706 -9.16 15.35 18.91
N ASP A 707 -10.31 15.70 18.34
CA ASP A 707 -11.36 14.72 18.13
C ASP A 707 -10.99 13.68 17.08
N LYS A 708 -9.91 13.89 16.32
CA LYS A 708 -9.48 12.90 15.35
C LYS A 708 -9.01 11.61 16.02
N TYR A 709 -8.42 11.72 17.21
CA TYR A 709 -8.01 10.55 17.98
C TYR A 709 -8.59 10.58 19.39
N ALA A 710 -9.70 11.28 19.60
CA ALA A 710 -10.35 11.28 20.91
C ALA A 710 -10.89 9.89 21.24
N ASN A 711 -11.45 9.20 20.24
CA ASN A 711 -11.98 7.86 20.48
C ASN A 711 -10.89 6.85 20.80
N SER A 712 -9.64 7.15 20.47
CA SER A 712 -8.53 6.25 20.78
C SER A 712 -8.07 6.35 22.23
N VAL A 713 -8.51 7.36 22.96
CA VAL A 713 -8.16 7.53 24.37
C VAL A 713 -9.46 7.53 25.16
N ARG A 714 -9.61 6.55 26.04
CA ARG A 714 -10.80 6.40 26.87
C ARG A 714 -10.53 7.05 28.23
N THR A 715 -11.26 8.12 28.52
CA THR A 715 -11.23 8.77 29.82
C THR A 715 -12.43 8.34 30.62
N SER A 716 -12.22 8.02 31.89
CA SER A 716 -13.29 7.49 32.72
C SER A 716 -13.19 8.07 34.12
N PHE A 717 -14.35 8.22 34.75
CA PHE A 717 -14.47 8.60 36.16
C PHE A 717 -15.08 7.41 36.88
N PHE A 718 -14.30 6.75 37.72
CA PHE A 718 -14.70 5.49 38.32
C PHE A 718 -14.96 5.66 39.81
N TRP A 719 -15.89 4.85 40.32
CA TRP A 719 -16.19 4.74 41.74
C TRP A 719 -16.28 3.25 42.06
N ASP A 720 -15.33 2.76 42.85
CA ASP A 720 -15.21 1.34 43.17
C ASP A 720 -15.58 1.11 44.62
N MET A 721 -16.61 0.29 44.84
CA MET A 721 -16.86 -0.33 46.13
C MET A 721 -16.22 -1.71 46.14
N GLY A 722 -15.79 -2.15 47.30
CA GLY A 722 -15.16 -3.44 47.40
C GLY A 722 -14.85 -3.85 48.82
N THR A 723 -15.20 -5.09 49.18
CA THR A 723 -14.92 -5.61 50.50
C THR A 723 -14.53 -7.08 50.40
N VAL A 724 -13.46 -7.45 51.09
CA VAL A 724 -13.01 -8.83 51.15
C VAL A 724 -13.07 -9.26 52.61
N TRP A 725 -13.76 -10.37 52.88
CA TRP A 725 -13.92 -10.84 54.24
C TRP A 725 -13.69 -12.35 54.29
N ASP A 726 -13.26 -12.80 55.46
CA ASP A 726 -12.99 -14.21 55.73
C ASP A 726 -14.11 -14.72 56.63
N THR A 727 -15.03 -15.50 56.07
CA THR A 727 -16.16 -16.00 56.84
C THR A 727 -15.74 -16.95 57.94
N ASN A 728 -14.56 -17.56 57.84
CA ASN A 728 -14.04 -18.46 58.86
C ASN A 728 -13.27 -17.75 59.95
N TRP A 729 -13.38 -16.42 60.03
CA TRP A 729 -12.67 -15.68 61.05
C TRP A 729 -13.23 -16.00 62.43
N ASP A 730 -12.32 -16.20 63.39
CA ASP A 730 -12.70 -16.55 64.76
C ASP A 730 -12.85 -15.26 65.56
N SER A 731 -14.01 -14.63 65.44
CA SER A 731 -14.27 -13.40 66.17
C SER A 731 -14.45 -13.63 67.67
N SER A 732 -14.63 -14.88 68.09
CA SER A 732 -14.83 -15.16 69.52
C SER A 732 -13.52 -15.02 70.28
N GLN A 733 -12.52 -15.83 69.93
CA GLN A 733 -11.24 -15.78 70.61
C GLN A 733 -10.33 -14.69 70.07
N TYR A 734 -10.75 -13.97 69.02
CA TYR A 734 -10.05 -12.79 68.53
C TYR A 734 -11.05 -11.65 68.52
N SER A 735 -11.18 -10.97 69.66
CA SER A 735 -12.17 -9.90 69.83
C SER A 735 -11.55 -8.51 69.76
N GLY A 736 -10.33 -8.34 70.28
CA GLY A 736 -9.69 -7.04 70.19
C GLY A 736 -9.41 -6.62 68.76
N TYR A 737 -9.04 -7.58 67.92
CA TYR A 737 -8.81 -7.29 66.52
C TYR A 737 -10.13 -7.02 65.81
N PRO A 738 -10.11 -6.23 64.73
CA PRO A 738 -11.35 -6.00 63.97
C PRO A 738 -11.91 -7.29 63.42
N ASP A 739 -13.23 -7.38 63.38
CA ASP A 739 -13.93 -8.58 62.92
C ASP A 739 -13.75 -8.68 61.40
N TYR A 740 -12.81 -9.54 60.98
CA TYR A 740 -12.55 -9.70 59.55
C TYR A 740 -13.65 -10.46 58.83
N SER A 741 -14.57 -11.08 59.56
CA SER A 741 -15.72 -11.75 58.96
C SER A 741 -16.88 -10.80 58.71
N ASP A 742 -16.61 -9.50 58.66
CA ASP A 742 -17.66 -8.51 58.49
C ASP A 742 -17.63 -7.97 57.07
N PRO A 743 -18.59 -8.35 56.21
CA PRO A 743 -18.62 -7.77 54.86
C PRO A 743 -19.07 -6.31 54.85
N SER A 744 -19.56 -5.78 55.97
CA SER A 744 -20.04 -4.41 56.00
C SER A 744 -18.93 -3.39 55.81
N ASN A 745 -17.68 -3.78 56.02
CA ASN A 745 -16.54 -2.88 55.82
C ASN A 745 -16.26 -2.76 54.32
N ILE A 746 -17.17 -2.07 53.63
CA ILE A 746 -17.08 -1.90 52.19
C ILE A 746 -16.18 -0.70 51.93
N ARG A 747 -14.94 -0.98 51.53
CA ARG A 747 -14.04 0.07 51.11
C ARG A 747 -14.57 0.72 49.84
N MET A 748 -14.36 2.03 49.73
CA MET A 748 -14.76 2.74 48.52
C MET A 748 -13.66 3.71 48.10
N SER A 749 -13.48 3.83 46.80
CA SER A 749 -12.53 4.78 46.24
C SER A 749 -13.15 5.43 45.00
N ALA A 750 -12.69 6.63 44.69
CA ALA A 750 -13.18 7.34 43.52
C ALA A 750 -12.00 8.00 42.82
N GLY A 751 -12.01 7.98 41.49
CA GLY A 751 -10.89 8.56 40.78
C GLY A 751 -11.15 8.67 39.30
N ILE A 752 -10.08 9.02 38.58
CA ILE A 752 -10.11 9.19 37.14
C ILE A 752 -9.10 8.24 36.52
N ALA A 753 -9.35 7.86 35.27
CA ALA A 753 -8.50 6.89 34.58
C ALA A 753 -8.42 7.23 33.10
N LEU A 754 -7.26 6.95 32.53
CA LEU A 754 -7.00 7.10 31.10
C LEU A 754 -6.53 5.76 30.55
N GLN A 755 -7.04 5.39 29.37
CA GLN A 755 -6.65 4.16 28.71
C GLN A 755 -6.39 4.46 27.24
N TRP A 756 -5.24 4.00 26.73
CA TRP A 756 -5.03 4.13 25.29
C TRP A 756 -3.93 3.17 24.86
N MET A 757 -4.01 2.75 23.59
CA MET A 757 -3.04 1.82 23.02
C MET A 757 -1.84 2.62 22.52
N SER A 758 -0.91 2.89 23.43
CA SER A 758 0.32 3.55 23.05
C SER A 758 1.21 2.57 22.29
N PRO A 759 2.20 3.06 21.54
CA PRO A 759 3.15 2.14 20.91
C PRO A 759 3.87 1.21 21.89
N LEU A 760 3.79 1.48 23.20
CA LEU A 760 4.35 0.61 24.22
C LEU A 760 3.33 -0.39 24.75
N GLY A 761 2.22 -0.61 24.03
CA GLY A 761 1.17 -1.47 24.50
C GLY A 761 0.00 -0.68 25.04
N PRO A 762 -0.98 -1.37 25.63
CA PRO A 762 -2.11 -0.67 26.24
C PRO A 762 -1.71 -0.03 27.57
N LEU A 763 -1.61 1.30 27.58
CA LEU A 763 -1.31 2.06 28.78
C LEU A 763 -2.60 2.40 29.49
N VAL A 764 -2.64 2.13 30.80
CA VAL A 764 -3.79 2.44 31.65
C VAL A 764 -3.26 3.16 32.88
N PHE A 765 -3.58 4.43 33.00
CA PHE A 765 -3.24 5.21 34.18
C PHE A 765 -4.50 5.53 34.96
N SER A 766 -4.34 5.78 36.25
CA SER A 766 -5.49 6.12 37.08
C SER A 766 -5.00 6.78 38.36
N TYR A 767 -5.72 7.81 38.79
CA TYR A 767 -5.49 8.46 40.06
C TYR A 767 -6.78 8.40 40.85
N ALA A 768 -6.73 7.79 42.04
CA ALA A 768 -7.93 7.56 42.82
C ALA A 768 -7.66 7.84 44.29
N GLN A 769 -8.63 8.51 44.93
CA GLN A 769 -8.59 8.70 46.37
C GLN A 769 -9.56 7.72 47.01
N PRO A 770 -9.11 6.87 47.93
CA PRO A 770 -10.03 6.07 48.73
C PRO A 770 -10.58 6.92 49.87
N PHE A 771 -11.83 7.35 49.73
CA PHE A 771 -12.41 8.22 50.75
C PHE A 771 -12.94 7.45 51.96
N LYS A 772 -13.14 6.14 51.82
CA LYS A 772 -13.57 5.29 52.93
C LYS A 772 -12.69 4.04 52.94
N LYS A 773 -11.59 4.11 53.68
CA LYS A 773 -10.67 3.00 53.84
C LYS A 773 -10.52 2.69 55.32
N TYR A 774 -10.11 1.47 55.61
CA TYR A 774 -10.00 0.98 56.97
C TYR A 774 -8.52 0.82 57.34
N ASP A 775 -8.28 0.46 58.60
CA ASP A 775 -6.92 0.30 59.09
C ASP A 775 -6.21 -0.81 58.34
N GLY A 776 -4.95 -0.55 57.97
CA GLY A 776 -4.15 -1.51 57.26
C GLY A 776 -4.28 -1.47 55.75
N ASP A 777 -5.17 -0.64 55.21
CA ASP A 777 -5.36 -0.53 53.77
C ASP A 777 -4.38 0.51 53.22
N LYS A 778 -3.39 0.04 52.48
CA LYS A 778 -2.41 0.93 51.86
C LYS A 778 -3.07 1.70 50.73
N ALA A 779 -3.27 3.01 50.93
CA ALA A 779 -3.92 3.85 49.94
C ALA A 779 -2.89 4.34 48.94
N GLU A 780 -2.68 3.54 47.88
CA GLU A 780 -1.84 3.96 46.77
C GLU A 780 -2.66 4.82 45.84
N GLN A 781 -2.44 6.14 45.89
CA GLN A 781 -3.28 7.07 45.15
C GLN A 781 -3.19 6.85 43.65
N PHE A 782 -1.98 6.60 43.14
CA PHE A 782 -1.73 6.52 41.71
C PHE A 782 -1.46 5.06 41.33
N GLN A 783 -2.27 4.54 40.41
CA GLN A 783 -2.12 3.21 39.86
C GLN A 783 -1.89 3.32 38.36
N PHE A 784 -1.10 2.41 37.81
CA PHE A 784 -0.89 2.43 36.37
C PHE A 784 -0.33 1.09 35.91
N ASN A 785 -0.43 0.87 34.61
CA ASN A 785 -0.05 -0.39 33.98
C ASN A 785 0.32 -0.09 32.54
N ILE A 786 1.57 -0.35 32.18
CA ILE A 786 2.08 -0.06 30.85
C ILE A 786 2.17 -1.37 30.08
N GLY A 787 1.22 -1.58 29.18
CA GLY A 787 1.24 -2.73 28.29
C GLY A 787 1.34 -4.08 28.97
N LYS A 788 0.28 -4.49 29.69
CA LYS A 788 0.31 -5.80 30.33
C LYS A 788 0.39 -6.93 29.30
N THR A 789 -0.14 -6.71 28.11
CA THR A 789 -0.08 -7.72 27.06
C THR A 789 1.35 -8.20 26.85
N GLU B 7 15.01 7.71 5.45
CA GLU B 7 14.61 8.27 4.16
C GLU B 7 15.26 9.63 3.92
N GLU B 8 15.93 9.76 2.79
CA GLU B 8 16.60 11.00 2.41
C GLU B 8 16.11 11.43 1.02
N ASP B 9 16.00 12.74 0.83
CA ASP B 9 15.41 13.30 -0.37
C ASP B 9 16.16 12.84 -1.62
N VAL B 10 15.57 13.11 -2.78
CA VAL B 10 16.14 12.65 -4.05
C VAL B 10 17.58 13.12 -4.20
N VAL B 11 17.85 14.37 -3.85
CA VAL B 11 19.20 14.89 -3.75
C VAL B 11 19.32 15.62 -2.43
N LYS B 12 20.49 15.51 -1.80
CA LYS B 12 20.77 16.35 -0.66
C LYS B 12 20.51 17.81 -1.03
N MET B 13 19.59 18.44 -0.30
CA MET B 13 19.14 19.78 -0.64
C MET B 13 20.35 20.69 -0.88
N SER B 14 20.34 21.37 -2.03
CA SER B 14 21.49 22.07 -2.60
C SER B 14 22.28 22.80 -1.52
N PRO B 15 23.59 22.55 -1.44
CA PRO B 15 24.39 23.17 -0.38
C PRO B 15 24.27 24.68 -0.42
N LEU B 16 24.27 25.28 0.76
CA LEU B 16 24.15 26.72 0.92
C LEU B 16 25.21 27.44 0.08
N PRO B 17 24.81 28.13 -0.99
CA PRO B 17 25.79 28.79 -1.85
C PRO B 17 26.48 29.95 -1.15
N THR B 18 27.76 29.79 -0.85
CA THR B 18 28.54 30.82 -0.17
C THR B 18 28.90 31.91 -1.17
N VAL B 19 28.35 33.10 -0.98
CA VAL B 19 28.63 34.24 -1.85
C VAL B 19 28.92 35.45 -0.97
N GLU B 20 29.68 36.38 -1.54
CA GLU B 20 30.05 37.61 -0.83
C GLU B 20 28.95 38.64 -1.06
N ASN B 21 28.15 38.89 -0.02
CA ASN B 21 27.06 39.83 -0.14
C ASN B 21 27.59 41.25 -0.29
N GLN B 22 27.12 41.95 -1.32
CA GLN B 22 27.54 43.32 -1.55
C GLN B 22 27.01 44.27 -0.49
N PHE B 23 25.98 43.87 0.25
CA PHE B 23 25.43 44.68 1.34
C PHE B 23 25.20 43.82 2.56
N THR B 24 24.55 44.38 3.59
CA THR B 24 24.24 43.67 4.83
C THR B 24 22.73 43.58 4.97
N PRO B 25 22.11 42.49 4.52
CA PRO B 25 20.67 42.33 4.67
C PRO B 25 20.31 42.04 6.13
N THR B 26 19.45 42.89 6.70
CA THR B 26 19.06 42.79 8.10
C THR B 26 17.54 42.86 8.21
N THR B 27 17.02 42.30 9.30
CA THR B 27 15.59 42.35 9.58
C THR B 27 15.27 43.68 10.26
N ALA B 28 14.54 44.54 9.56
CA ALA B 28 14.17 45.83 10.14
C ALA B 28 13.30 45.64 11.39
N TRP B 29 12.31 44.76 11.31
CA TRP B 29 11.54 44.41 12.50
C TRP B 29 10.95 43.01 12.33
N SER B 30 10.73 42.36 13.47
CA SER B 30 10.21 41.00 13.55
C SER B 30 9.00 40.98 14.47
N THR B 31 7.91 40.37 14.00
CA THR B 31 6.71 40.23 14.80
C THR B 31 6.16 38.81 14.62
N SER B 32 6.13 38.05 15.71
CA SER B 32 5.73 36.65 15.64
C SER B 32 4.23 36.52 15.52
N VAL B 33 3.80 35.47 14.83
CA VAL B 33 2.39 35.07 14.75
C VAL B 33 2.29 33.61 15.18
N GLY B 34 1.31 33.31 16.03
CA GLY B 34 1.24 32.03 16.70
C GLY B 34 1.17 30.80 15.81
N SER B 35 2.27 30.05 15.77
CA SER B 35 2.40 28.77 15.06
C SER B 35 2.44 28.97 13.55
N GLY B 36 2.19 30.20 13.11
CA GLY B 36 2.42 30.65 11.74
C GLY B 36 2.17 29.66 10.62
N ILE B 37 0.90 29.28 10.40
CA ILE B 37 0.44 28.42 9.32
C ILE B 37 1.03 27.03 9.49
N GLY B 38 2.34 26.95 9.70
CA GLY B 38 2.97 25.68 10.00
C GLY B 38 3.47 24.98 8.76
N ASN B 39 3.80 23.70 8.95
CA ASN B 39 4.23 22.84 7.85
C ASN B 39 3.21 22.85 6.72
N PHE B 40 1.93 22.97 7.06
CA PHE B 40 0.83 23.05 6.09
C PHE B 40 1.17 24.01 4.95
N TYR B 41 0.89 23.58 3.71
CA TYR B 41 1.16 24.40 2.54
C TYR B 41 0.01 25.37 2.33
N SER B 42 0.31 26.66 2.24
CA SER B 42 -0.73 27.67 2.08
C SER B 42 -0.15 28.86 1.33
N ASN B 43 -1.06 29.66 0.76
CA ASN B 43 -0.71 30.91 0.11
C ASN B 43 -0.73 32.09 1.08
N LEU B 44 -0.99 31.84 2.36
CA LEU B 44 -1.20 32.90 3.33
C LEU B 44 0.08 33.69 3.55
N HIS B 45 0.11 34.92 3.07
CA HIS B 45 1.26 35.80 3.15
C HIS B 45 0.80 37.18 3.57
N PRO B 46 1.70 38.00 4.13
CA PRO B 46 1.29 39.34 4.57
C PRO B 46 0.94 40.23 3.40
N ALA B 47 0.26 41.32 3.72
CA ALA B 47 -0.10 42.35 2.75
C ALA B 47 0.30 43.71 3.31
N LEU B 48 0.06 44.75 2.53
CA LEU B 48 0.42 46.11 2.92
C LEU B 48 -0.43 47.08 2.13
N ALA B 49 -1.26 47.85 2.82
CA ALA B 49 -2.16 48.78 2.12
C ALA B 49 -1.53 50.17 2.00
N ASP B 50 -1.31 50.84 3.12
CA ASP B 50 -0.57 52.10 3.12
C ASP B 50 0.66 52.04 4.01
N ASN B 51 0.50 51.72 5.29
CA ASN B 51 1.63 51.53 6.18
C ASN B 51 1.38 50.39 7.17
N VAL B 52 0.39 49.54 6.92
CA VAL B 52 -0.02 48.50 7.86
C VAL B 52 0.20 47.15 7.21
N VAL B 53 0.93 46.28 7.91
CA VAL B 53 1.18 44.92 7.47
C VAL B 53 0.11 44.03 8.09
N TYR B 54 -0.74 43.44 7.25
CA TYR B 54 -1.83 42.59 7.71
C TYR B 54 -1.42 41.14 7.54
N ALA B 55 -0.82 40.57 8.59
CA ALA B 55 -0.45 39.16 8.57
C ALA B 55 -1.57 38.34 9.15
N ALA B 56 -1.65 37.08 8.74
CA ALA B 56 -2.67 36.18 9.23
C ALA B 56 -2.03 34.86 9.66
N ASP B 57 -2.87 33.96 10.17
CA ASP B 57 -2.40 32.70 10.71
C ASP B 57 -3.41 31.61 10.40
N ARG B 58 -2.94 30.36 10.35
CA ARG B 58 -3.83 29.25 10.09
C ARG B 58 -4.85 29.10 11.22
N ALA B 59 -4.43 29.32 12.45
CA ALA B 59 -5.35 29.18 13.59
C ALA B 59 -6.45 30.23 13.59
N GLY B 60 -6.35 31.25 12.75
CA GLY B 60 -7.35 32.29 12.70
C GLY B 60 -6.95 33.60 13.34
N LEU B 61 -5.69 33.81 13.63
CA LEU B 61 -5.20 35.02 14.28
C LEU B 61 -4.68 35.96 13.21
N VAL B 62 -5.30 37.12 13.09
CA VAL B 62 -4.96 38.12 12.09
C VAL B 62 -4.46 39.37 12.81
N LYS B 63 -3.22 39.77 12.53
CA LYS B 63 -2.60 40.91 13.17
C LYS B 63 -2.31 41.98 12.13
N ALA B 64 -2.81 43.19 12.39
CA ALA B 64 -2.42 44.37 11.63
C ALA B 64 -1.34 45.09 12.44
N LEU B 65 -0.18 45.28 11.81
CA LEU B 65 1.02 45.78 12.47
C LEU B 65 1.48 47.05 11.76
N ASN B 66 2.23 47.87 12.49
CA ASN B 66 2.84 49.06 11.90
C ASN B 66 4.05 48.63 11.09
N ALA B 67 4.06 48.99 9.80
CA ALA B 67 5.14 48.54 8.92
C ALA B 67 6.49 49.14 9.27
N ASP B 68 6.51 50.28 9.96
CA ASP B 68 7.78 50.93 10.25
C ASP B 68 8.54 50.21 11.37
N ASP B 69 7.83 49.76 12.41
CA ASP B 69 8.49 49.16 13.56
C ASP B 69 7.87 47.84 14.02
N GLY B 70 6.82 47.36 13.38
CA GLY B 70 6.26 46.07 13.73
C GLY B 70 5.45 46.04 15.01
N LYS B 71 4.84 47.16 15.38
CA LYS B 71 3.99 47.21 16.57
C LYS B 71 2.56 46.84 16.20
N GLU B 72 1.91 46.07 17.07
CA GLU B 72 0.55 45.60 16.83
C GLU B 72 -0.41 46.78 16.78
N ILE B 73 -0.88 47.11 15.58
CA ILE B 73 -1.98 48.08 15.47
C ILE B 73 -3.26 47.47 16.01
N TRP B 74 -3.55 46.23 15.63
CA TRP B 74 -4.62 45.47 16.27
C TRP B 74 -4.42 43.99 15.97
N SER B 75 -5.17 43.16 16.69
CA SER B 75 -5.12 41.72 16.52
C SER B 75 -6.49 41.13 16.79
N VAL B 76 -6.91 40.20 15.94
CA VAL B 76 -8.22 39.56 16.05
C VAL B 76 -8.03 38.05 15.92
N SER B 77 -8.91 37.30 16.56
CA SER B 77 -8.96 35.84 16.45
C SER B 77 -10.22 35.46 15.71
N LEU B 78 -10.06 34.72 14.60
CA LEU B 78 -11.19 34.31 13.77
C LEU B 78 -11.68 32.91 14.08
N ALA B 79 -11.00 32.17 14.96
CA ALA B 79 -11.42 30.83 15.30
C ALA B 79 -12.74 30.86 16.08
N GLU B 80 -13.61 29.89 15.81
CA GLU B 80 -14.92 29.79 16.43
C GLU B 80 -14.92 28.57 17.35
N LYS B 81 -14.50 28.77 18.59
CA LYS B 81 -14.49 27.69 19.57
C LYS B 81 -15.92 27.34 19.99
N ASP B 82 -16.12 26.05 20.28
CA ASP B 82 -17.42 25.53 20.71
C ASP B 82 -17.25 24.85 22.05
N GLY B 83 -17.69 25.51 23.12
CA GLY B 83 -17.56 24.96 24.45
C GLY B 83 -16.11 24.74 24.83
N TRP B 84 -15.84 23.62 25.48
CA TRP B 84 -14.48 23.22 25.84
C TRP B 84 -14.20 21.78 25.42
N PHE B 85 -14.88 21.31 24.38
CA PHE B 85 -14.68 19.96 23.85
C PHE B 85 -13.86 19.96 22.57
N SER B 86 -14.24 20.79 21.60
CA SER B 86 -13.57 20.86 20.30
C SER B 86 -13.20 22.30 20.00
N LYS B 87 -12.05 22.48 19.34
CA LYS B 87 -11.61 23.77 18.86
C LYS B 87 -11.63 23.78 17.34
N GLU B 88 -12.05 24.92 16.77
CA GLU B 88 -12.18 25.06 15.32
C GLU B 88 -11.28 26.19 14.83
N PRO B 89 -10.03 25.90 14.49
CA PRO B 89 -9.18 26.93 13.87
C PRO B 89 -9.78 27.36 12.53
N ALA B 90 -9.61 28.65 12.23
CA ALA B 90 -10.20 29.20 11.01
C ALA B 90 -9.59 28.61 9.75
N LEU B 91 -8.39 28.03 9.83
CA LEU B 91 -7.71 27.42 8.69
C LEU B 91 -7.54 28.41 7.55
N LEU B 92 -7.03 29.60 7.89
CA LEU B 92 -6.79 30.64 6.89
C LEU B 92 -5.70 30.19 5.93
N SER B 93 -6.01 30.14 4.65
CA SER B 93 -5.05 29.76 3.63
C SER B 93 -4.94 30.79 2.52
N GLY B 94 -6.04 31.42 2.13
CA GLY B 94 -5.99 32.48 1.15
C GLY B 94 -5.16 33.65 1.63
N GLY B 95 -4.21 34.09 0.81
CA GLY B 95 -3.31 35.15 1.25
C GLY B 95 -4.05 36.44 1.52
N VAL B 96 -3.52 37.22 2.46
CA VAL B 96 -4.16 38.47 2.83
C VAL B 96 -4.08 39.45 1.67
N THR B 97 -5.22 40.03 1.31
CA THR B 97 -5.30 41.04 0.26
C THR B 97 -6.08 42.22 0.78
N VAL B 98 -5.44 43.39 0.81
CA VAL B 98 -6.04 44.61 1.37
C VAL B 98 -5.96 45.67 0.29
N SER B 99 -7.07 45.96 -0.37
CA SER B 99 -7.11 47.00 -1.39
C SER B 99 -8.05 48.14 -1.02
N GLY B 100 -9.32 47.85 -0.76
CA GLY B 100 -10.30 48.90 -0.55
C GLY B 100 -10.64 49.14 0.91
N GLY B 101 -9.63 49.15 1.77
CA GLY B 101 -9.85 49.34 3.19
C GLY B 101 -10.38 48.12 3.91
N HIS B 102 -10.39 46.95 3.26
CA HIS B 102 -10.83 45.72 3.86
C HIS B 102 -9.73 44.67 3.71
N VAL B 103 -9.61 43.82 4.72
CA VAL B 103 -8.66 42.71 4.71
C VAL B 103 -9.41 41.46 4.29
N TYR B 104 -9.06 40.91 3.13
CA TYR B 104 -9.75 39.75 2.58
C TYR B 104 -8.88 38.52 2.79
N ILE B 105 -9.42 37.52 3.49
CA ILE B 105 -8.67 36.33 3.84
C ILE B 105 -9.53 35.11 3.51
N GLY B 106 -9.00 34.21 2.70
CA GLY B 106 -9.66 32.95 2.47
C GLY B 106 -9.30 31.91 3.50
N SER B 107 -10.17 30.91 3.64
CA SER B 107 -9.93 29.84 4.59
C SER B 107 -10.29 28.50 3.95
N GLU B 108 -9.69 27.44 4.48
CA GLU B 108 -9.96 26.10 3.99
C GLU B 108 -11.32 25.58 4.44
N LYS B 109 -12.00 26.29 5.34
CA LYS B 109 -13.38 25.98 5.69
C LYS B 109 -14.37 26.56 4.69
N ALA B 110 -13.88 26.94 3.51
CA ALA B 110 -14.70 27.55 2.45
C ALA B 110 -15.36 28.84 2.93
N GLN B 111 -14.71 29.55 3.83
CA GLN B 111 -15.19 30.84 4.32
C GLN B 111 -14.18 31.91 3.97
N VAL B 112 -14.64 32.97 3.32
CA VAL B 112 -13.82 34.14 3.04
C VAL B 112 -14.29 35.27 3.94
N TYR B 113 -13.35 35.85 4.68
CA TYR B 113 -13.64 36.89 5.66
C TYR B 113 -13.08 38.21 5.17
N ALA B 114 -13.91 39.25 5.18
CA ALA B 114 -13.47 40.62 4.99
C ALA B 114 -13.54 41.30 6.35
N LEU B 115 -12.38 41.71 6.85
CA LEU B 115 -12.24 42.40 8.11
C LEU B 115 -12.01 43.88 7.85
N ASN B 116 -12.28 44.70 8.85
CA ASN B 116 -12.07 46.14 8.74
C ASN B 116 -10.66 46.49 9.17
N THR B 117 -9.97 47.27 8.34
CA THR B 117 -8.61 47.70 8.68
C THR B 117 -8.58 48.64 9.88
N SER B 118 -9.70 49.28 10.20
CA SER B 118 -9.72 50.24 11.30
C SER B 118 -9.52 49.57 12.65
N ASP B 119 -10.27 48.50 12.90
CA ASP B 119 -10.23 47.81 14.19
C ASP B 119 -10.04 46.31 14.10
N GLY B 120 -10.35 45.69 12.98
CA GLY B 120 -10.24 44.25 12.83
C GLY B 120 -11.54 43.49 12.95
N THR B 121 -12.66 44.18 13.15
CA THR B 121 -13.94 43.49 13.20
C THR B 121 -14.28 42.90 11.84
N VAL B 122 -15.04 41.81 11.86
CA VAL B 122 -15.40 41.10 10.64
C VAL B 122 -16.45 41.90 9.88
N ALA B 123 -16.04 42.59 8.82
CA ALA B 123 -16.99 43.33 8.01
C ALA B 123 -18.02 42.40 7.40
N TRP B 124 -17.58 41.27 6.85
CA TRP B 124 -18.50 40.23 6.41
C TRP B 124 -17.75 38.93 6.25
N GLN B 125 -18.51 37.85 6.04
CA GLN B 125 -17.96 36.52 5.90
C GLN B 125 -18.90 35.72 5.02
N THR B 126 -18.36 35.04 4.02
CA THR B 126 -19.18 34.32 3.05
C THR B 126 -18.66 32.92 2.83
N LYS B 127 -19.59 31.97 2.81
CA LYS B 127 -19.27 30.58 2.46
C LYS B 127 -19.16 30.44 0.95
N VAL B 128 -18.12 29.73 0.50
CA VAL B 128 -17.88 29.56 -0.92
C VAL B 128 -17.86 28.08 -1.27
N ALA B 129 -17.59 27.75 -2.54
CA ALA B 129 -17.73 26.37 -3.01
C ALA B 129 -16.75 25.44 -2.29
N GLY B 130 -15.50 25.86 -2.15
CA GLY B 130 -14.50 25.00 -1.54
C GLY B 130 -13.44 25.78 -0.80
N GLU B 131 -12.32 25.14 -0.50
CA GLU B 131 -11.25 25.82 0.22
C GLU B 131 -10.72 26.99 -0.60
N ALA B 132 -10.81 28.19 -0.03
CA ALA B 132 -10.35 29.40 -0.72
C ALA B 132 -8.82 29.48 -0.64
N LEU B 133 -8.18 28.59 -1.39
CA LEU B 133 -6.72 28.51 -1.37
C LEU B 133 -6.06 29.64 -2.13
N SER B 134 -6.79 30.33 -3.00
CA SER B 134 -6.21 31.38 -3.81
C SER B 134 -6.24 32.72 -3.08
N ARG B 135 -5.49 33.67 -3.63
CA ARG B 135 -5.55 35.03 -3.12
C ARG B 135 -6.92 35.64 -3.43
N PRO B 136 -7.62 36.15 -2.43
CA PRO B 136 -8.87 36.87 -2.72
C PRO B 136 -8.58 38.20 -3.39
N VAL B 137 -8.31 38.16 -4.70
CA VAL B 137 -7.96 39.38 -5.41
C VAL B 137 -9.15 40.32 -5.44
N VAL B 138 -8.88 41.62 -5.47
CA VAL B 138 -9.92 42.63 -5.43
C VAL B 138 -9.83 43.48 -6.70
N SER B 139 -10.95 43.64 -7.38
CA SER B 139 -10.97 44.33 -8.66
C SER B 139 -12.41 44.64 -9.05
N ASP B 140 -12.63 45.86 -9.56
CA ASP B 140 -13.92 46.28 -10.08
C ASP B 140 -15.04 46.11 -9.04
N GLY B 141 -14.73 46.45 -7.79
CA GLY B 141 -15.71 46.29 -6.73
C GLY B 141 -16.11 44.86 -6.45
N LEU B 142 -15.23 43.91 -6.78
CA LEU B 142 -15.52 42.49 -6.62
C LEU B 142 -14.32 41.80 -5.99
N VAL B 143 -14.57 40.72 -5.26
CA VAL B 143 -13.52 39.91 -4.67
C VAL B 143 -13.58 38.55 -5.35
N LEU B 144 -12.51 38.21 -6.07
CA LEU B 144 -12.44 36.98 -6.82
C LEU B 144 -11.53 36.00 -6.09
N ILE B 145 -12.03 34.78 -5.90
CA ILE B 145 -11.26 33.70 -5.29
C ILE B 145 -11.38 32.47 -6.18
N HIS B 146 -10.41 31.58 -6.05
CA HIS B 146 -10.38 30.32 -6.78
C HIS B 146 -10.37 29.20 -5.74
N THR B 147 -11.53 28.61 -5.52
CA THR B 147 -11.66 27.60 -4.48
C THR B 147 -10.95 26.31 -4.89
N SER B 148 -10.55 25.52 -3.89
CA SER B 148 -9.91 24.25 -4.17
C SER B 148 -10.85 23.28 -4.87
N ASN B 149 -12.17 23.48 -4.71
CA ASN B 149 -13.14 22.66 -5.41
C ASN B 149 -13.03 22.82 -6.92
N GLY B 150 -12.50 23.96 -7.38
CA GLY B 150 -12.40 24.23 -8.79
C GLY B 150 -13.32 25.32 -9.30
N GLN B 151 -13.96 26.07 -8.41
CA GLN B 151 -14.91 27.11 -8.79
C GLN B 151 -14.26 28.47 -8.61
N LEU B 152 -14.25 29.26 -9.68
CA LEU B 152 -13.87 30.66 -9.59
C LEU B 152 -15.09 31.47 -9.18
N GLN B 153 -15.03 32.07 -7.99
CA GLN B 153 -16.18 32.77 -7.45
C GLN B 153 -15.87 34.25 -7.26
N ALA B 154 -16.76 35.10 -7.74
CA ALA B 154 -16.68 36.54 -7.51
C ALA B 154 -17.80 36.94 -6.55
N LEU B 155 -17.42 37.70 -5.52
CA LEU B 155 -18.28 38.04 -4.40
C LEU B 155 -18.31 39.55 -4.26
N ASN B 156 -19.45 40.07 -3.79
CA ASN B 156 -19.57 41.51 -3.61
C ASN B 156 -18.53 42.02 -2.64
N GLU B 157 -17.94 43.18 -2.96
CA GLU B 157 -16.86 43.72 -2.15
C GLU B 157 -17.33 44.09 -0.75
N ALA B 158 -18.53 44.68 -0.65
CA ALA B 158 -19.07 45.12 0.63
C ALA B 158 -20.18 44.21 1.14
N ASP B 159 -21.14 43.85 0.29
CA ASP B 159 -22.23 43.00 0.74
C ASP B 159 -21.72 41.61 1.11
N GLY B 160 -20.82 41.06 0.30
CA GLY B 160 -20.24 39.76 0.58
C GLY B 160 -20.93 38.59 -0.07
N ALA B 161 -22.13 38.78 -0.60
CA ALA B 161 -22.80 37.69 -1.30
C ALA B 161 -22.09 37.37 -2.60
N VAL B 162 -22.11 36.10 -2.98
CA VAL B 162 -21.43 35.67 -4.21
C VAL B 162 -22.16 36.28 -5.41
N LYS B 163 -21.43 37.09 -6.17
CA LYS B 163 -22.02 37.65 -7.38
C LYS B 163 -22.16 36.58 -8.46
N TRP B 164 -21.12 35.78 -8.66
CA TRP B 164 -21.22 34.69 -9.63
C TRP B 164 -20.19 33.61 -9.31
N THR B 165 -20.41 32.44 -9.90
CA THR B 165 -19.55 31.28 -9.73
C THR B 165 -19.41 30.57 -11.06
N VAL B 166 -18.17 30.29 -11.45
CA VAL B 166 -17.87 29.61 -12.70
C VAL B 166 -17.13 28.32 -12.38
N ASN B 167 -17.64 27.20 -12.88
CA ASN B 167 -17.03 25.91 -12.63
C ASN B 167 -15.88 25.68 -13.60
N LEU B 168 -14.74 25.26 -13.07
CA LEU B 168 -13.58 24.89 -13.87
C LEU B 168 -13.28 23.41 -13.67
N ASP B 169 -12.78 22.78 -14.73
CA ASP B 169 -12.49 21.36 -14.68
C ASP B 169 -11.35 21.08 -13.70
N MET B 170 -11.50 20.02 -12.92
CA MET B 170 -10.51 19.62 -11.94
C MET B 170 -10.04 18.20 -12.24
N PRO B 171 -8.74 17.96 -12.34
CA PRO B 171 -8.25 16.60 -12.61
C PRO B 171 -8.47 15.69 -11.41
N SER B 172 -8.20 14.40 -11.63
CA SER B 172 -8.30 13.44 -10.54
C SER B 172 -7.30 13.77 -9.44
N LEU B 173 -6.08 14.11 -9.82
CA LEU B 173 -5.05 14.56 -8.90
C LEU B 173 -4.58 15.94 -9.34
N SER B 174 -4.22 16.78 -8.37
CA SER B 174 -3.77 18.12 -8.65
C SER B 174 -2.69 18.48 -7.65
N LEU B 175 -2.30 19.76 -7.64
CA LEU B 175 -1.31 20.27 -6.71
C LEU B 175 -1.99 21.24 -5.75
N ARG B 176 -1.51 21.24 -4.50
CA ARG B 176 -2.10 22.12 -3.49
C ARG B 176 -1.92 23.57 -3.89
N GLY B 177 -2.98 24.35 -3.73
CA GLY B 177 -2.97 25.73 -4.13
C GLY B 177 -3.76 25.95 -5.40
N GLU B 178 -4.34 27.14 -5.53
CA GLU B 178 -5.13 27.51 -6.69
C GLU B 178 -4.62 28.83 -7.25
N SER B 179 -4.79 28.99 -8.56
CA SER B 179 -4.30 30.20 -9.23
C SER B 179 -5.16 31.39 -8.85
N ALA B 180 -4.53 32.41 -8.30
CA ALA B 180 -5.24 33.65 -8.01
C ALA B 180 -5.59 34.36 -9.31
N PRO B 181 -6.82 34.85 -9.45
CA PRO B 181 -7.20 35.55 -10.68
C PRO B 181 -6.41 36.83 -10.86
N THR B 182 -6.21 37.19 -12.13
CA THR B 182 -5.64 38.48 -12.49
C THR B 182 -6.65 39.21 -13.38
N THR B 183 -6.77 40.52 -13.18
CA THR B 183 -7.81 41.27 -13.86
C THR B 183 -7.20 42.34 -14.75
N ALA B 184 -7.75 42.47 -15.95
CA ALA B 184 -7.30 43.48 -16.89
C ALA B 184 -8.40 43.74 -17.90
N PHE B 185 -8.76 45.02 -18.07
CA PHE B 185 -9.77 45.44 -19.04
C PHE B 185 -11.09 44.71 -18.84
N GLY B 186 -11.47 44.52 -17.57
CA GLY B 186 -12.71 43.82 -17.27
C GLY B 186 -12.69 42.34 -17.58
N ALA B 187 -11.51 41.76 -17.74
CA ALA B 187 -11.37 40.34 -18.02
C ALA B 187 -10.56 39.70 -16.91
N ALA B 188 -11.09 38.64 -16.31
CA ALA B 188 -10.43 37.90 -15.24
C ALA B 188 -9.82 36.64 -15.81
N VAL B 189 -8.52 36.46 -15.62
CA VAL B 189 -7.77 35.33 -16.11
C VAL B 189 -7.35 34.49 -14.92
N VAL B 190 -7.67 33.19 -14.97
CA VAL B 190 -7.34 32.24 -13.91
C VAL B 190 -6.64 31.06 -14.53
N GLY B 191 -5.88 30.36 -13.70
CA GLY B 191 -5.23 29.14 -14.14
C GLY B 191 -5.91 27.91 -13.57
N GLY B 192 -6.65 27.19 -14.40
CA GLY B 192 -7.27 25.96 -13.94
C GLY B 192 -6.25 24.90 -13.60
N ASP B 193 -6.66 23.97 -12.76
CA ASP B 193 -5.76 22.89 -12.36
C ASP B 193 -5.58 21.84 -13.45
N ASN B 194 -6.31 21.93 -14.55
CA ASN B 194 -6.17 20.98 -15.65
C ASN B 194 -5.33 21.52 -16.79
N GLY B 195 -4.59 22.60 -16.56
CA GLY B 195 -3.76 23.21 -17.58
C GLY B 195 -4.46 24.24 -18.43
N ARG B 196 -5.75 24.46 -18.24
CA ARG B 196 -6.51 25.41 -19.04
C ARG B 196 -6.45 26.78 -18.36
N VAL B 197 -5.81 27.74 -19.01
CA VAL B 197 -5.90 29.13 -18.60
C VAL B 197 -7.19 29.72 -19.17
N SER B 198 -8.02 30.29 -18.31
CA SER B 198 -9.37 30.68 -18.66
C SER B 198 -9.58 32.15 -18.37
N ALA B 199 -10.10 32.89 -19.35
CA ALA B 199 -10.49 34.28 -19.17
C ALA B 199 -12.01 34.37 -19.26
N VAL B 200 -12.60 35.06 -18.28
CA VAL B 200 -14.04 35.26 -18.18
C VAL B 200 -14.31 36.74 -17.95
N LEU B 201 -15.57 37.14 -18.09
CA LEU B 201 -15.94 38.52 -17.83
C LEU B 201 -15.85 38.83 -16.34
N MET B 202 -15.91 40.13 -16.04
CA MET B 202 -15.82 40.64 -14.68
C MET B 202 -17.17 41.06 -14.13
N GLU B 203 -18.26 40.77 -14.84
CA GLU B 203 -19.60 41.16 -14.41
C GLU B 203 -20.45 39.96 -14.05
N GLN B 204 -20.65 39.01 -14.98
CA GLN B 204 -21.30 37.75 -14.67
C GLN B 204 -20.43 36.54 -14.99
N GLY B 205 -19.30 36.73 -15.66
CA GLY B 205 -18.32 35.67 -15.79
C GLY B 205 -18.53 34.68 -16.90
N GLN B 206 -19.15 35.09 -18.01
CA GLN B 206 -19.27 34.17 -19.14
C GLN B 206 -17.89 33.95 -19.75
N MET B 207 -17.71 32.78 -20.34
CA MET B 207 -16.41 32.31 -20.80
C MET B 207 -15.93 33.16 -21.97
N ILE B 208 -14.96 34.04 -21.74
CA ILE B 208 -14.34 34.73 -22.86
C ILE B 208 -13.54 33.74 -23.69
N TRP B 209 -12.65 32.99 -23.06
CA TRP B 209 -11.89 31.96 -23.77
C TRP B 209 -11.23 31.05 -22.75
N GLN B 210 -10.74 29.91 -23.25
CA GLN B 210 -10.04 28.94 -22.43
C GLN B 210 -9.03 28.24 -23.32
N GLN B 211 -7.75 28.29 -22.93
CA GLN B 211 -6.69 27.71 -23.74
C GLN B 211 -5.82 26.79 -22.90
N ARG B 212 -5.55 25.60 -23.41
CA ARG B 212 -4.63 24.69 -22.76
C ARG B 212 -3.20 25.15 -23.00
N ILE B 213 -2.41 25.21 -21.93
CA ILE B 213 -1.03 25.66 -22.00
C ILE B 213 -0.04 24.61 -21.54
N SER B 214 -0.52 23.46 -21.08
CA SER B 214 0.36 22.43 -20.51
C SER B 214 0.60 21.35 -21.56
N GLN B 215 1.88 21.07 -21.82
CA GLN B 215 2.28 19.95 -22.67
C GLN B 215 2.25 18.63 -21.92
N ALA B 216 1.68 18.61 -20.73
CA ALA B 216 1.68 17.43 -19.87
C ALA B 216 0.61 16.43 -20.32
N THR B 217 0.35 15.43 -19.47
CA THR B 217 -0.52 14.28 -19.66
C THR B 217 0.15 13.26 -20.60
N GLY B 218 1.32 13.57 -21.15
CA GLY B 218 2.02 12.60 -21.97
C GLY B 218 2.49 11.39 -21.17
N SER B 219 2.95 11.63 -19.93
CA SER B 219 3.38 10.52 -19.08
C SER B 219 2.23 9.60 -18.70
N THR B 220 0.99 10.11 -18.69
CA THR B 220 -0.20 9.32 -18.33
C THR B 220 -0.04 8.67 -16.96
N GLU B 221 0.45 9.45 -16.00
CA GLU B 221 0.65 8.96 -14.64
C GLU B 221 0.16 10.03 -13.67
N ILE B 222 0.49 9.85 -12.39
CA ILE B 222 0.14 10.80 -11.34
C ILE B 222 1.34 11.67 -10.98
N ASP B 223 2.23 11.91 -11.94
CA ASP B 223 3.45 12.68 -11.75
C ASP B 223 3.51 13.94 -12.59
N ARG B 224 2.91 13.92 -13.78
CA ARG B 224 2.96 15.01 -14.74
C ARG B 224 1.81 16.00 -14.58
N LEU B 225 1.29 16.15 -13.36
CA LEU B 225 0.18 17.04 -13.06
C LEU B 225 0.31 18.36 -13.81
N SER B 226 -0.76 18.77 -14.46
CA SER B 226 -0.74 19.93 -15.36
C SER B 226 -1.39 21.15 -14.73
N ASP B 227 -1.20 21.34 -13.43
CA ASP B 227 -1.83 22.44 -12.74
C ASP B 227 -1.23 23.77 -13.16
N VAL B 228 -2.09 24.79 -13.27
CA VAL B 228 -1.65 26.16 -13.42
C VAL B 228 -1.90 26.86 -12.09
N ASP B 229 -0.92 26.83 -11.19
CA ASP B 229 -1.10 27.34 -9.84
C ASP B 229 -0.45 28.70 -9.64
N THR B 230 0.00 29.34 -10.72
CA THR B 230 0.59 30.67 -10.66
C THR B 230 -0.43 31.71 -11.09
N THR B 231 -0.33 32.89 -10.51
CA THR B 231 -1.15 34.00 -10.97
C THR B 231 -0.67 34.46 -12.33
N PRO B 232 -1.50 34.44 -13.36
CA PRO B 232 -1.07 34.98 -14.65
C PRO B 232 -0.83 36.48 -14.54
N VAL B 233 0.06 36.98 -15.37
CA VAL B 233 0.43 38.40 -15.37
C VAL B 233 0.06 38.97 -16.72
N VAL B 234 -0.66 40.09 -16.72
CA VAL B 234 -1.11 40.74 -17.95
C VAL B 234 -0.22 41.95 -18.17
N VAL B 235 0.58 41.92 -19.25
CA VAL B 235 1.43 43.04 -19.63
C VAL B 235 1.23 43.31 -21.11
N ASN B 236 0.91 44.57 -21.44
CA ASN B 236 0.71 45.00 -22.82
C ASN B 236 -0.35 44.16 -23.52
N GLY B 237 -1.40 43.80 -22.78
CA GLY B 237 -2.46 42.99 -23.35
C GLY B 237 -2.08 41.56 -23.63
N VAL B 238 -1.01 41.06 -23.03
CA VAL B 238 -0.56 39.69 -23.20
C VAL B 238 -0.55 39.01 -21.85
N VAL B 239 -1.12 37.81 -21.77
CA VAL B 239 -1.26 37.07 -20.53
C VAL B 239 -0.16 36.03 -20.46
N PHE B 240 0.68 36.12 -19.43
CA PHE B 240 1.72 35.14 -19.18
C PHE B 240 1.25 34.20 -18.07
N ALA B 241 1.27 32.91 -18.36
CA ALA B 241 0.88 31.88 -17.41
C ALA B 241 1.96 30.82 -17.38
N LEU B 242 2.02 30.09 -16.26
CA LEU B 242 3.08 29.12 -16.02
C LEU B 242 2.45 27.91 -15.33
N ALA B 243 2.17 26.86 -16.10
CA ALA B 243 1.61 25.64 -15.56
C ALA B 243 2.68 24.84 -14.83
N TYR B 244 2.30 23.68 -14.32
CA TYR B 244 3.23 22.75 -13.69
C TYR B 244 3.49 21.61 -14.67
N ASN B 245 4.77 21.31 -14.88
CA ASN B 245 5.17 20.34 -15.91
C ASN B 245 4.60 20.70 -17.27
N GLY B 246 4.43 22.00 -17.50
CA GLY B 246 3.83 22.49 -18.73
C GLY B 246 4.70 23.49 -19.45
N ASN B 247 4.09 24.56 -19.95
CA ASN B 247 4.77 25.57 -20.74
C ASN B 247 4.53 26.95 -20.15
N LEU B 248 5.60 27.72 -19.98
CA LEU B 248 5.46 29.14 -19.75
C LEU B 248 4.93 29.79 -21.02
N THR B 249 3.65 30.15 -21.03
CA THR B 249 2.98 30.56 -22.25
C THR B 249 2.54 32.01 -22.15
N ALA B 250 2.87 32.79 -23.18
CA ALA B 250 2.29 34.10 -23.38
C ALA B 250 1.19 33.96 -24.43
N LEU B 251 -0.01 34.45 -24.10
CA LEU B 251 -1.20 34.29 -24.90
C LEU B 251 -1.85 35.65 -25.12
N ASP B 252 -2.64 35.74 -26.18
CA ASP B 252 -3.40 36.96 -26.43
C ASP B 252 -4.55 37.06 -25.44
N LEU B 253 -4.67 38.21 -24.79
CA LEU B 253 -5.72 38.37 -23.78
C LEU B 253 -7.11 38.30 -24.40
N ARG B 254 -7.30 38.95 -25.56
CA ARG B 254 -8.63 39.02 -26.15
C ARG B 254 -9.03 37.70 -26.79
N SER B 255 -8.10 37.06 -27.52
CA SER B 255 -8.43 35.88 -28.30
C SER B 255 -8.06 34.58 -27.60
N GLY B 256 -7.03 34.57 -26.76
CA GLY B 256 -6.59 33.36 -26.12
C GLY B 256 -5.55 32.57 -26.89
N GLN B 257 -5.23 32.99 -28.11
CA GLN B 257 -4.20 32.31 -28.88
C GLN B 257 -2.83 32.55 -28.26
N ILE B 258 -1.98 31.54 -28.34
CA ILE B 258 -0.67 31.57 -27.70
C ILE B 258 0.27 32.47 -28.49
N MET B 259 0.74 33.54 -27.86
CA MET B 259 1.77 34.37 -28.48
C MET B 259 3.06 33.58 -28.64
N TRP B 260 3.48 32.89 -27.57
CA TRP B 260 4.64 32.01 -27.62
C TRP B 260 4.62 31.12 -26.40
N LYS B 261 5.50 30.12 -26.40
CA LYS B 261 5.55 29.13 -25.33
C LYS B 261 6.98 28.69 -25.09
N ARG B 262 7.28 28.38 -23.83
CA ARG B 262 8.56 27.81 -23.43
C ARG B 262 8.32 26.55 -22.62
N GLU B 263 9.28 25.63 -22.69
CA GLU B 263 9.19 24.34 -22.00
C GLU B 263 9.58 24.53 -20.53
N LEU B 264 8.75 25.27 -19.80
CA LEU B 264 8.95 25.54 -18.39
C LEU B 264 7.67 25.27 -17.62
N GLY B 265 7.81 24.66 -16.45
CA GLY B 265 6.68 24.37 -15.60
C GLY B 265 6.93 24.74 -14.16
N SER B 266 6.00 25.46 -13.53
CA SER B 266 6.19 25.88 -12.15
C SER B 266 4.85 26.23 -11.53
N VAL B 267 4.85 26.29 -10.20
CA VAL B 267 3.66 26.66 -9.44
C VAL B 267 3.99 27.83 -8.53
N ASN B 268 4.96 28.65 -8.94
CA ASN B 268 5.38 29.82 -8.19
C ASN B 268 5.18 31.07 -9.03
N ASP B 269 4.70 32.14 -8.40
CA ASP B 269 4.43 33.37 -9.13
C ASP B 269 5.72 33.94 -9.71
N PHE B 270 5.59 34.58 -10.87
CA PHE B 270 6.72 35.13 -11.60
C PHE B 270 6.50 36.61 -11.87
N ILE B 271 7.61 37.35 -11.92
CA ILE B 271 7.57 38.79 -12.14
C ILE B 271 7.73 39.06 -13.62
N VAL B 272 6.88 39.92 -14.17
CA VAL B 272 6.97 40.33 -15.57
C VAL B 272 7.12 41.84 -15.57
N ASP B 273 8.32 42.33 -15.84
CA ASP B 273 8.57 43.77 -15.83
C ASP B 273 9.51 44.14 -16.97
N GLY B 274 9.25 45.29 -17.58
CA GLY B 274 10.06 45.77 -18.67
C GLY B 274 10.08 44.82 -19.84
N ASN B 275 11.23 44.18 -20.07
CA ASN B 275 11.38 43.16 -21.11
C ASN B 275 11.86 41.85 -20.52
N ARG B 276 11.54 41.61 -19.24
CA ARG B 276 12.07 40.47 -18.50
C ARG B 276 10.96 39.75 -17.74
N ILE B 277 11.13 38.44 -17.60
CA ILE B 277 10.25 37.60 -16.80
C ILE B 277 11.14 36.74 -15.90
N TYR B 278 10.98 36.88 -14.59
CA TYR B 278 11.76 36.15 -13.62
C TYR B 278 10.85 35.15 -12.90
N LEU B 279 11.22 33.88 -12.93
CA LEU B 279 10.39 32.82 -12.37
C LEU B 279 11.26 31.82 -11.64
N VAL B 280 10.61 31.00 -10.81
CA VAL B 280 11.26 29.91 -10.11
C VAL B 280 10.67 28.61 -10.64
N ASP B 281 11.52 27.75 -11.18
CA ASP B 281 11.06 26.52 -11.82
C ASP B 281 10.49 25.56 -10.79
N GLN B 282 9.84 24.51 -11.28
CA GLN B 282 9.33 23.47 -10.39
C GLN B 282 10.47 22.75 -9.67
N ASN B 283 11.64 22.68 -10.30
CA ASN B 283 12.84 22.20 -9.64
C ASN B 283 13.52 23.27 -8.79
N ASP B 284 12.81 24.36 -8.50
CA ASP B 284 13.33 25.46 -7.70
C ASP B 284 14.56 26.08 -8.35
N ARG B 285 14.46 26.27 -9.67
CA ARG B 285 15.52 26.79 -10.50
C ARG B 285 15.12 28.18 -10.99
N VAL B 286 15.96 29.18 -10.72
CA VAL B 286 15.59 30.57 -10.93
C VAL B 286 15.95 30.96 -12.36
N MET B 287 14.93 31.19 -13.19
CA MET B 287 15.15 31.45 -14.61
C MET B 287 14.60 32.82 -14.98
N ALA B 288 15.39 33.57 -15.76
CA ALA B 288 14.95 34.83 -16.31
C ALA B 288 14.94 34.72 -17.83
N LEU B 289 13.82 35.15 -18.43
CA LEU B 289 13.54 35.00 -19.85
C LEU B 289 13.12 36.35 -20.41
N THR B 290 13.14 36.45 -21.74
CA THR B 290 12.62 37.63 -22.41
C THR B 290 11.11 37.54 -22.54
N ILE B 291 10.50 38.67 -22.92
CA ILE B 291 9.06 38.75 -23.12
C ILE B 291 8.73 38.62 -24.61
N ASP B 292 9.61 39.15 -25.45
CA ASP B 292 9.31 39.19 -26.89
C ASP B 292 9.19 37.79 -27.47
N GLY B 293 10.04 36.86 -27.05
CA GLY B 293 9.98 35.51 -27.58
C GLY B 293 10.19 34.45 -26.52
N GLY B 294 10.35 34.86 -25.27
CA GLY B 294 10.58 33.92 -24.21
C GLY B 294 11.98 33.34 -24.16
N VAL B 295 12.95 33.99 -24.80
CA VAL B 295 14.31 33.49 -24.80
C VAL B 295 14.87 33.59 -23.40
N THR B 296 15.34 32.46 -22.87
CA THR B 296 15.86 32.40 -21.50
C THR B 296 17.15 33.21 -21.41
N LEU B 297 17.12 34.32 -20.67
CA LEU B 297 18.31 35.14 -20.54
C LEU B 297 19.33 34.50 -19.60
N TRP B 298 18.87 33.96 -18.47
CA TRP B 298 19.82 33.27 -17.60
C TRP B 298 19.09 32.28 -16.72
N THR B 299 19.87 31.38 -16.12
CA THR B 299 19.35 30.28 -15.32
C THR B 299 20.26 30.04 -14.13
N GLN B 300 19.66 29.85 -12.97
CA GLN B 300 20.36 29.55 -11.73
C GLN B 300 19.87 28.22 -11.19
N SER B 301 20.76 27.23 -11.18
CA SER B 301 20.45 25.91 -10.66
C SER B 301 21.17 25.62 -9.35
N ASP B 302 21.90 26.61 -8.81
CA ASP B 302 22.58 26.42 -7.54
C ASP B 302 21.62 26.21 -6.39
N LEU B 303 20.38 26.67 -6.52
CA LEU B 303 19.34 26.45 -5.52
C LEU B 303 18.40 25.32 -5.90
N LEU B 304 18.92 24.31 -6.58
CA LEU B 304 18.08 23.22 -7.07
C LEU B 304 17.51 22.42 -5.90
N HIS B 305 16.20 22.14 -5.96
CA HIS B 305 15.51 21.34 -4.95
C HIS B 305 15.69 21.92 -3.56
N ARG B 306 15.64 23.26 -3.45
CA ARG B 306 15.73 23.92 -2.15
C ARG B 306 14.39 24.49 -1.70
N LEU B 307 13.31 24.18 -2.42
CA LEU B 307 11.96 24.60 -2.04
C LEU B 307 11.86 26.11 -1.92
N LEU B 308 12.18 26.79 -3.01
CA LEU B 308 12.18 28.24 -3.03
C LEU B 308 10.76 28.78 -3.00
N THR B 309 10.63 30.02 -2.53
CA THR B 309 9.37 30.72 -2.56
C THR B 309 9.26 31.50 -3.87
N SER B 310 8.13 32.14 -4.09
CA SER B 310 7.96 32.96 -5.28
C SER B 310 8.89 34.15 -5.22
N PRO B 311 9.64 34.44 -6.28
CA PRO B 311 10.58 35.57 -6.24
C PRO B 311 9.84 36.90 -6.19
N VAL B 312 10.54 37.90 -5.67
CA VAL B 312 10.05 39.29 -5.65
C VAL B 312 11.20 40.20 -6.06
N LEU B 313 10.83 41.41 -6.47
CA LEU B 313 11.81 42.43 -6.85
C LEU B 313 11.90 43.46 -5.72
N TYR B 314 13.06 43.52 -5.07
CA TYR B 314 13.31 44.48 -4.00
C TYR B 314 14.56 45.27 -4.33
N ASN B 315 14.39 46.57 -4.54
CA ASN B 315 15.51 47.48 -4.82
C ASN B 315 16.34 47.00 -6.01
N GLY B 316 15.65 46.56 -7.06
CA GLY B 316 16.33 46.07 -8.25
C GLY B 316 17.18 44.86 -7.96
N ASN B 317 16.61 43.89 -7.24
CA ASN B 317 17.35 42.71 -6.81
C ASN B 317 16.34 41.63 -6.46
N LEU B 318 16.42 40.48 -7.14
CA LEU B 318 15.48 39.41 -6.88
C LEU B 318 15.69 38.84 -5.48
N VAL B 319 14.61 38.53 -4.79
CA VAL B 319 14.67 37.93 -3.46
C VAL B 319 13.90 36.62 -3.50
N VAL B 320 14.53 35.54 -3.03
CA VAL B 320 13.88 34.24 -2.99
C VAL B 320 14.12 33.60 -1.62
N GLY B 321 13.08 33.03 -1.04
CA GLY B 321 13.21 32.25 0.17
C GLY B 321 13.51 30.79 -0.15
N ASP B 322 13.48 29.97 0.89
CA ASP B 322 13.63 28.54 0.73
C ASP B 322 13.13 27.87 2.01
N SER B 323 13.01 26.55 1.97
CA SER B 323 12.57 25.83 3.15
C SER B 323 13.73 25.58 4.10
N GLU B 324 14.53 26.63 4.35
CA GLU B 324 15.56 26.60 5.38
C GLU B 324 15.68 27.93 6.11
N GLY B 325 14.83 28.90 5.81
CA GLY B 325 14.95 30.22 6.40
C GLY B 325 16.03 31.08 5.78
N TYR B 326 16.48 30.76 4.57
CA TYR B 326 17.52 31.52 3.89
C TYR B 326 16.90 32.42 2.84
N LEU B 327 17.31 33.67 2.81
CA LEU B 327 16.91 34.61 1.76
C LEU B 327 18.09 34.83 0.83
N HIS B 328 17.89 34.53 -0.45
CA HIS B 328 18.91 34.70 -1.47
C HIS B 328 18.54 35.92 -2.31
N TRP B 329 19.46 36.88 -2.40
CA TRP B 329 19.34 38.03 -3.27
C TRP B 329 20.08 37.72 -4.55
N ILE B 330 19.32 37.46 -5.61
CA ILE B 330 19.84 37.08 -6.92
C ILE B 330 19.87 38.32 -7.81
N ASN B 331 21.01 38.52 -8.48
CA ASN B 331 21.17 39.68 -9.35
C ASN B 331 20.17 39.64 -10.49
N VAL B 332 19.70 40.82 -10.87
CA VAL B 332 18.72 40.93 -11.96
C VAL B 332 19.37 40.61 -13.30
N GLU B 333 20.59 41.09 -13.53
CA GLU B 333 21.17 41.05 -14.86
C GLU B 333 21.75 39.68 -15.21
N ASP B 334 22.77 39.25 -14.47
CA ASP B 334 23.45 38.00 -14.77
C ASP B 334 22.94 36.82 -13.96
N GLY B 335 22.12 37.06 -12.95
CA GLY B 335 21.58 36.00 -12.13
C GLY B 335 22.50 35.52 -11.02
N ARG B 336 23.70 36.07 -10.91
CA ARG B 336 24.60 35.64 -9.86
C ARG B 336 24.06 36.04 -8.49
N PHE B 337 24.32 35.20 -7.49
CA PHE B 337 23.80 35.43 -6.15
C PHE B 337 24.48 36.65 -5.55
N VAL B 338 23.77 37.77 -5.51
CA VAL B 338 24.34 38.99 -4.94
C VAL B 338 24.54 38.83 -3.45
N ALA B 339 23.55 38.29 -2.75
CA ALA B 339 23.60 38.25 -1.29
C ALA B 339 22.90 37.01 -0.77
N GLN B 340 23.17 36.70 0.50
CA GLN B 340 22.59 35.54 1.15
C GLN B 340 22.48 35.82 2.64
N GLN B 341 21.30 35.61 3.20
CA GLN B 341 21.05 35.89 4.62
C GLN B 341 20.41 34.68 5.27
N LYS B 342 20.91 34.32 6.45
CA LYS B 342 20.27 33.32 7.30
C LYS B 342 19.23 34.03 8.15
N VAL B 343 17.97 33.84 7.80
CA VAL B 343 16.88 34.62 8.35
C VAL B 343 16.13 33.87 9.44
N ASP B 344 15.74 32.63 9.18
CA ASP B 344 15.03 31.82 10.16
C ASP B 344 15.49 30.38 10.08
N SER B 345 14.99 29.56 11.01
CA SER B 345 15.30 28.14 11.05
C SER B 345 14.13 27.25 10.64
N SER B 346 12.90 27.72 10.77
CA SER B 346 11.75 26.91 10.37
C SER B 346 11.67 26.78 8.86
N GLY B 347 11.88 27.87 8.13
CA GLY B 347 11.86 27.87 6.69
C GLY B 347 10.83 28.84 6.13
N PHE B 348 10.96 29.07 4.83
CA PHE B 348 10.06 29.95 4.09
C PHE B 348 9.30 29.14 3.05
N GLN B 349 7.98 29.27 3.07
CA GLN B 349 7.12 28.63 2.09
C GLN B 349 6.29 29.63 1.29
N THR B 350 5.72 30.63 1.94
CA THR B 350 4.87 31.59 1.26
C THR B 350 5.71 32.67 0.58
N GLU B 351 5.08 33.37 -0.35
CA GLU B 351 5.78 34.38 -1.12
C GLU B 351 5.99 35.64 -0.28
N PRO B 352 7.09 36.34 -0.51
CA PRO B 352 7.28 37.65 0.12
C PRO B 352 6.47 38.72 -0.63
N VAL B 353 6.40 39.90 -0.03
CA VAL B 353 5.77 41.05 -0.65
C VAL B 353 6.74 42.21 -0.63
N ALA B 354 6.90 42.89 -1.76
CA ALA B 354 7.80 44.03 -1.89
C ALA B 354 6.94 45.25 -2.21
N ALA B 355 6.51 45.95 -1.17
CA ALA B 355 5.61 47.09 -1.34
C ALA B 355 6.04 48.24 -0.44
N ASP B 356 5.91 49.45 -0.97
CA ASP B 356 6.22 50.68 -0.21
C ASP B 356 7.67 50.67 0.28
N GLY B 357 8.57 50.13 -0.54
CA GLY B 357 9.96 50.06 -0.15
C GLY B 357 10.26 49.07 0.95
N LYS B 358 9.29 48.25 1.34
CA LYS B 358 9.43 47.29 2.41
C LYS B 358 9.31 45.89 1.84
N LEU B 359 10.20 45.00 2.25
CA LEU B 359 10.16 43.59 1.89
C LEU B 359 9.70 42.81 3.11
N LEU B 360 8.48 42.28 3.05
CA LEU B 360 7.87 41.58 4.16
C LEU B 360 7.77 40.10 3.82
N ILE B 361 8.05 39.25 4.80
CA ILE B 361 8.02 37.80 4.53
C ILE B 361 7.64 37.06 5.81
N GLN B 362 6.79 36.06 5.68
CA GLN B 362 6.48 35.14 6.76
C GLN B 362 7.29 33.87 6.62
N ALA B 363 7.70 33.31 7.75
CA ALA B 363 8.37 32.02 7.76
C ALA B 363 7.35 30.92 7.99
N LYS B 364 7.81 29.67 7.99
CA LYS B 364 6.91 28.56 8.23
C LYS B 364 6.39 28.52 9.66
N ASP B 365 6.98 29.30 10.56
CA ASP B 365 6.40 29.54 11.88
C ASP B 365 5.72 30.89 11.96
N GLY B 366 5.61 31.61 10.84
CA GLY B 366 4.78 32.79 10.74
C GLY B 366 5.39 34.07 11.26
N THR B 367 6.60 34.01 11.81
CA THR B 367 7.23 35.22 12.32
C THR B 367 7.52 36.18 11.18
N VAL B 368 6.78 37.29 11.15
CA VAL B 368 6.83 38.24 10.05
C VAL B 368 8.09 39.08 10.17
N TYR B 369 8.87 39.11 9.10
CA TYR B 369 10.14 39.82 9.05
C TYR B 369 10.09 40.90 7.98
N SER B 370 10.68 42.05 8.30
CA SER B 370 10.84 43.15 7.34
C SER B 370 12.33 43.33 7.06
N ILE B 371 12.70 43.31 5.78
CA ILE B 371 14.09 43.28 5.37
C ILE B 371 14.44 44.62 4.71
N THR B 372 15.65 45.10 4.98
CA THR B 372 16.18 46.32 4.37
C THR B 372 17.42 45.97 3.55
N ARG B 373 17.44 46.42 2.31
CA ARG B 373 18.55 46.16 1.40
C ARG B 373 19.52 47.34 1.35
N LYS C 8 12.25 -28.83 3.56
CA LYS C 8 10.82 -28.98 3.79
C LYS C 8 10.25 -30.13 2.95
N ARG C 9 10.86 -30.36 1.79
CA ARG C 9 10.45 -31.42 0.88
C ARG C 9 11.56 -32.41 0.59
N GLN C 10 12.58 -32.46 1.46
CA GLN C 10 13.75 -33.29 1.19
C GLN C 10 13.41 -34.77 1.18
N VAL C 11 12.55 -35.21 2.10
CA VAL C 11 12.20 -36.62 2.19
C VAL C 11 11.51 -37.11 0.93
N SER C 12 10.84 -36.21 0.20
CA SER C 12 10.20 -36.58 -1.06
C SER C 12 11.21 -36.97 -2.13
N GLY C 13 12.51 -36.78 -1.87
CA GLY C 13 13.53 -37.35 -2.74
C GLY C 13 13.41 -38.87 -2.79
N ASP C 14 13.08 -39.49 -1.67
CA ASP C 14 12.80 -40.92 -1.59
C ASP C 14 11.45 -41.09 -0.88
N GLU C 15 10.37 -41.03 -1.65
CA GLU C 15 9.03 -41.16 -1.07
C GLU C 15 8.75 -42.56 -0.56
N ALA C 16 9.50 -43.56 -1.04
CA ALA C 16 9.33 -44.95 -0.61
C ALA C 16 7.89 -45.42 -0.80
N TYR C 17 7.29 -45.06 -1.93
CA TYR C 17 5.95 -45.51 -2.28
C TYR C 17 6.02 -46.92 -2.87
N LEU C 18 4.96 -47.33 -3.55
CA LEU C 18 4.67 -48.69 -4.06
C LEU C 18 4.01 -49.57 -3.01
N GLU C 19 3.69 -49.04 -1.82
CA GLU C 19 2.91 -49.78 -0.85
C GLU C 19 1.42 -49.74 -1.15
N ALA C 20 1.00 -48.96 -2.14
CA ALA C 20 -0.42 -48.86 -2.48
C ALA C 20 -0.95 -50.20 -2.97
N ALA C 21 -2.12 -50.58 -2.47
CA ALA C 21 -2.73 -51.83 -2.88
C ALA C 21 -3.12 -51.77 -4.35
N PRO C 22 -3.01 -52.87 -5.08
CA PRO C 22 -3.41 -52.87 -6.50
C PRO C 22 -4.87 -52.48 -6.65
N LEU C 23 -5.16 -51.76 -7.73
CA LEU C 23 -6.50 -51.26 -7.99
C LEU C 23 -7.36 -52.39 -8.54
N ALA C 24 -8.35 -52.82 -7.76
CA ALA C 24 -9.27 -53.88 -8.15
C ALA C 24 -10.66 -53.28 -8.35
N GLU C 25 -11.20 -53.43 -9.56
CA GLU C 25 -12.51 -52.86 -9.86
C GLU C 25 -13.61 -53.61 -9.11
N LEU C 26 -14.57 -52.86 -8.59
CA LEU C 26 -15.69 -53.44 -7.90
C LEU C 26 -16.61 -54.17 -8.87
N HIS C 27 -17.25 -55.23 -8.40
CA HIS C 27 -18.16 -56.03 -9.21
C HIS C 27 -19.59 -55.63 -8.90
N ALA C 28 -20.35 -55.35 -9.95
CA ALA C 28 -21.75 -54.96 -9.78
C ALA C 28 -22.60 -56.19 -9.50
N PRO C 29 -23.32 -56.24 -8.38
CA PRO C 29 -24.18 -57.39 -8.10
C PRO C 29 -25.34 -57.46 -9.09
N ALA C 30 -25.89 -58.67 -9.22
CA ALA C 30 -27.02 -58.88 -10.10
C ALA C 30 -28.21 -58.03 -9.65
N GLY C 31 -28.86 -57.38 -10.61
CA GLY C 31 -29.97 -56.49 -10.34
C GLY C 31 -29.63 -55.02 -10.37
N MET C 32 -28.35 -54.66 -10.44
CA MET C 32 -27.93 -53.27 -10.48
C MET C 32 -26.59 -53.18 -11.20
N ILE C 33 -26.26 -51.96 -11.64
CA ILE C 33 -25.01 -51.68 -12.31
C ILE C 33 -24.34 -50.51 -11.63
N LEU C 34 -23.02 -50.58 -11.47
CA LEU C 34 -22.28 -49.48 -10.88
C LEU C 34 -22.32 -48.27 -11.80
N PRO C 35 -22.18 -47.06 -11.24
CA PRO C 35 -22.20 -45.85 -12.08
C PRO C 35 -21.07 -45.86 -13.08
N VAL C 36 -21.32 -45.24 -14.24
CA VAL C 36 -20.33 -45.21 -15.31
C VAL C 36 -19.07 -44.54 -14.81
N THR C 37 -17.92 -45.08 -15.20
CA THR C 37 -16.65 -44.63 -14.65
C THR C 37 -16.33 -43.20 -15.08
N SER C 38 -16.49 -42.89 -16.36
CA SER C 38 -16.02 -41.62 -16.92
C SER C 38 -14.55 -41.41 -16.58
N GLY C 39 -13.74 -42.32 -17.11
CA GLY C 39 -12.38 -42.50 -16.65
C GLY C 39 -11.41 -41.38 -16.98
N ASP C 40 -11.70 -40.17 -16.52
CA ASP C 40 -10.69 -39.12 -16.57
C ASP C 40 -9.58 -39.36 -15.56
N TYR C 41 -9.80 -40.26 -14.60
CA TYR C 41 -8.76 -40.72 -13.67
C TYR C 41 -8.44 -42.19 -13.89
N ALA C 42 -8.49 -42.63 -15.14
CA ALA C 42 -8.25 -44.03 -15.48
C ALA C 42 -6.76 -44.30 -15.66
N ILE C 43 -6.35 -45.52 -15.34
CA ILE C 43 -4.96 -45.95 -15.45
C ILE C 43 -4.82 -46.74 -16.75
N PRO C 44 -4.02 -46.27 -17.71
CA PRO C 44 -3.79 -47.06 -18.92
C PRO C 44 -2.99 -48.32 -18.63
N VAL C 45 -3.06 -49.25 -19.57
CA VAL C 45 -2.45 -50.57 -19.42
C VAL C 45 -0.99 -50.51 -19.85
N THR C 46 -0.50 -49.30 -20.13
CA THR C 46 0.88 -49.13 -20.58
C THR C 46 1.85 -49.68 -19.56
N ASN C 47 2.83 -50.45 -20.05
CA ASN C 47 3.80 -51.10 -19.17
C ASN C 47 5.12 -51.25 -19.90
N GLY C 48 6.19 -51.35 -19.12
CA GLY C 48 7.52 -51.52 -19.64
C GLY C 48 8.47 -51.97 -18.56
N SER C 49 9.76 -51.96 -18.89
CA SER C 49 10.77 -52.33 -17.90
C SER C 49 10.76 -51.36 -16.73
N GLY C 50 11.13 -50.11 -16.99
CA GLY C 50 11.06 -49.01 -16.04
C GLY C 50 11.37 -49.36 -14.59
N ALA C 51 12.57 -49.83 -14.31
CA ALA C 51 12.92 -50.33 -12.99
C ALA C 51 12.55 -49.33 -11.90
N VAL C 52 11.60 -49.72 -11.05
CA VAL C 52 11.05 -48.84 -10.03
C VAL C 52 11.74 -49.12 -8.70
N GLY C 53 11.52 -48.23 -7.73
CA GLY C 53 12.11 -48.38 -6.42
C GLY C 53 13.52 -47.84 -6.37
N LYS C 54 13.70 -46.60 -6.84
CA LYS C 54 14.98 -45.89 -6.94
C LYS C 54 15.93 -46.54 -7.94
N ALA C 55 15.54 -47.63 -8.59
CA ALA C 55 16.38 -48.23 -9.63
C ALA C 55 16.28 -47.49 -10.94
N LEU C 56 15.37 -46.52 -11.06
CA LEU C 56 15.24 -45.71 -12.25
C LEU C 56 16.09 -44.45 -12.08
N ASP C 57 16.90 -44.14 -13.09
CA ASP C 57 17.79 -42.98 -13.04
C ASP C 57 17.03 -41.74 -13.50
N ILE C 58 16.79 -40.82 -12.56
CA ILE C 58 16.10 -39.57 -12.87
C ILE C 58 17.10 -38.55 -13.38
N ARG C 59 18.34 -38.98 -13.59
CA ARG C 59 19.34 -38.08 -14.15
C ARG C 59 18.96 -37.71 -15.58
N PRO C 60 18.97 -36.43 -15.92
CA PRO C 60 18.56 -36.01 -17.26
C PRO C 60 19.51 -36.55 -18.31
N PRO C 61 18.99 -37.25 -19.32
CA PRO C 61 19.85 -37.86 -20.33
C PRO C 61 20.37 -36.82 -21.31
N ALA C 62 21.68 -36.58 -21.29
CA ALA C 62 22.29 -35.66 -22.23
C ALA C 62 22.29 -36.24 -23.63
N GLN C 63 22.24 -35.35 -24.62
CA GLN C 63 22.18 -35.76 -26.02
C GLN C 63 23.40 -35.27 -26.79
N GLU D 7 28.72 -18.05 -6.19
CA GLU D 7 29.61 -17.35 -7.09
C GLU D 7 30.21 -18.31 -8.10
N VAL D 8 30.01 -18.03 -9.38
CA VAL D 8 30.56 -18.85 -10.46
C VAL D 8 31.31 -17.96 -11.43
N PRO D 9 32.59 -18.24 -11.71
CA PRO D 9 33.33 -17.43 -12.68
C PRO D 9 32.84 -17.68 -14.10
N ASP D 10 33.12 -16.71 -14.98
CA ASP D 10 32.70 -16.76 -16.37
C ASP D 10 33.72 -17.58 -17.18
N ASN D 11 33.71 -18.88 -16.91
CA ASN D 11 34.55 -19.86 -17.59
C ASN D 11 33.86 -20.36 -18.86
N PRO D 12 34.61 -21.01 -19.75
CA PRO D 12 33.99 -21.55 -20.95
C PRO D 12 32.92 -22.57 -20.59
N PRO D 13 31.90 -22.73 -21.44
CA PRO D 13 30.75 -23.57 -21.06
C PRO D 13 31.11 -25.02 -20.76
N ASN D 14 32.11 -25.58 -21.44
CA ASN D 14 32.43 -27.00 -21.26
C ASN D 14 32.89 -27.28 -19.83
N GLU D 15 33.80 -26.47 -19.30
CA GLU D 15 34.31 -26.71 -17.95
C GLU D 15 33.24 -26.46 -16.90
N ILE D 16 32.42 -25.41 -17.09
CA ILE D 16 31.35 -25.13 -16.13
C ILE D 16 30.34 -26.27 -16.12
N TYR D 17 29.98 -26.78 -17.31
CA TYR D 17 29.05 -27.90 -17.39
C TYR D 17 29.64 -29.15 -16.75
N ALA D 18 30.94 -29.41 -16.98
CA ALA D 18 31.58 -30.56 -16.36
C ALA D 18 31.59 -30.45 -14.85
N THR D 19 31.90 -29.26 -14.32
CA THR D 19 31.90 -29.07 -12.87
C THR D 19 30.50 -29.22 -12.30
N ALA D 20 29.48 -28.67 -12.98
CA ALA D 20 28.11 -28.82 -12.52
C ALA D 20 27.70 -30.29 -12.51
N GLN D 21 28.06 -31.03 -13.55
CA GLN D 21 27.77 -32.47 -13.58
C GLN D 21 28.46 -33.19 -12.45
N GLN D 22 29.75 -32.90 -12.23
CA GLN D 22 30.50 -33.55 -11.16
C GLN D 22 29.87 -33.26 -9.81
N LYS D 23 29.36 -32.04 -9.61
CA LYS D 23 28.63 -31.72 -8.40
C LYS D 23 27.32 -32.51 -8.35
N LEU D 24 26.69 -32.73 -9.50
CA LEU D 24 25.43 -33.47 -9.53
C LEU D 24 25.61 -34.91 -9.06
N GLN D 25 26.64 -35.60 -9.56
CA GLN D 25 26.90 -36.92 -9.01
C GLN D 25 27.52 -36.86 -7.62
N ASP D 26 28.13 -35.73 -7.25
CA ASP D 26 28.72 -35.61 -5.92
C ASP D 26 27.67 -35.58 -4.83
N GLY D 27 26.42 -35.23 -5.16
CA GLY D 27 25.34 -35.17 -4.20
C GLY D 27 25.11 -33.79 -3.61
N ASN D 28 26.06 -32.87 -3.76
CA ASN D 28 25.89 -31.50 -3.27
C ASN D 28 25.13 -30.71 -4.32
N TRP D 29 23.94 -30.24 -3.96
CA TRP D 29 23.00 -29.68 -4.93
C TRP D 29 23.22 -28.19 -5.15
N ARG D 30 23.16 -27.38 -4.08
CA ARG D 30 23.06 -25.93 -4.23
C ARG D 30 24.14 -25.38 -5.16
N GLN D 31 25.36 -25.89 -5.05
CA GLN D 31 26.41 -25.49 -5.97
C GLN D 31 26.07 -25.89 -7.40
N ALA D 32 25.47 -27.06 -7.59
CA ALA D 32 25.09 -27.50 -8.93
C ALA D 32 24.02 -26.59 -9.52
N ILE D 33 23.00 -26.24 -8.73
CA ILE D 33 21.99 -25.29 -9.21
C ILE D 33 22.63 -23.96 -9.58
N THR D 34 23.53 -23.45 -8.72
CA THR D 34 24.15 -22.15 -9.00
C THR D 34 24.96 -22.21 -10.28
N GLN D 35 25.75 -23.26 -10.46
CA GLN D 35 26.56 -23.38 -11.67
C GLN D 35 25.69 -23.49 -12.91
N LEU D 36 24.63 -24.30 -12.85
CA LEU D 36 23.77 -24.49 -14.01
C LEU D 36 23.04 -23.20 -14.37
N GLU D 37 22.52 -22.48 -13.37
CA GLU D 37 21.83 -21.23 -13.66
C GLU D 37 22.80 -20.17 -14.15
N ALA D 38 24.03 -20.16 -13.65
CA ALA D 38 25.02 -19.23 -14.16
C ALA D 38 25.34 -19.52 -15.63
N LEU D 39 25.52 -20.79 -15.97
CA LEU D 39 25.78 -21.14 -17.37
C LEU D 39 24.61 -20.77 -18.25
N ASP D 40 23.39 -21.04 -17.80
CA ASP D 40 22.21 -20.73 -18.61
C ASP D 40 22.04 -19.23 -18.78
N ASN D 41 22.29 -18.45 -17.72
CA ASN D 41 22.06 -17.02 -17.77
C ASN D 41 23.12 -16.32 -18.61
N ARG D 42 24.39 -16.72 -18.45
CA ARG D 42 25.46 -16.08 -19.21
C ARG D 42 25.31 -16.33 -20.70
N TYR D 43 24.96 -17.56 -21.07
CA TYR D 43 24.94 -18.01 -22.46
C TYR D 43 23.55 -18.54 -22.80
N PRO D 44 22.58 -17.65 -23.00
CA PRO D 44 21.22 -18.10 -23.30
C PRO D 44 21.12 -18.66 -24.71
N PHE D 45 20.47 -19.82 -24.83
CA PHE D 45 20.27 -20.48 -26.12
C PHE D 45 21.61 -20.70 -26.82
N GLY D 46 22.61 -21.12 -26.05
CA GLY D 46 23.93 -21.38 -26.59
C GLY D 46 24.08 -22.81 -27.03
N PRO D 47 25.30 -23.34 -26.95
CA PRO D 47 25.52 -24.74 -27.35
C PRO D 47 24.98 -25.69 -26.30
N TYR D 48 24.36 -26.77 -26.77
CA TYR D 48 23.71 -27.79 -25.95
C TYR D 48 22.92 -27.17 -24.79
N SER D 49 22.13 -26.15 -25.14
CA SER D 49 21.35 -25.45 -24.11
C SER D 49 20.22 -26.30 -23.56
N GLN D 50 19.67 -27.21 -24.37
CA GLN D 50 18.60 -28.07 -23.90
C GLN D 50 19.07 -29.00 -22.79
N GLN D 51 20.28 -29.52 -22.91
CA GLN D 51 20.85 -30.33 -21.83
C GLN D 51 21.02 -29.51 -20.57
N VAL D 52 21.42 -28.24 -20.73
CA VAL D 52 21.53 -27.34 -19.58
C VAL D 52 20.18 -27.14 -18.92
N GLN D 53 19.12 -26.97 -19.73
CA GLN D 53 17.79 -26.83 -19.17
C GLN D 53 17.34 -28.08 -18.43
N LEU D 54 17.63 -29.26 -19.00
CA LEU D 54 17.29 -30.50 -18.33
C LEU D 54 18.02 -30.64 -17.00
N ASP D 55 19.31 -30.29 -16.99
CA ASP D 55 20.08 -30.31 -15.74
C ASP D 55 19.50 -29.34 -14.73
N LEU D 56 19.08 -28.15 -15.18
CA LEU D 56 18.47 -27.19 -14.28
C LEU D 56 17.17 -27.72 -13.69
N ILE D 57 16.34 -28.35 -14.52
CA ILE D 57 15.07 -28.90 -14.02
C ILE D 57 15.33 -30.00 -13.00
N TYR D 58 16.27 -30.90 -13.30
CA TYR D 58 16.58 -31.97 -12.38
C TYR D 58 17.14 -31.43 -11.07
N ALA D 59 18.04 -30.45 -11.14
CA ALA D 59 18.63 -29.89 -9.93
C ALA D 59 17.59 -29.16 -9.10
N TYR D 60 16.70 -28.42 -9.75
CA TYR D 60 15.63 -27.74 -9.01
C TYR D 60 14.72 -28.73 -8.32
N TYR D 61 14.37 -29.83 -9.02
CA TYR D 61 13.52 -30.84 -8.38
C TYR D 61 14.23 -31.48 -7.20
N LYS D 62 15.52 -31.81 -7.36
CA LYS D 62 16.25 -32.50 -6.30
C LYS D 62 16.61 -31.59 -5.14
N ASN D 63 16.56 -30.27 -5.33
CA ASN D 63 16.87 -29.32 -4.28
C ASN D 63 15.62 -28.86 -3.52
N ALA D 64 14.49 -29.51 -3.75
CA ALA D 64 13.21 -29.16 -3.13
C ALA D 64 12.77 -27.74 -3.47
N ASP D 65 13.28 -27.18 -4.57
CA ASP D 65 12.85 -25.88 -5.06
C ASP D 65 11.79 -26.10 -6.15
N LEU D 66 10.62 -26.51 -5.68
CA LEU D 66 9.54 -26.93 -6.58
C LEU D 66 9.01 -25.81 -7.47
N PRO D 67 8.74 -24.58 -6.98
CA PRO D 67 8.17 -23.57 -7.89
C PRO D 67 9.08 -23.20 -9.06
N LEU D 68 10.38 -23.03 -8.81
CA LEU D 68 11.29 -22.74 -9.91
C LEU D 68 11.41 -23.94 -10.84
N ALA D 69 11.32 -25.16 -10.31
CA ALA D 69 11.29 -26.34 -11.17
C ALA D 69 10.07 -26.31 -12.08
N GLN D 70 8.91 -25.94 -11.53
CA GLN D 70 7.70 -25.85 -12.35
C GLN D 70 7.85 -24.79 -13.42
N ALA D 71 8.41 -23.63 -13.07
CA ALA D 71 8.61 -22.57 -14.05
C ALA D 71 9.55 -23.02 -15.17
N ALA D 72 10.66 -23.67 -14.80
CA ALA D 72 11.60 -24.15 -15.80
C ALA D 72 10.98 -25.22 -16.69
N ILE D 73 10.17 -26.10 -16.11
CA ILE D 73 9.52 -27.15 -16.90
C ILE D 73 8.53 -26.53 -17.87
N ASP D 74 7.77 -25.53 -17.41
CA ASP D 74 6.84 -24.86 -18.31
C ASP D 74 7.58 -24.16 -19.44
N ARG D 75 8.71 -23.51 -19.12
CA ARG D 75 9.50 -22.87 -20.16
C ARG D 75 10.00 -23.88 -21.18
N PHE D 76 10.49 -25.04 -20.70
CA PHE D 76 10.97 -26.08 -21.61
C PHE D 76 9.83 -26.62 -22.48
N ILE D 77 8.66 -26.85 -21.88
CA ILE D 77 7.57 -27.47 -22.63
C ILE D 77 6.99 -26.51 -23.65
N ARG D 78 6.95 -25.21 -23.34
CA ARG D 78 6.47 -24.26 -24.34
C ARG D 78 7.54 -23.92 -25.37
N LEU D 79 8.82 -24.13 -25.04
CA LEU D 79 9.90 -23.87 -25.98
C LEU D 79 10.24 -25.08 -26.83
N ASN D 80 9.97 -26.29 -26.34
CA ASN D 80 10.29 -27.52 -27.07
C ASN D 80 9.07 -28.43 -27.06
N PRO D 81 8.03 -28.09 -27.83
CA PRO D 81 6.84 -28.95 -27.89
C PRO D 81 7.13 -30.32 -28.50
N THR D 82 8.18 -30.46 -29.31
CA THR D 82 8.58 -31.73 -29.89
C THR D 82 10.07 -31.92 -29.61
N HIS D 83 10.40 -32.63 -28.54
CA HIS D 83 11.76 -32.79 -28.10
C HIS D 83 12.07 -34.25 -27.86
N PRO D 84 13.31 -34.69 -28.09
CA PRO D 84 13.65 -36.10 -27.83
C PRO D 84 13.48 -36.52 -26.38
N ASN D 85 13.66 -35.62 -25.42
CA ASN D 85 13.49 -35.91 -24.00
C ASN D 85 12.29 -35.19 -23.42
N ILE D 86 11.22 -35.07 -24.20
CA ILE D 86 10.00 -34.44 -23.69
C ILE D 86 9.34 -35.34 -22.64
N ASP D 87 9.38 -36.65 -22.85
CA ASP D 87 8.83 -37.57 -21.85
C ASP D 87 9.50 -37.37 -20.51
N TYR D 88 10.82 -37.14 -20.52
CA TYR D 88 11.54 -36.88 -19.28
C TYR D 88 11.03 -35.62 -18.59
N VAL D 89 10.81 -34.55 -19.36
CA VAL D 89 10.42 -33.30 -18.72
C VAL D 89 8.99 -33.38 -18.19
N MET D 90 8.10 -34.11 -18.88
CA MET D 90 6.77 -34.33 -18.31
C MET D 90 6.84 -35.18 -17.05
N TYR D 91 7.70 -36.19 -17.03
CA TYR D 91 7.85 -36.99 -15.82
C TYR D 91 8.40 -36.14 -14.66
N MET D 92 9.33 -35.23 -14.96
CA MET D 92 9.84 -34.33 -13.94
C MET D 92 8.75 -33.37 -13.45
N ARG D 93 7.90 -32.88 -14.35
CA ARG D 93 6.79 -32.04 -13.93
C ARG D 93 5.86 -32.80 -13.01
N GLY D 94 5.57 -34.05 -13.33
CA GLY D 94 4.75 -34.86 -12.45
C GLY D 94 5.41 -35.10 -11.10
N LEU D 95 6.71 -35.35 -11.09
CA LEU D 95 7.42 -35.50 -9.83
C LEU D 95 7.35 -34.23 -9.00
N THR D 96 7.52 -33.07 -9.64
CA THR D 96 7.44 -31.82 -8.91
C THR D 96 6.04 -31.59 -8.34
N ASN D 97 5.01 -31.92 -9.12
CA ASN D 97 3.65 -31.79 -8.62
C ASN D 97 3.40 -32.72 -7.44
N MET D 98 3.91 -33.95 -7.51
CA MET D 98 3.75 -34.88 -6.39
C MET D 98 4.51 -34.40 -5.16
N ALA D 99 5.70 -33.83 -5.35
CA ALA D 99 6.43 -33.28 -4.23
C ALA D 99 5.71 -32.09 -3.62
N LEU D 100 5.00 -31.33 -4.46
CA LEU D 100 4.13 -30.27 -3.93
C LEU D 100 2.96 -30.88 -3.16
N ASP D 101 2.50 -32.05 -3.57
CA ASP D 101 1.39 -32.71 -2.89
C ASP D 101 1.74 -33.03 -1.44
N ASP D 102 2.90 -33.65 -1.21
CA ASP D 102 3.28 -34.11 0.11
C ASP D 102 4.13 -33.09 0.86
N SER D 103 3.89 -31.79 0.63
CA SER D 103 4.66 -30.72 1.25
C SER D 103 4.28 -30.61 2.73
N ALA D 104 4.84 -31.51 3.52
CA ALA D 104 4.63 -31.46 4.96
C ALA D 104 5.41 -30.29 5.56
N LEU D 105 4.77 -29.57 6.48
CA LEU D 105 5.40 -28.39 7.06
C LEU D 105 6.61 -28.76 7.91
N GLN D 106 6.52 -29.84 8.69
CA GLN D 106 7.61 -30.27 9.55
C GLN D 106 8.18 -31.62 9.14
N GLY D 107 7.35 -32.66 9.09
CA GLY D 107 7.84 -34.00 8.81
C GLY D 107 6.75 -34.89 8.29
N PHE D 108 7.16 -35.91 7.54
CA PHE D 108 6.23 -36.85 6.92
C PHE D 108 5.93 -37.96 7.92
N PHE D 109 4.84 -37.80 8.66
CA PHE D 109 4.50 -38.71 9.75
C PHE D 109 3.09 -39.22 9.51
N GLY D 110 2.53 -39.88 10.53
CA GLY D 110 1.23 -40.55 10.43
C GLY D 110 0.08 -39.69 9.94
N VAL D 111 0.30 -38.38 9.75
CA VAL D 111 -0.75 -37.53 9.22
C VAL D 111 -1.14 -37.98 7.81
N ASP D 112 -0.16 -38.43 7.03
CA ASP D 112 -0.37 -39.06 5.72
C ASP D 112 -0.78 -38.06 4.66
N ARG D 113 -1.10 -36.83 5.06
CA ARG D 113 -1.41 -35.73 4.14
C ARG D 113 -2.52 -36.08 3.14
N SER D 114 -3.30 -37.13 3.42
CA SER D 114 -4.35 -37.53 2.49
C SER D 114 -5.45 -36.48 2.41
N ASP D 115 -5.84 -35.91 3.56
CA ASP D 115 -6.91 -34.93 3.62
C ASP D 115 -6.41 -33.51 3.48
N ARG D 116 -5.21 -33.32 2.92
CA ARG D 116 -4.69 -31.99 2.65
C ARG D 116 -5.09 -31.58 1.24
N ASP D 117 -4.48 -30.53 0.71
CA ASP D 117 -4.84 -30.02 -0.60
C ASP D 117 -4.53 -31.08 -1.67
N PRO D 118 -5.53 -31.52 -2.42
CA PRO D 118 -5.29 -32.52 -3.48
C PRO D 118 -5.08 -31.95 -4.88
N GLN D 119 -5.11 -30.63 -5.05
CA GLN D 119 -4.98 -30.05 -6.38
C GLN D 119 -3.63 -30.36 -6.99
N HIS D 120 -2.58 -30.40 -6.16
CA HIS D 120 -1.28 -30.84 -6.65
C HIS D 120 -1.31 -32.30 -7.07
N ALA D 121 -2.01 -33.13 -6.30
CA ALA D 121 -2.18 -34.53 -6.68
C ALA D 121 -2.97 -34.65 -7.98
N ARG D 122 -4.00 -33.83 -8.15
CA ARG D 122 -4.77 -33.86 -9.40
C ARG D 122 -3.90 -33.45 -10.58
N ALA D 123 -3.08 -32.41 -10.41
CA ALA D 123 -2.20 -31.98 -11.48
C ALA D 123 -1.16 -33.05 -11.81
N ALA D 124 -0.59 -33.69 -10.78
CA ALA D 124 0.38 -34.75 -11.03
C ALA D 124 -0.26 -35.93 -11.73
N PHE D 125 -1.49 -36.29 -11.34
CA PHE D 125 -2.18 -37.38 -12.00
C PHE D 125 -2.45 -37.06 -13.46
N SER D 126 -2.90 -35.83 -13.75
CA SER D 126 -3.14 -35.44 -15.13
C SER D 126 -1.84 -35.48 -15.93
N ASP D 127 -0.75 -35.00 -15.34
CA ASP D 127 0.53 -34.97 -16.03
C ASP D 127 1.02 -36.38 -16.37
N PHE D 128 0.99 -37.27 -15.38
CA PHE D 128 1.44 -38.64 -15.61
C PHE D 128 0.50 -39.40 -16.54
N SER D 129 -0.80 -39.12 -16.48
CA SER D 129 -1.72 -39.73 -17.44
C SER D 129 -1.40 -39.28 -18.86
N LYS D 130 -1.12 -37.99 -19.03
CA LYS D 130 -0.71 -37.49 -20.35
C LYS D 130 0.58 -38.16 -20.80
N LEU D 131 1.54 -38.32 -19.87
CA LEU D 131 2.81 -38.94 -20.22
C LEU D 131 2.62 -40.38 -20.67
N VAL D 132 1.84 -41.16 -19.91
CA VAL D 132 1.69 -42.58 -20.25
C VAL D 132 0.86 -42.75 -21.52
N ARG D 133 -0.18 -41.93 -21.69
CA ARG D 133 -1.00 -42.06 -22.90
C ARG D 133 -0.24 -41.63 -24.14
N GLY D 134 0.58 -40.57 -24.03
CA GLY D 134 1.34 -40.12 -25.18
C GLY D 134 2.63 -40.87 -25.41
N TYR D 135 3.23 -41.40 -24.34
CA TYR D 135 4.52 -42.09 -24.41
C TYR D 135 4.41 -43.42 -23.68
N PRO D 136 3.75 -44.41 -24.27
CA PRO D 136 3.60 -45.70 -23.61
C PRO D 136 4.86 -46.57 -23.66
N ASN D 137 5.90 -46.15 -24.36
CA ASN D 137 7.13 -46.92 -24.49
C ASN D 137 8.32 -46.23 -23.82
N SER D 138 8.10 -45.14 -23.09
CA SER D 138 9.19 -44.43 -22.45
C SER D 138 9.77 -45.24 -21.30
N GLN D 139 10.99 -44.89 -20.90
CA GLN D 139 11.64 -45.56 -19.79
C GLN D 139 10.99 -45.26 -18.45
N TYR D 140 10.11 -44.27 -18.38
CA TYR D 140 9.40 -43.92 -17.15
C TYR D 140 7.96 -44.42 -17.15
N THR D 141 7.59 -45.28 -18.10
CA THR D 141 6.18 -45.62 -18.29
C THR D 141 5.60 -46.34 -17.07
N THR D 142 6.26 -47.42 -16.63
CA THR D 142 5.69 -48.19 -15.53
C THR D 142 5.89 -47.49 -14.18
N ASP D 143 6.97 -46.72 -14.03
CA ASP D 143 7.11 -45.89 -12.84
C ASP D 143 5.99 -44.86 -12.76
N ALA D 144 5.69 -44.23 -13.89
CA ALA D 144 4.58 -43.29 -13.93
C ALA D 144 3.26 -43.99 -13.66
N THR D 145 3.10 -45.24 -14.12
CA THR D 145 1.88 -45.99 -13.82
C THR D 145 1.74 -46.26 -12.33
N LYS D 146 2.83 -46.66 -11.67
CA LYS D 146 2.78 -46.87 -10.22
C LYS D 146 2.48 -45.57 -9.49
N ARG D 147 3.07 -44.46 -9.94
CA ARG D 147 2.78 -43.18 -9.31
C ARG D 147 1.34 -42.76 -9.54
N LEU D 148 0.77 -43.08 -10.71
CA LEU D 148 -0.65 -42.85 -10.93
C LEU D 148 -1.50 -43.69 -10.00
N VAL D 149 -1.10 -44.94 -9.76
CA VAL D 149 -1.84 -45.78 -8.81
C VAL D 149 -1.84 -45.13 -7.42
N PHE D 150 -0.66 -44.66 -7.00
CA PHE D 150 -0.57 -44.01 -5.69
C PHE D 150 -1.38 -42.72 -5.64
N LEU D 151 -1.35 -41.93 -6.73
CA LEU D 151 -2.08 -40.68 -6.76
C LEU D 151 -3.58 -40.91 -6.75
N LYS D 152 -4.05 -41.93 -7.47
CA LYS D 152 -5.46 -42.30 -7.41
C LYS D 152 -5.86 -42.72 -6.01
N ASP D 153 -5.01 -43.51 -5.35
CA ASP D 153 -5.28 -43.90 -3.97
C ASP D 153 -5.37 -42.67 -3.08
N ARG D 154 -4.45 -41.71 -3.26
CA ARG D 154 -4.43 -40.52 -2.41
C ARG D 154 -5.64 -39.62 -2.66
N LEU D 155 -6.03 -39.44 -3.92
CA LEU D 155 -7.20 -38.61 -4.22
C LEU D 155 -8.46 -39.26 -3.67
N ALA D 156 -8.61 -40.58 -3.83
CA ALA D 156 -9.75 -41.25 -3.24
C ALA D 156 -9.71 -41.19 -1.72
N LYS D 157 -8.51 -41.19 -1.12
CA LYS D 157 -8.41 -41.03 0.33
C LYS D 157 -8.86 -39.63 0.74
N TYR D 158 -8.55 -38.62 -0.06
CA TYR D 158 -9.03 -37.27 0.24
C TYR D 158 -10.56 -37.20 0.20
N GLU D 159 -11.14 -37.75 -0.86
CA GLU D 159 -12.61 -37.75 -0.95
C GLU D 159 -13.22 -38.57 0.17
N TYR D 160 -12.55 -39.65 0.57
CA TYR D 160 -13.00 -40.45 1.71
C TYR D 160 -12.93 -39.66 3.00
N SER D 161 -11.89 -38.84 3.18
CA SER D 161 -11.81 -38.01 4.38
C SER D 161 -12.93 -36.98 4.39
N VAL D 162 -13.26 -36.41 3.24
CA VAL D 162 -14.39 -35.49 3.16
C VAL D 162 -15.68 -36.21 3.52
N ALA D 163 -15.88 -37.41 2.99
CA ALA D 163 -17.09 -38.18 3.31
C ALA D 163 -17.14 -38.54 4.78
N GLU D 164 -15.99 -38.88 5.38
CA GLU D 164 -15.94 -39.20 6.80
C GLU D 164 -16.30 -37.99 7.65
N TYR D 165 -15.75 -36.82 7.30
CA TYR D 165 -16.12 -35.61 8.03
C TYR D 165 -17.60 -35.32 7.91
N TYR D 166 -18.17 -35.52 6.71
CA TYR D 166 -19.58 -35.22 6.54
C TYR D 166 -20.47 -36.24 7.24
N THR D 167 -20.01 -37.49 7.37
CA THR D 167 -20.73 -38.44 8.22
C THR D 167 -20.70 -37.98 9.67
N GLU D 168 -19.55 -37.49 10.13
CA GLU D 168 -19.48 -36.94 11.48
C GLU D 168 -20.43 -35.76 11.65
N ARG D 169 -20.49 -34.89 10.65
CA ARG D 169 -21.34 -33.70 10.72
C ARG D 169 -22.82 -34.05 10.56
N GLY D 170 -23.13 -35.14 9.88
CA GLY D 170 -24.50 -35.47 9.57
C GLY D 170 -24.96 -35.01 8.20
N ALA D 171 -24.05 -34.60 7.33
CA ALA D 171 -24.39 -34.16 5.97
C ALA D 171 -24.53 -35.40 5.10
N TRP D 172 -25.66 -36.09 5.28
CA TRP D 172 -25.84 -37.38 4.60
C TRP D 172 -25.98 -37.22 3.09
N VAL D 173 -26.60 -36.13 2.64
CA VAL D 173 -26.63 -35.86 1.20
C VAL D 173 -25.23 -35.66 0.67
N ALA D 174 -24.41 -34.90 1.41
CA ALA D 174 -23.02 -34.70 1.01
C ALA D 174 -22.26 -36.01 0.99
N VAL D 175 -22.48 -36.87 1.98
CA VAL D 175 -21.81 -38.17 2.00
C VAL D 175 -22.21 -39.01 0.79
N VAL D 176 -23.51 -39.02 0.48
CA VAL D 176 -23.98 -39.80 -0.66
C VAL D 176 -23.36 -39.29 -1.95
N ASN D 177 -23.33 -37.96 -2.12
CA ASN D 177 -22.74 -37.39 -3.34
C ASN D 177 -21.25 -37.68 -3.41
N ARG D 178 -20.54 -37.58 -2.28
CA ARG D 178 -19.10 -37.84 -2.30
C ARG D 178 -18.80 -39.28 -2.65
N VAL D 179 -19.53 -40.23 -2.07
CA VAL D 179 -19.25 -41.63 -2.37
C VAL D 179 -19.70 -41.97 -3.79
N GLU D 180 -20.75 -41.30 -4.30
CA GLU D 180 -21.08 -41.47 -5.70
C GLU D 180 -19.96 -40.95 -6.60
N GLY D 181 -19.36 -39.82 -6.21
CA GLY D 181 -18.20 -39.34 -6.94
C GLY D 181 -17.03 -40.29 -6.89
N MET D 182 -16.82 -40.95 -5.74
CA MET D 182 -15.84 -42.03 -5.68
C MET D 182 -16.16 -43.13 -6.67
N LEU D 183 -17.38 -43.66 -6.61
CA LEU D 183 -17.76 -44.77 -7.47
C LEU D 183 -17.65 -44.40 -8.94
N ARG D 184 -17.85 -43.13 -9.28
CA ARG D 184 -17.66 -42.70 -10.66
C ARG D 184 -16.18 -42.61 -10.98
N ASP D 185 -15.46 -41.70 -10.33
CA ASP D 185 -14.09 -41.40 -10.72
C ASP D 185 -13.11 -42.47 -10.25
N TYR D 186 -13.30 -43.00 -9.04
CA TYR D 186 -12.31 -43.87 -8.40
C TYR D 186 -12.99 -45.18 -8.01
N PRO D 187 -13.42 -45.98 -8.99
CA PRO D 187 -14.19 -47.18 -8.66
C PRO D 187 -13.34 -48.35 -8.19
N ASP D 188 -12.03 -48.30 -8.37
CA ASP D 188 -11.17 -49.43 -8.05
C ASP D 188 -10.14 -49.06 -6.99
N THR D 189 -10.55 -48.36 -5.95
CA THR D 189 -9.65 -47.88 -4.93
C THR D 189 -10.07 -48.39 -3.57
N GLN D 190 -9.08 -48.66 -2.71
CA GLN D 190 -9.38 -49.10 -1.35
C GLN D 190 -10.18 -48.06 -0.59
N ALA D 191 -9.93 -46.77 -0.86
CA ALA D 191 -10.69 -45.73 -0.21
C ALA D 191 -12.16 -45.79 -0.60
N THR D 192 -12.46 -46.13 -1.86
CA THR D 192 -13.85 -46.31 -2.26
C THR D 192 -14.48 -47.50 -1.54
N ARG D 193 -13.71 -48.58 -1.37
CA ARG D 193 -14.22 -49.74 -0.63
C ARG D 193 -14.51 -49.39 0.82
N ASP D 194 -13.69 -48.51 1.41
CA ASP D 194 -13.95 -48.07 2.77
C ASP D 194 -15.10 -47.09 2.85
N ALA D 195 -15.30 -46.29 1.79
CA ALA D 195 -16.37 -45.30 1.77
C ALA D 195 -17.73 -45.87 1.42
N LEU D 196 -17.78 -47.07 0.85
CA LEU D 196 -19.08 -47.71 0.60
C LEU D 196 -19.88 -47.92 1.88
N PRO D 197 -19.31 -48.40 3.00
CA PRO D 197 -20.08 -48.40 4.25
C PRO D 197 -20.52 -47.02 4.68
N LEU D 198 -19.73 -45.98 4.40
CA LEU D 198 -20.16 -44.62 4.70
C LEU D 198 -21.42 -44.25 3.93
N MET D 199 -21.47 -44.60 2.64
CA MET D 199 -22.66 -44.31 1.86
C MET D 199 -23.85 -45.13 2.32
N GLU D 200 -23.63 -46.39 2.69
CA GLU D 200 -24.73 -47.19 3.22
C GLU D 200 -25.27 -46.58 4.50
N ASN D 201 -24.38 -46.13 5.39
CA ASN D 201 -24.81 -45.46 6.61
C ASN D 201 -25.57 -44.18 6.31
N ALA D 202 -25.09 -43.40 5.33
CA ALA D 202 -25.78 -42.17 4.98
C ALA D 202 -27.17 -42.45 4.43
N TYR D 203 -27.31 -43.49 3.62
CA TYR D 203 -28.62 -43.85 3.10
C TYR D 203 -29.54 -44.33 4.22
N ARG D 204 -29.01 -45.11 5.16
CA ARG D 204 -29.83 -45.62 6.26
C ARG D 204 -30.28 -44.50 7.17
N GLN D 205 -29.40 -43.54 7.47
CA GLN D 205 -29.75 -42.41 8.31
C GLN D 205 -30.81 -41.52 7.67
N MET D 206 -30.91 -41.54 6.34
CA MET D 206 -31.93 -40.79 5.62
C MET D 206 -33.18 -41.60 5.36
N GLN D 207 -33.23 -42.85 5.86
CA GLN D 207 -34.38 -43.74 5.72
C GLN D 207 -34.70 -44.04 4.26
N MET D 208 -33.68 -43.99 3.39
CA MET D 208 -33.82 -44.46 2.02
C MET D 208 -33.24 -45.87 1.90
N ASN D 209 -33.94 -46.82 2.53
CA ASN D 209 -33.48 -48.20 2.52
C ASN D 209 -33.47 -48.78 1.11
N ALA D 210 -34.23 -48.19 0.18
CA ALA D 210 -34.22 -48.68 -1.20
C ALA D 210 -32.83 -48.58 -1.82
N GLN D 211 -32.03 -47.59 -1.42
CA GLN D 211 -30.65 -47.47 -1.86
C GLN D 211 -29.65 -48.03 -0.86
N ALA D 212 -30.00 -48.02 0.42
CA ALA D 212 -29.13 -48.63 1.43
C ALA D 212 -28.97 -50.12 1.16
N GLU D 213 -30.04 -50.79 0.76
CA GLU D 213 -29.94 -52.22 0.43
C GLU D 213 -29.06 -52.43 -0.80
N LYS D 214 -29.15 -51.54 -1.80
CA LYS D 214 -28.29 -51.66 -2.96
C LYS D 214 -26.82 -51.51 -2.57
N VAL D 215 -26.52 -50.52 -1.72
CA VAL D 215 -25.14 -50.31 -1.30
C VAL D 215 -24.66 -51.50 -0.47
N ALA D 216 -25.53 -52.06 0.38
CA ALA D 216 -25.16 -53.24 1.15
C ALA D 216 -24.88 -54.43 0.24
N LYS D 217 -25.68 -54.60 -0.81
CA LYS D 217 -25.43 -55.67 -1.77
C LYS D 217 -24.10 -55.48 -2.47
N ILE D 218 -23.77 -54.24 -2.85
CA ILE D 218 -22.49 -53.96 -3.48
C ILE D 218 -21.35 -54.28 -2.53
N ILE D 219 -21.48 -53.88 -1.26
CA ILE D 219 -20.44 -54.17 -0.28
C ILE D 219 -20.26 -55.67 -0.10
N ALA D 220 -21.37 -56.41 0.01
CA ALA D 220 -21.28 -57.85 0.19
C ALA D 220 -20.62 -58.52 -1.02
N ALA D 221 -20.96 -58.07 -2.23
CA ALA D 221 -20.37 -58.67 -3.42
C ALA D 221 -18.90 -58.34 -3.58
N ASN D 222 -18.40 -57.31 -2.88
CA ASN D 222 -17.02 -56.86 -3.02
C ASN D 222 -16.36 -56.76 -1.65
N SER D 223 -16.51 -57.82 -0.84
CA SER D 223 -15.87 -57.87 0.47
C SER D 223 -15.00 -59.11 0.59
N TYR E 9 -24.42 -24.35 20.08
CA TYR E 9 -24.28 -25.77 19.78
C TYR E 9 -24.13 -26.00 18.29
N ARG E 10 -24.76 -27.06 17.78
CA ARG E 10 -24.62 -27.40 16.38
C ARG E 10 -25.30 -26.36 15.50
N PRO E 11 -24.74 -26.05 14.34
CA PRO E 11 -25.38 -25.09 13.44
C PRO E 11 -26.51 -25.71 12.65
N ASP E 12 -27.07 -24.97 11.71
CA ASP E 12 -28.14 -25.49 10.86
C ASP E 12 -27.57 -26.51 9.88
N ILE E 13 -28.12 -27.71 9.88
CA ILE E 13 -27.70 -28.73 8.93
C ILE E 13 -28.78 -28.90 7.87
N ASN E 14 -28.60 -28.22 6.74
CA ASN E 14 -29.50 -28.33 5.60
C ASN E 14 -28.93 -29.34 4.62
N GLN E 15 -29.81 -30.13 4.02
CA GLN E 15 -29.37 -31.13 3.05
C GLN E 15 -30.41 -31.30 1.96
N GLY E 16 -29.92 -31.48 0.73
CA GLY E 16 -30.74 -31.78 -0.42
C GLY E 16 -31.49 -30.59 -0.97
N ASN E 17 -32.41 -30.90 -1.88
CA ASN E 17 -33.21 -29.87 -2.54
C ASN E 17 -34.18 -29.23 -1.56
N TYR E 18 -34.50 -27.96 -1.81
CA TYR E 18 -35.47 -27.23 -1.01
C TYR E 18 -36.83 -27.38 -1.69
N LEU E 19 -37.63 -28.31 -1.17
CA LEU E 19 -38.97 -28.53 -1.70
C LEU E 19 -39.89 -27.46 -1.13
N THR E 20 -40.45 -26.63 -2.01
CA THR E 20 -41.29 -25.51 -1.58
C THR E 20 -42.62 -25.99 -0.98
N ALA E 21 -42.94 -27.28 -1.11
CA ALA E 21 -44.17 -27.89 -0.64
C ALA E 21 -45.36 -27.48 -1.51
N ASN E 22 -45.11 -26.57 -2.45
CA ASN E 22 -46.05 -26.24 -3.51
C ASN E 22 -45.57 -26.67 -4.88
N ASP E 23 -44.25 -26.68 -5.10
CA ASP E 23 -43.70 -27.24 -6.34
C ASP E 23 -43.94 -28.73 -6.42
N VAL E 24 -43.82 -29.43 -5.28
CA VAL E 24 -43.99 -30.88 -5.27
C VAL E 24 -45.42 -31.26 -5.61
N SER E 25 -46.39 -30.44 -5.21
CA SER E 25 -47.78 -30.70 -5.58
C SER E 25 -47.97 -30.55 -7.08
N LYS E 26 -47.22 -29.65 -7.72
CA LYS E 26 -47.30 -29.45 -9.16
C LYS E 26 -46.78 -30.64 -9.95
N ILE E 27 -46.08 -31.58 -9.30
CA ILE E 27 -45.54 -32.74 -9.98
C ILE E 27 -46.63 -33.78 -10.16
N ARG E 28 -46.84 -34.23 -11.38
CA ARG E 28 -47.77 -35.31 -11.70
C ARG E 28 -47.09 -36.27 -12.66
N VAL E 29 -47.64 -37.49 -12.73
CA VAL E 29 -47.04 -38.51 -13.58
C VAL E 29 -47.12 -38.09 -15.04
N GLY E 30 -46.17 -38.58 -15.83
CA GLY E 30 -46.13 -38.33 -17.25
C GLY E 30 -45.21 -37.20 -17.68
N MET E 31 -44.74 -36.37 -16.75
CA MET E 31 -43.83 -35.30 -17.11
C MET E 31 -42.45 -35.85 -17.44
N THR E 32 -41.78 -35.21 -18.39
CA THR E 32 -40.42 -35.58 -18.73
C THR E 32 -39.44 -35.01 -17.70
N GLN E 33 -38.19 -35.46 -17.79
CA GLN E 33 -37.18 -35.02 -16.83
C GLN E 33 -36.93 -33.51 -16.92
N GLN E 34 -37.05 -32.94 -18.12
CA GLN E 34 -36.79 -31.51 -18.28
C GLN E 34 -37.81 -30.68 -17.50
N GLN E 35 -39.09 -31.07 -17.54
CA GLN E 35 -40.11 -30.26 -16.88
C GLN E 35 -39.95 -30.27 -15.38
N VAL E 36 -39.68 -31.44 -14.79
CA VAL E 36 -39.49 -31.49 -13.34
C VAL E 36 -38.18 -30.81 -12.95
N ALA E 37 -37.12 -31.01 -13.75
CA ALA E 37 -35.86 -30.33 -13.48
C ALA E 37 -36.00 -28.83 -13.58
N TYR E 38 -36.97 -28.34 -14.34
CA TYR E 38 -37.27 -26.92 -14.34
C TYR E 38 -38.12 -26.54 -13.12
N ALA E 39 -39.03 -27.42 -12.71
CA ALA E 39 -39.97 -27.07 -11.65
C ALA E 39 -39.27 -27.00 -10.29
N LEU E 40 -38.43 -27.99 -9.98
CA LEU E 40 -37.75 -28.04 -8.69
C LEU E 40 -36.24 -27.91 -8.79
N GLY E 41 -35.67 -28.00 -9.98
CA GLY E 41 -34.23 -28.00 -10.13
C GLY E 41 -33.66 -29.40 -10.13
N THR E 42 -32.39 -29.49 -10.52
CA THR E 42 -31.71 -30.77 -10.56
C THR E 42 -31.61 -31.35 -9.15
N PRO E 43 -32.00 -32.60 -8.93
CA PRO E 43 -31.87 -33.18 -7.60
C PRO E 43 -30.41 -33.34 -7.21
N LEU E 44 -30.15 -33.20 -5.91
CA LEU E 44 -28.79 -33.40 -5.44
C LEU E 44 -28.35 -34.84 -5.62
N MET E 45 -29.26 -35.79 -5.45
CA MET E 45 -28.95 -37.21 -5.49
C MET E 45 -29.82 -37.90 -6.53
N SER E 46 -29.20 -38.69 -7.39
CA SER E 46 -29.86 -39.57 -8.32
C SER E 46 -29.70 -41.01 -7.85
N ASP E 47 -30.10 -41.95 -8.68
CA ASP E 47 -29.84 -43.35 -8.40
C ASP E 47 -28.71 -43.82 -9.30
N PRO E 48 -27.45 -43.72 -8.86
CA PRO E 48 -26.33 -44.10 -9.73
C PRO E 48 -26.32 -45.58 -10.09
N PHE E 49 -26.99 -46.43 -9.30
CA PHE E 49 -27.00 -47.85 -9.58
C PHE E 49 -28.11 -48.23 -10.57
N GLY E 50 -29.35 -47.87 -10.26
CA GLY E 50 -30.49 -48.26 -11.05
C GLY E 50 -30.86 -47.24 -12.11
N THR E 51 -32.16 -47.14 -12.37
CA THR E 51 -32.68 -46.25 -13.40
C THR E 51 -32.72 -44.82 -12.90
N ASN E 52 -33.38 -43.94 -13.65
CA ASN E 52 -33.49 -42.53 -13.28
C ASN E 52 -34.47 -42.41 -12.12
N THR E 53 -33.95 -42.61 -10.91
CA THR E 53 -34.73 -42.53 -9.68
C THR E 53 -34.23 -41.31 -8.90
N TRP E 54 -34.81 -40.16 -9.21
CA TRP E 54 -34.36 -38.91 -8.61
C TRP E 54 -34.84 -38.80 -7.17
N PHE E 55 -33.93 -38.56 -6.24
CA PHE E 55 -34.25 -38.41 -4.82
C PHE E 55 -34.14 -36.93 -4.45
N TYR E 56 -35.27 -36.29 -4.22
CA TYR E 56 -35.31 -34.91 -3.73
C TYR E 56 -35.54 -34.98 -2.22
N VAL E 57 -34.49 -34.74 -1.44
CA VAL E 57 -34.58 -34.82 0.01
C VAL E 57 -34.45 -33.42 0.58
N PHE E 58 -35.49 -32.97 1.27
CA PHE E 58 -35.52 -31.69 1.95
C PHE E 58 -35.28 -31.98 3.42
N ARG E 59 -34.02 -31.97 3.85
CA ARG E 59 -33.65 -32.36 5.19
C ARG E 59 -33.15 -31.14 5.96
N GLN E 60 -33.69 -30.91 7.15
CA GLN E 60 -33.28 -29.79 7.98
C GLN E 60 -33.07 -30.27 9.42
N GLN E 61 -31.89 -29.99 9.97
CA GLN E 61 -31.57 -30.31 11.36
C GLN E 61 -31.14 -29.01 12.03
N PRO E 62 -32.06 -28.31 12.70
CA PRO E 62 -31.70 -27.04 13.33
C PRO E 62 -30.86 -27.22 14.60
N GLY E 63 -30.68 -26.13 15.34
CA GLY E 63 -29.84 -26.13 16.52
C GLY E 63 -30.50 -26.75 17.74
N HIS E 64 -30.53 -28.08 17.78
CA HIS E 64 -31.15 -28.86 18.86
C HIS E 64 -32.67 -28.70 18.83
N GLU E 65 -33.26 -28.86 17.65
CA GLU E 65 -34.70 -28.82 17.48
C GLU E 65 -35.30 -30.15 17.05
N GLY E 66 -34.57 -30.95 16.29
CA GLY E 66 -35.10 -32.23 15.81
C GLY E 66 -35.10 -32.23 14.30
N VAL E 67 -34.52 -33.28 13.73
CA VAL E 67 -34.33 -33.34 12.28
C VAL E 67 -35.66 -33.64 11.60
N THR E 68 -36.01 -32.81 10.62
CA THR E 68 -37.23 -32.98 9.84
C THR E 68 -36.83 -33.18 8.38
N GLN E 69 -37.25 -34.29 7.80
CA GLN E 69 -36.87 -34.64 6.44
C GLN E 69 -38.11 -34.94 5.63
N GLN E 70 -38.16 -34.41 4.41
CA GLN E 70 -39.21 -34.71 3.45
C GLN E 70 -38.58 -35.34 2.23
N THR E 71 -38.90 -36.60 1.99
CA THR E 71 -38.33 -37.36 0.88
C THR E 71 -39.31 -37.34 -0.30
N LEU E 72 -38.79 -37.17 -1.50
CA LEU E 72 -39.59 -37.23 -2.72
C LEU E 72 -38.84 -38.07 -3.73
N THR E 73 -39.32 -39.28 -3.99
CA THR E 73 -38.69 -40.18 -4.95
C THR E 73 -39.46 -40.12 -6.27
N LEU E 74 -38.76 -39.79 -7.34
CA LEU E 74 -39.33 -39.73 -8.67
C LEU E 74 -38.73 -40.88 -9.46
N THR E 75 -39.56 -41.89 -9.74
CA THR E 75 -39.12 -43.05 -10.49
C THR E 75 -39.52 -42.86 -11.95
N PHE E 76 -38.52 -42.61 -12.80
CA PHE E 76 -38.71 -42.47 -14.23
C PHE E 76 -38.53 -43.83 -14.89
N ASN E 77 -38.39 -43.84 -16.21
CA ASN E 77 -37.98 -45.04 -16.94
C ASN E 77 -36.78 -44.72 -17.81
N SER E 78 -36.42 -45.64 -18.71
CA SER E 78 -35.34 -45.35 -19.65
C SER E 78 -35.72 -44.21 -20.58
N SER E 79 -36.98 -44.16 -21.00
CA SER E 79 -37.43 -43.15 -21.95
C SER E 79 -37.30 -41.73 -21.43
N GLY E 80 -37.21 -41.55 -20.12
CA GLY E 80 -37.14 -40.21 -19.56
C GLY E 80 -38.47 -39.61 -19.17
N VAL E 81 -39.49 -40.44 -18.94
CA VAL E 81 -40.81 -39.97 -18.54
C VAL E 81 -41.10 -40.47 -17.13
N LEU E 82 -41.72 -39.60 -16.33
CA LEU E 82 -42.00 -39.92 -14.94
C LEU E 82 -43.02 -41.04 -14.85
N THR E 83 -42.81 -41.95 -13.89
CA THR E 83 -43.72 -43.08 -13.70
C THR E 83 -44.27 -43.17 -12.27
N ASN E 84 -43.46 -42.86 -11.26
CA ASN E 84 -43.89 -43.05 -9.88
C ASN E 84 -43.46 -41.88 -9.03
N ILE E 85 -44.31 -41.51 -8.08
CA ILE E 85 -44.05 -40.44 -7.12
C ILE E 85 -44.22 -41.02 -5.72
N ASP E 86 -43.12 -41.28 -5.04
CA ASP E 86 -43.13 -41.77 -3.67
C ASP E 86 -42.80 -40.58 -2.77
N ASN E 87 -43.82 -39.94 -2.24
CA ASN E 87 -43.66 -38.77 -1.38
C ASN E 87 -43.81 -39.18 0.08
N LYS E 88 -42.79 -38.90 0.87
CA LYS E 88 -42.82 -39.08 2.32
C LYS E 88 -42.67 -37.71 2.96
N PRO E 89 -43.77 -37.08 3.39
CA PRO E 89 -43.68 -35.71 3.91
C PRO E 89 -42.86 -35.57 5.17
N ALA E 90 -42.68 -36.63 5.93
CA ALA E 90 -41.94 -36.55 7.19
C ALA E 90 -41.02 -37.76 7.32
N LEU E 91 -40.02 -37.61 8.19
CA LEU E 91 -39.10 -38.71 8.45
C LEU E 91 -39.82 -39.77 9.27
N SER E 92 -39.98 -40.95 8.68
CA SER E 92 -40.70 -42.04 9.34
C SER E 92 -39.93 -42.58 10.55
N VAL F 47 42.77 3.40 -39.96
CA VAL F 47 42.77 4.58 -40.82
C VAL F 47 41.41 5.27 -40.76
N ASP F 48 40.39 4.53 -40.35
CA ASP F 48 39.03 5.06 -40.18
C ASP F 48 38.53 4.65 -38.80
N CYS F 49 38.84 5.45 -37.80
CA CYS F 49 38.40 5.22 -36.44
C CYS F 49 37.03 5.85 -36.23
N VAL F 50 36.60 5.94 -34.97
CA VAL F 50 35.34 6.58 -34.62
C VAL F 50 35.62 7.70 -33.62
N ALA F 51 35.03 8.86 -33.85
CA ALA F 51 35.22 9.98 -32.94
C ALA F 51 34.33 9.86 -31.70
N ALA F 52 33.07 9.51 -31.90
CA ALA F 52 32.11 9.49 -30.80
C ALA F 52 30.92 8.61 -31.18
N VAL F 53 30.15 8.25 -30.16
CA VAL F 53 28.89 7.54 -30.33
C VAL F 53 27.77 8.43 -29.79
N VAL F 54 26.72 8.60 -30.60
CA VAL F 54 25.57 9.41 -30.22
C VAL F 54 24.31 8.62 -30.56
N ASN F 55 23.48 8.38 -29.53
CA ASN F 55 22.25 7.59 -29.68
C ASN F 55 22.64 6.24 -30.27
N ASN F 56 21.95 5.74 -31.30
CA ASN F 56 22.38 4.55 -32.00
C ASN F 56 23.38 4.83 -33.11
N GLY F 57 23.54 6.10 -33.50
CA GLY F 57 24.48 6.45 -34.55
C GLY F 57 25.88 6.67 -34.03
N VAL F 58 26.84 6.68 -34.96
CA VAL F 58 28.24 6.89 -34.64
C VAL F 58 28.85 7.81 -35.68
N VAL F 59 29.65 8.78 -35.22
CA VAL F 59 30.41 9.67 -36.07
C VAL F 59 31.83 9.12 -36.19
N LEU F 60 32.33 9.05 -37.42
CA LEU F 60 33.60 8.39 -37.70
C LEU F 60 34.76 9.37 -37.52
N GLU F 61 35.94 8.97 -37.98
CA GLU F 61 37.06 9.89 -38.16
C GLU F 61 37.29 10.24 -39.62
N SER F 62 36.84 9.39 -40.55
CA SER F 62 36.96 9.73 -41.96
C SER F 62 36.12 10.95 -42.31
N ASP F 63 34.88 11.00 -41.81
CA ASP F 63 34.02 12.14 -42.09
C ASP F 63 34.54 13.41 -41.41
N VAL F 64 35.06 13.27 -40.18
CA VAL F 64 35.61 14.41 -39.46
C VAL F 64 36.77 15.03 -40.25
N ASP F 65 37.71 14.19 -40.68
CA ASP F 65 38.85 14.68 -41.44
C ASP F 65 38.43 15.22 -42.80
N GLY F 66 37.44 14.57 -43.44
CA GLY F 66 36.97 15.05 -44.72
C GLY F 66 36.36 16.43 -44.64
N LEU F 67 35.50 16.65 -43.63
CA LEU F 67 34.90 17.97 -43.48
C LEU F 67 35.94 19.00 -43.03
N MET F 68 36.95 18.57 -42.27
CA MET F 68 38.05 19.47 -41.94
C MET F 68 38.80 19.90 -43.20
N GLN F 69 39.06 18.96 -44.10
CA GLN F 69 39.69 19.32 -45.36
C GLN F 69 38.79 20.21 -46.20
N SER F 70 37.47 20.00 -46.11
CA SER F 70 36.53 20.86 -46.84
C SER F 70 36.61 22.29 -46.35
N VAL F 71 36.58 22.49 -45.03
CA VAL F 71 36.67 23.85 -44.51
C VAL F 71 38.07 24.43 -44.73
N LYS F 72 39.10 23.57 -44.77
CA LYS F 72 40.44 24.02 -45.11
C LYS F 72 40.47 24.60 -46.52
N LEU F 73 39.90 23.87 -47.48
CA LEU F 73 39.84 24.34 -48.85
C LEU F 73 38.98 25.60 -48.97
N ASN F 74 37.87 25.65 -48.24
CA ASN F 74 37.06 26.85 -48.21
C ASN F 74 37.83 28.02 -47.60
N ALA F 75 38.59 27.76 -46.54
CA ALA F 75 39.41 28.78 -45.91
C ALA F 75 40.83 28.75 -46.46
N GLN F 80 39.56 33.05 -46.12
CA GLN F 80 39.44 32.94 -44.67
C GLN F 80 40.65 32.20 -44.09
N GLN F 81 41.08 32.64 -42.90
CA GLN F 81 42.18 32.03 -42.20
C GLN F 81 41.66 31.33 -40.93
N LEU F 82 42.26 30.19 -40.60
CA LEU F 82 41.76 29.32 -39.55
C LEU F 82 42.83 29.01 -38.50
N PRO F 83 42.41 28.78 -37.24
CA PRO F 83 43.39 28.55 -36.15
C PRO F 83 44.04 27.18 -36.18
N ASP F 84 44.74 26.84 -35.10
CA ASP F 84 45.51 25.60 -35.03
C ASP F 84 44.59 24.39 -35.22
N ASP F 85 45.12 23.38 -35.90
CA ASP F 85 44.31 22.25 -36.36
C ASP F 85 43.75 21.42 -35.22
N ALA F 86 44.35 21.48 -34.02
CA ALA F 86 43.81 20.71 -32.90
C ALA F 86 42.43 21.24 -32.48
N THR F 87 42.33 22.56 -32.34
CA THR F 87 41.03 23.17 -32.01
C THR F 87 40.02 22.91 -33.11
N LEU F 88 40.46 22.96 -34.37
CA LEU F 88 39.56 22.60 -35.46
C LEU F 88 39.11 21.16 -35.37
N ARG F 89 40.02 20.24 -35.02
CA ARG F 89 39.62 18.85 -34.79
C ARG F 89 38.49 18.77 -33.76
N HIS F 90 38.70 19.40 -32.60
CA HIS F 90 37.69 19.32 -31.55
C HIS F 90 36.38 19.95 -32.00
N GLN F 91 36.46 21.10 -32.68
CA GLN F 91 35.24 21.77 -33.13
C GLN F 91 34.54 20.96 -34.21
N ILE F 92 35.30 20.28 -35.07
CA ILE F 92 34.71 19.49 -36.14
C ILE F 92 33.99 18.28 -35.58
N MET F 93 34.62 17.58 -34.61
CA MET F 93 33.89 16.47 -33.99
C MET F 93 32.67 16.98 -33.23
N GLU F 94 32.77 18.14 -32.59
CA GLU F 94 31.60 18.74 -31.95
C GLU F 94 30.48 19.00 -32.96
N ARG F 95 30.84 19.56 -34.12
CA ARG F 95 29.85 19.89 -35.15
C ARG F 95 29.22 18.63 -35.74
N LEU F 96 30.03 17.60 -35.97
CA LEU F 96 29.48 16.36 -36.51
C LEU F 96 28.61 15.64 -35.49
N ILE F 97 28.97 15.71 -34.21
CA ILE F 97 28.08 15.20 -33.16
C ILE F 97 26.78 15.98 -33.16
N MET F 98 26.87 17.31 -33.30
CA MET F 98 25.68 18.16 -33.37
C MET F 98 24.79 17.77 -34.53
N ASP F 99 25.40 17.50 -35.69
CA ASP F 99 24.62 17.12 -36.86
C ASP F 99 24.03 15.72 -36.71
N GLN F 100 24.78 14.79 -36.12
CA GLN F 100 24.30 13.42 -36.00
C GLN F 100 23.17 13.28 -34.98
N ILE F 101 23.23 14.03 -33.87
CA ILE F 101 22.17 13.90 -32.87
C ILE F 101 20.83 14.36 -33.45
N ILE F 102 20.83 15.48 -34.17
CA ILE F 102 19.61 15.93 -34.84
C ILE F 102 19.29 15.06 -36.05
N LEU F 103 20.28 14.42 -36.66
CA LEU F 103 20.00 13.46 -37.72
C LEU F 103 19.21 12.28 -37.20
N GLN F 104 19.56 11.78 -36.01
CA GLN F 104 18.77 10.73 -35.39
C GLN F 104 17.31 11.15 -35.28
N MET F 105 17.07 12.45 -35.06
CA MET F 105 15.75 13.04 -35.14
C MET F 105 15.46 13.41 -36.60
N GLY F 106 15.08 12.40 -37.38
CA GLY F 106 14.71 12.67 -38.76
C GLY F 106 15.09 11.62 -39.79
N GLN F 107 16.14 10.84 -39.53
CA GLN F 107 16.46 9.74 -40.44
C GLN F 107 15.81 8.44 -40.03
N LYS F 108 15.18 8.39 -38.85
CA LYS F 108 14.30 7.30 -38.47
C LYS F 108 12.83 7.64 -38.63
N MET F 109 12.47 8.93 -38.70
CA MET F 109 11.07 9.31 -38.85
C MET F 109 10.80 10.06 -40.15
N GLY F 110 11.52 11.16 -40.38
CA GLY F 110 11.29 11.98 -41.57
C GLY F 110 11.80 11.24 -42.81
N VAL F 111 11.09 11.43 -43.92
CA VAL F 111 11.49 10.82 -45.18
C VAL F 111 12.77 11.46 -45.70
N LYS F 112 13.22 11.01 -46.87
CA LYS F 112 14.49 11.41 -47.45
C LYS F 112 14.28 12.37 -48.60
N ILE F 113 15.19 13.34 -48.72
CA ILE F 113 15.13 14.31 -49.82
C ILE F 113 15.23 13.59 -51.17
N SER F 114 14.60 14.18 -52.18
CA SER F 114 14.72 13.68 -53.54
C SER F 114 16.07 14.06 -54.13
N ASP F 115 16.36 13.51 -55.31
CA ASP F 115 17.66 13.68 -55.94
C ASP F 115 17.70 14.81 -56.97
N GLU F 116 16.67 14.92 -57.82
CA GLU F 116 16.73 15.93 -58.89
C GLU F 116 16.62 17.35 -58.33
N GLN F 117 15.85 17.55 -57.25
CA GLN F 117 15.84 18.85 -56.61
C GLN F 117 17.17 19.16 -55.94
N LEU F 118 17.85 18.12 -55.44
CA LEU F 118 19.21 18.27 -54.95
C LEU F 118 20.17 18.63 -56.08
N ASP F 119 20.02 17.96 -57.23
CA ASP F 119 20.89 18.28 -58.37
C ASP F 119 20.66 19.70 -58.85
N GLN F 120 19.41 20.17 -58.85
CA GLN F 120 19.13 21.55 -59.24
C GLN F 120 19.79 22.53 -58.28
N ALA F 121 19.73 22.24 -56.98
CA ALA F 121 20.34 23.13 -56.00
C ALA F 121 21.86 23.18 -56.15
N ILE F 122 22.49 22.02 -56.34
CA ILE F 122 23.95 22.02 -56.44
C ILE F 122 24.41 22.63 -57.76
N ALA F 123 23.66 22.40 -58.85
CA ALA F 123 24.00 22.99 -60.12
C ALA F 123 23.82 24.51 -60.09
N ASN F 124 22.85 24.99 -59.32
CA ASN F 124 22.64 26.43 -59.22
C ASN F 124 23.89 27.10 -58.63
N ILE F 125 24.41 26.57 -57.54
CA ILE F 125 25.59 27.14 -56.91
C ILE F 125 26.85 26.73 -57.65
N LEU F 145 37.16 16.76 -57.50
CA LEU F 145 36.96 16.01 -56.27
C LEU F 145 36.12 14.77 -56.51
N ASN F 146 35.93 13.97 -55.46
CA ASN F 146 35.15 12.75 -55.57
C ASN F 146 33.67 13.07 -55.66
N TYR F 147 33.05 12.70 -56.78
CA TYR F 147 31.64 13.03 -56.99
C TYR F 147 30.75 12.28 -56.01
N ASN F 148 31.09 11.02 -55.71
CA ASN F 148 30.30 10.24 -54.77
C ASN F 148 30.31 10.87 -53.38
N THR F 149 31.48 11.29 -52.90
CA THR F 149 31.57 11.91 -51.58
C THR F 149 30.82 13.24 -51.54
N TYR F 150 30.95 14.05 -52.60
CA TYR F 150 30.24 15.32 -52.64
C TYR F 150 28.72 15.11 -52.61
N ARG F 151 28.24 14.13 -53.38
CA ARG F 151 26.81 13.85 -53.38
C ARG F 151 26.36 13.28 -52.04
N ASN F 152 27.24 12.51 -51.38
CA ASN F 152 26.91 12.02 -50.05
C ASN F 152 26.79 13.16 -49.05
N GLN F 153 27.70 14.14 -49.12
CA GLN F 153 27.63 15.27 -48.20
C GLN F 153 26.37 16.12 -48.44
N ILE F 154 26.03 16.34 -49.71
CA ILE F 154 24.86 17.18 -49.98
C ILE F 154 23.57 16.46 -49.57
N ARG F 155 23.49 15.14 -49.80
CA ARG F 155 22.38 14.35 -49.27
C ARG F 155 22.41 14.31 -47.74
N LYS F 156 23.58 14.49 -47.14
CA LYS F 156 23.75 14.46 -45.70
C LYS F 156 23.23 15.74 -45.05
N GLU F 157 23.37 16.86 -45.74
CA GLU F 157 23.06 18.18 -45.18
C GLU F 157 21.68 18.70 -45.57
N MET F 158 21.21 18.47 -46.79
CA MET F 158 19.90 19.01 -47.15
C MET F 158 18.76 18.32 -46.41
N ILE F 159 18.93 17.06 -46.00
CA ILE F 159 17.90 16.42 -45.19
C ILE F 159 17.93 16.98 -43.77
N ILE F 160 19.12 17.28 -43.23
CA ILE F 160 19.17 17.77 -41.87
C ILE F 160 18.64 19.19 -41.80
N SER F 161 18.87 20.00 -42.83
CA SER F 161 18.26 21.33 -42.84
C SER F 161 16.74 21.24 -42.89
N GLU F 162 16.22 20.30 -43.69
CA GLU F 162 14.77 20.15 -43.81
C GLU F 162 14.15 19.71 -42.49
N VAL F 163 14.75 18.72 -41.82
CA VAL F 163 14.16 18.25 -40.57
C VAL F 163 14.33 19.28 -39.46
N ARG F 164 15.44 20.03 -39.46
CA ARG F 164 15.59 21.12 -38.51
C ARG F 164 14.49 22.16 -38.72
N ASN F 165 14.21 22.52 -39.97
CA ASN F 165 13.12 23.44 -40.25
C ASN F 165 11.79 22.86 -39.80
N ASN F 166 11.58 21.56 -40.03
CA ASN F 166 10.31 20.93 -39.66
C ASN F 166 10.08 21.03 -38.15
N GLU F 167 11.11 20.74 -37.36
CA GLU F 167 10.95 20.83 -35.91
C GLU F 167 10.79 22.27 -35.44
N VAL F 168 11.58 23.19 -35.99
CA VAL F 168 11.55 24.57 -35.53
C VAL F 168 10.22 25.22 -35.87
N ARG F 169 9.63 24.87 -37.03
CA ARG F 169 8.33 25.41 -37.39
C ARG F 169 7.27 25.03 -36.37
N ARG F 170 7.32 23.79 -35.87
CA ARG F 170 6.36 23.38 -34.85
C ARG F 170 6.69 23.96 -33.49
N ARG F 171 7.93 24.35 -33.24
CA ARG F 171 8.25 25.02 -31.99
C ARG F 171 8.02 26.53 -32.04
N ILE F 172 7.52 27.06 -33.15
CA ILE F 172 7.26 28.49 -33.30
C ILE F 172 5.82 28.68 -33.77
N THR F 173 5.13 29.65 -33.17
CA THR F 173 3.81 30.06 -33.62
C THR F 173 3.86 31.50 -34.13
N ILE F 174 3.17 31.75 -35.24
CA ILE F 174 3.11 33.07 -35.85
C ILE F 174 1.63 33.44 -36.01
N LEU F 175 1.19 34.44 -35.27
CA LEU F 175 -0.19 34.90 -35.39
C LEU F 175 -0.30 36.03 -36.41
N PRO F 176 -1.46 36.18 -37.05
CA PRO F 176 -1.72 37.38 -37.86
C PRO F 176 -1.96 38.63 -37.02
N GLN F 177 -1.95 38.50 -35.69
CA GLN F 177 -2.13 39.61 -34.77
C GLN F 177 -0.82 40.37 -34.62
N GLU F 178 -0.71 41.19 -33.57
CA GLU F 178 0.46 42.01 -33.31
C GLU F 178 1.76 41.21 -33.37
N VAL F 179 1.66 39.88 -33.33
CA VAL F 179 2.81 39.03 -33.65
C VAL F 179 3.32 39.37 -35.05
N GLU F 180 2.40 39.60 -35.99
CA GLU F 180 2.79 40.04 -37.32
C GLU F 180 3.49 41.38 -37.31
N SER F 181 3.37 42.14 -36.22
CA SER F 181 4.05 43.43 -36.06
C SER F 181 3.66 44.40 -37.17
N LEU F 182 2.36 44.48 -37.44
CA LEU F 182 1.87 45.44 -38.43
C LEU F 182 2.14 46.87 -37.98
N ALA F 183 1.97 47.14 -36.68
CA ALA F 183 2.24 48.47 -36.14
C ALA F 183 3.74 48.69 -35.96
N VAL F 186 4.29 47.70 -40.23
CA VAL F 186 5.40 46.98 -40.85
C VAL F 186 6.72 47.64 -40.46
N GLY F 187 6.67 48.96 -40.23
CA GLY F 187 7.88 49.67 -39.84
C GLY F 187 8.40 49.25 -38.48
N ASN F 188 7.51 49.13 -37.50
CA ASN F 188 7.86 48.73 -36.14
C ASN F 188 8.97 49.61 -35.59
N GLN F 189 10.13 49.01 -35.30
CA GLN F 189 11.28 49.75 -34.79
C GLN F 189 12.04 50.34 -35.98
N ASN F 190 11.74 51.60 -36.30
CA ASN F 190 12.38 52.31 -37.41
C ASN F 190 12.24 51.55 -38.72
N ALA F 192 14.08 48.47 -39.03
CA ALA F 192 14.11 48.08 -40.43
C ALA F 192 14.55 49.25 -41.31
N SER F 193 15.86 49.46 -41.39
CA SER F 193 16.42 50.56 -42.18
C SER F 193 17.23 50.06 -43.37
N THR F 194 18.25 49.24 -43.12
CA THR F 194 19.09 48.73 -44.19
C THR F 194 19.61 47.36 -43.79
N GLU F 195 19.82 46.50 -44.79
CA GLU F 195 20.38 45.18 -44.54
C GLU F 195 21.78 45.30 -43.96
N LEU F 196 22.10 44.44 -43.00
CA LEU F 196 23.40 44.46 -42.35
C LEU F 196 24.09 43.11 -42.51
N ASN F 197 25.38 43.16 -42.86
CA ASN F 197 26.21 41.97 -42.91
C ASN F 197 26.95 41.88 -41.58
N LEU F 198 26.59 40.90 -40.75
CA LEU F 198 27.14 40.75 -39.42
C LEU F 198 27.55 39.30 -39.18
N SER F 199 28.51 39.12 -38.28
CA SER F 199 29.03 37.80 -37.92
C SER F 199 28.67 37.51 -36.46
N HIS F 200 28.58 36.21 -36.14
CA HIS F 200 28.12 35.76 -34.83
C HIS F 200 29.10 34.75 -34.26
N ILE F 201 29.47 34.95 -32.99
CA ILE F 201 30.20 33.96 -32.20
C ILE F 201 29.34 33.59 -31.01
N LEU F 202 29.14 32.28 -30.81
CA LEU F 202 28.32 31.77 -29.72
C LEU F 202 29.19 30.97 -28.77
N ILE F 203 28.91 31.08 -27.47
CA ILE F 203 29.62 30.30 -26.46
C ILE F 203 28.64 29.29 -25.88
N PRO F 204 28.72 28.02 -26.26
CA PRO F 204 27.73 27.04 -25.77
C PRO F 204 27.78 26.90 -24.26
N LEU F 205 26.61 26.71 -23.66
CA LEU F 205 26.47 26.52 -22.23
C LEU F 205 25.48 25.39 -21.98
N PRO F 206 25.64 24.66 -20.88
CA PRO F 206 24.65 23.62 -20.54
C PRO F 206 23.33 24.24 -20.12
N GLU F 207 22.26 23.46 -20.26
CA GLU F 207 20.92 23.96 -19.82
C GLU F 207 21.07 24.49 -18.39
N ASN F 208 22.03 23.94 -17.64
CA ASN F 208 22.30 24.43 -16.26
C ASN F 208 23.76 24.92 -16.21
N PRO F 209 24.07 26.13 -16.73
CA PRO F 209 25.44 26.62 -16.78
C PRO F 209 25.78 27.42 -15.53
N THR F 210 25.03 27.20 -14.45
CA THR F 210 25.25 27.97 -13.19
C THR F 210 26.61 27.61 -12.57
N SER F 211 26.62 26.71 -11.59
CA SER F 211 27.88 26.33 -10.89
C SER F 211 29.06 27.21 -11.35
N ASP F 212 29.78 26.79 -12.39
CA ASP F 212 30.98 27.55 -12.84
C ASP F 212 30.94 27.73 -14.37
N GLN F 213 30.04 27.03 -15.05
CA GLN F 213 30.02 27.11 -16.54
C GLN F 213 29.96 28.58 -16.98
N VAL F 214 28.96 29.32 -16.51
CA VAL F 214 28.81 30.75 -16.91
C VAL F 214 30.05 31.52 -16.46
N ASN F 215 30.61 31.16 -15.29
CA ASN F 215 31.79 31.90 -14.75
C ASN F 215 32.96 31.77 -15.72
N GLU F 216 33.31 30.54 -16.11
CA GLU F 216 34.42 30.33 -17.08
C GLU F 216 33.94 30.84 -18.45
N ALA F 217 32.70 30.54 -18.82
CA ALA F 217 32.14 31.04 -20.07
C ALA F 217 32.27 32.55 -20.15
N GLU F 218 32.03 33.25 -19.04
CA GLU F 218 32.24 34.69 -19.00
C GLU F 218 33.70 35.03 -19.24
N SER F 219 34.62 34.29 -18.63
CA SER F 219 36.04 34.57 -18.83
C SER F 219 36.43 34.40 -20.30
N GLN F 220 35.97 33.31 -20.91
CA GLN F 220 36.27 33.09 -22.33
C GLN F 220 35.63 34.17 -23.21
N ALA F 221 34.40 34.58 -22.87
CA ALA F 221 33.72 35.60 -23.65
C ALA F 221 34.41 36.95 -23.54
N ARG F 222 34.85 37.32 -22.33
CA ARG F 222 35.62 38.55 -22.17
C ARG F 222 36.93 38.48 -22.93
N ALA F 223 37.60 37.33 -22.91
CA ALA F 223 38.83 37.20 -23.69
C ALA F 223 38.55 37.37 -25.18
N ILE F 224 37.44 36.80 -25.66
CA ILE F 224 37.11 36.89 -27.08
C ILE F 224 36.82 38.33 -27.47
N VAL F 225 35.99 39.02 -26.69
CA VAL F 225 35.62 40.38 -27.04
C VAL F 225 36.83 41.32 -26.93
N ASP F 226 37.71 41.06 -25.96
CA ASP F 226 38.93 41.85 -25.86
C ASP F 226 39.85 41.62 -27.05
N GLN F 227 39.97 40.36 -27.49
CA GLN F 227 40.81 40.07 -28.65
C GLN F 227 40.25 40.72 -29.90
N ALA F 228 38.94 40.70 -30.08
CA ALA F 228 38.31 41.34 -31.23
C ALA F 228 37.77 42.71 -30.85
N PHE F 234 38.97 37.87 -34.97
CA PHE F 234 37.59 37.38 -35.05
C PHE F 234 37.52 36.15 -35.95
N GLY F 235 38.42 36.10 -36.93
CA GLY F 235 38.50 34.91 -37.76
C GLY F 235 38.92 33.68 -36.97
N LYS F 236 39.87 33.84 -36.05
CA LYS F 236 40.24 32.75 -35.18
C LYS F 236 39.07 32.30 -34.31
N LEU F 237 38.43 33.25 -33.63
CA LEU F 237 37.54 32.89 -32.53
C LEU F 237 36.20 32.35 -33.03
N ALA F 238 35.76 32.78 -34.22
CA ALA F 238 34.52 32.26 -34.78
C ALA F 238 34.61 30.75 -35.02
N ILE F 239 35.81 30.24 -35.23
CA ILE F 239 36.00 28.80 -35.36
C ILE F 239 36.46 28.19 -34.04
N ALA F 240 37.13 28.97 -33.18
CA ALA F 240 37.78 28.43 -31.99
C ALA F 240 36.77 27.77 -31.05
N HIS F 241 35.82 28.56 -30.54
CA HIS F 241 34.91 28.06 -29.50
C HIS F 241 33.48 28.52 -29.80
N SER F 242 33.04 28.36 -31.04
CA SER F 242 31.66 28.66 -31.41
C SER F 242 30.83 27.39 -31.39
N ALA F 243 29.52 27.55 -31.51
CA ALA F 243 28.59 26.44 -31.45
C ALA F 243 27.58 26.36 -32.58
N ASP F 244 27.29 27.47 -33.26
CA ASP F 244 26.32 27.44 -34.34
C ASP F 244 26.90 26.70 -35.56
N GLN F 245 26.02 26.36 -36.50
CA GLN F 245 26.46 25.66 -37.70
C GLN F 245 27.42 26.51 -38.52
N GLN F 246 27.35 27.83 -38.39
CA GLN F 246 28.26 28.74 -39.07
C GLN F 246 29.57 28.92 -38.33
N ALA F 247 29.90 28.03 -37.39
CA ALA F 247 31.15 28.16 -36.65
C ALA F 247 32.35 28.06 -37.58
N LEU F 248 32.34 27.09 -38.48
CA LEU F 248 33.47 26.92 -39.39
C LEU F 248 33.49 27.99 -40.47
N ASN F 249 32.31 28.36 -40.97
CA ASN F 249 32.23 29.45 -41.94
C ASN F 249 32.67 30.78 -41.32
N GLY F 250 32.55 30.92 -40.01
CA GLY F 250 32.90 32.14 -39.32
C GLY F 250 31.72 32.93 -38.77
N GLY F 251 30.55 32.32 -38.63
CA GLY F 251 29.38 33.03 -38.15
C GLY F 251 28.74 33.96 -39.15
N GLN F 252 29.08 33.84 -40.44
CA GLN F 252 28.50 34.71 -41.45
C GLN F 252 27.01 34.44 -41.59
N MET F 253 26.23 35.52 -41.66
CA MET F 253 24.79 35.43 -41.81
C MET F 253 24.28 36.09 -43.08
N GLY F 254 25.18 36.64 -43.91
CA GLY F 254 24.74 37.37 -45.07
C GLY F 254 24.10 38.69 -44.67
N TRP F 255 23.26 39.20 -45.57
CA TRP F 255 22.51 40.41 -45.28
C TRP F 255 21.47 40.15 -44.22
N GLY F 256 21.30 41.11 -43.30
CA GLY F 256 20.32 40.99 -42.25
C GLY F 256 19.69 42.31 -41.87
N ARG F 257 18.37 42.39 -41.90
CA ARG F 257 17.68 43.60 -41.50
C ARG F 257 17.55 43.67 -39.98
N ILE F 258 17.03 44.81 -39.50
CA ILE F 258 17.01 45.07 -38.07
C ILE F 258 16.10 44.08 -37.34
N GLN F 259 14.90 43.85 -37.89
CA GLN F 259 13.94 42.98 -37.24
C GLN F 259 14.18 41.51 -37.52
N GLU F 260 15.15 41.16 -38.37
CA GLU F 260 15.47 39.78 -38.68
C GLU F 260 16.54 39.21 -37.77
N LEU F 261 16.65 39.72 -36.55
CA LEU F 261 17.66 39.29 -35.60
C LEU F 261 17.01 39.00 -34.26
N PRO F 262 17.62 38.14 -33.45
CA PRO F 262 17.07 37.82 -32.13
C PRO F 262 16.86 39.06 -31.27
N GLY F 263 15.90 38.96 -30.36
CA GLY F 263 15.56 40.10 -29.52
C GLY F 263 16.70 40.56 -28.64
N ILE F 264 17.55 39.64 -28.20
CA ILE F 264 18.72 40.03 -27.42
C ILE F 264 19.66 40.87 -28.27
N PHE F 265 19.74 40.59 -29.56
CA PHE F 265 20.64 41.31 -30.46
C PHE F 265 20.13 42.68 -30.84
N ALA F 266 18.85 43.00 -30.59
CA ALA F 266 18.32 44.29 -30.99
C ALA F 266 19.00 45.43 -30.25
N GLN F 267 19.18 45.27 -28.93
CA GLN F 267 19.82 46.32 -28.15
C GLN F 267 21.29 46.48 -28.53
N ALA F 268 21.96 45.36 -28.86
CA ALA F 268 23.33 45.45 -29.36
C ALA F 268 23.37 46.17 -30.72
N LEU F 269 22.37 45.92 -31.55
CA LEU F 269 22.28 46.61 -32.84
C LEU F 269 22.06 48.10 -32.63
N SER F 270 21.33 48.48 -31.58
CA SER F 270 21.16 49.88 -31.27
C SER F 270 22.50 50.57 -31.03
N THR F 271 23.48 49.83 -30.51
CA THR F 271 24.84 50.34 -30.34
C THR F 271 25.80 49.86 -31.42
N ALA F 272 25.29 49.18 -32.45
CA ALA F 272 26.16 48.64 -33.48
C ALA F 272 26.70 49.74 -34.39
N LYS F 273 27.84 49.45 -34.99
CA LYS F 273 28.53 50.39 -35.87
C LYS F 273 29.47 49.59 -36.75
N LYS F 274 29.88 50.21 -37.86
CA LYS F 274 30.81 49.58 -38.80
C LYS F 274 32.07 49.12 -38.09
N GLY F 275 32.29 47.81 -38.06
CA GLY F 275 33.44 47.24 -37.39
C GLY F 275 33.35 47.18 -35.88
N ASP F 276 32.21 47.55 -35.30
CA ASP F 276 32.07 47.53 -33.85
C ASP F 276 32.02 46.10 -33.35
N ILE F 277 32.61 45.87 -32.18
CA ILE F 277 32.59 44.58 -31.53
C ILE F 277 31.55 44.63 -30.42
N VAL F 278 30.60 43.69 -30.44
CA VAL F 278 29.54 43.62 -29.44
C VAL F 278 29.95 42.62 -28.38
N GLY F 279 29.89 43.04 -27.12
CA GLY F 279 30.24 42.19 -26.01
C GLY F 279 29.29 41.02 -25.87
N PRO F 280 29.70 40.01 -25.10
CA PRO F 280 28.84 38.84 -24.92
C PRO F 280 27.49 39.22 -24.32
N ILE F 281 26.44 38.57 -24.81
CA ILE F 281 25.08 38.81 -24.37
C ILE F 281 24.60 37.58 -23.62
N ARG F 282 24.18 37.77 -22.37
CA ARG F 282 23.70 36.66 -21.56
C ARG F 282 22.46 36.03 -22.20
N SER F 283 22.48 34.71 -22.33
CA SER F 283 21.33 33.98 -22.85
C SER F 283 21.42 32.54 -22.41
N GLY F 284 20.27 31.86 -22.45
CA GLY F 284 20.25 30.45 -22.12
C GLY F 284 21.04 29.61 -23.10
N VAL F 285 21.02 29.99 -24.38
CA VAL F 285 21.85 29.32 -25.37
C VAL F 285 23.31 29.49 -25.03
N GLY F 286 23.71 30.70 -24.67
CA GLY F 286 25.08 30.97 -24.31
C GLY F 286 25.39 32.45 -24.50
N PHE F 287 26.69 32.74 -24.62
CA PHE F 287 27.16 34.10 -24.79
C PHE F 287 27.38 34.34 -26.28
N HIS F 288 26.76 35.40 -26.80
CA HIS F 288 26.77 35.70 -28.22
C HIS F 288 27.59 36.96 -28.47
N ILE F 289 28.52 36.89 -29.42
CA ILE F 289 29.38 38.00 -29.78
C ILE F 289 29.08 38.36 -31.23
N LEU F 290 28.81 39.64 -31.48
CA LEU F 290 28.47 40.12 -32.81
C LEU F 290 29.48 41.15 -33.27
N LYS F 291 29.70 41.18 -34.58
CA LYS F 291 30.56 42.18 -35.21
C LYS F 291 29.95 42.54 -36.56
N VAL F 292 29.57 43.80 -36.71
CA VAL F 292 28.96 44.26 -37.95
C VAL F 292 30.05 44.42 -39.01
N ASN F 293 29.83 43.81 -40.17
CA ASN F 293 30.76 43.90 -41.28
C ASN F 293 30.34 44.93 -42.32
N ASP F 294 29.04 44.98 -42.64
CA ASP F 294 28.54 45.92 -43.64
C ASP F 294 27.21 46.48 -43.17
N LEU F 295 26.91 47.71 -43.61
CA LEU F 295 25.65 48.35 -43.33
C LEU F 295 24.70 48.22 -44.52
N ASP F 417 3.01 41.88 -45.23
CA ASP F 417 3.45 40.50 -45.41
C ASP F 417 4.98 40.43 -45.45
N ARG F 418 5.61 41.58 -45.67
CA ARG F 418 7.06 41.64 -45.71
C ARG F 418 7.68 41.42 -44.34
N ALA F 419 7.04 41.94 -43.29
CA ALA F 419 7.55 41.74 -41.93
C ALA F 419 7.39 40.31 -41.45
N TYR F 420 6.52 39.53 -42.11
CA TYR F 420 6.33 38.14 -41.72
C TYR F 420 7.64 37.38 -41.78
N ARG F 421 8.36 37.49 -42.90
CA ARG F 421 9.62 36.77 -43.05
C ARG F 421 10.70 37.32 -42.14
N MET F 422 10.66 38.61 -41.84
CA MET F 422 11.64 39.19 -40.93
C MET F 422 11.48 38.62 -39.52
N LEU F 423 10.25 38.65 -38.99
CA LEU F 423 10.02 38.12 -37.66
C LEU F 423 10.19 36.61 -37.64
N MET F 424 9.82 35.93 -38.73
CA MET F 424 10.05 34.49 -38.83
C MET F 424 11.54 34.17 -38.78
N ASN F 425 12.36 35.00 -39.44
CA ASN F 425 13.80 34.80 -39.37
C ASN F 425 14.32 34.99 -37.95
N ARG F 426 13.84 36.02 -37.27
CA ARG F 426 14.34 36.26 -35.91
C ARG F 426 13.89 35.15 -34.95
N LYS F 427 12.65 34.69 -35.08
CA LYS F 427 12.16 33.62 -34.21
C LYS F 427 12.81 32.30 -34.57
N PHE F 428 13.06 32.06 -35.85
CA PHE F 428 13.78 30.87 -36.27
C PHE F 428 15.19 30.86 -35.69
N SER F 429 15.87 32.00 -35.72
CA SER F 429 17.21 32.05 -35.14
C SER F 429 17.17 31.74 -33.66
N GLU F 430 16.26 32.39 -32.91
CA GLU F 430 16.21 32.16 -31.46
C GLU F 430 15.84 30.71 -31.14
N GLU F 431 14.82 30.18 -31.80
CA GLU F 431 14.32 28.86 -31.46
C GLU F 431 15.29 27.77 -31.91
N ALA F 432 15.90 27.93 -33.08
CA ALA F 432 16.91 26.97 -33.51
C ALA F 432 18.11 26.98 -32.58
N ALA F 433 18.57 28.17 -32.17
CA ALA F 433 19.68 28.24 -31.24
C ALA F 433 19.33 27.57 -29.91
N SER F 434 18.09 27.75 -29.45
CA SER F 434 17.67 27.09 -28.21
C SER F 434 17.61 25.57 -28.39
N TRP F 435 16.95 25.11 -29.45
CA TRP F 435 16.69 23.69 -29.62
C TRP F 435 17.94 22.90 -29.95
N MET F 436 18.94 23.52 -30.58
CA MET F 436 20.22 22.84 -30.76
C MET F 436 20.84 22.52 -29.41
N GLN F 437 20.80 23.48 -28.47
CA GLN F 437 21.29 23.23 -27.12
C GLN F 437 20.45 22.17 -26.41
N GLU F 438 19.13 22.23 -26.58
CA GLU F 438 18.28 21.22 -25.94
C GLU F 438 18.62 19.82 -26.43
N GLN F 439 18.82 19.65 -27.73
CA GLN F 439 19.18 18.33 -28.26
C GLN F 439 20.59 17.93 -27.83
N ARG F 440 21.50 18.89 -27.72
CA ARG F 440 22.83 18.58 -27.24
C ARG F 440 22.78 18.04 -25.81
N ALA F 441 21.96 18.67 -24.96
CA ALA F 441 21.85 18.20 -23.58
C ALA F 441 21.12 16.87 -23.50
N SER F 442 20.09 16.69 -24.32
CA SER F 442 19.28 15.46 -24.30
C SER F 442 19.82 14.40 -25.25
N ALA F 443 21.09 14.03 -25.06
CA ALA F 443 21.71 13.01 -25.91
C ALA F 443 22.88 12.41 -25.15
N TYR F 444 23.32 11.24 -25.62
CA TYR F 444 24.48 10.54 -25.07
C TYR F 444 25.67 10.80 -25.99
N VAL F 445 26.65 11.54 -25.51
CA VAL F 445 27.86 11.86 -26.26
C VAL F 445 29.07 11.54 -25.40
N LYS F 446 30.02 10.79 -25.96
CA LYS F 446 31.29 10.51 -25.30
C LYS F 446 32.42 10.82 -26.27
N ILE F 447 33.53 11.31 -25.74
CA ILE F 447 34.69 11.69 -26.55
C ILE F 447 35.70 10.54 -26.52
N LEU F 448 36.11 10.09 -27.70
CA LEU F 448 37.10 9.02 -27.82
C LEU F 448 38.44 9.65 -28.18
N SER F 449 39.41 9.53 -27.27
CA SER F 449 40.73 10.09 -27.53
C SER F 449 41.43 9.37 -28.68
N ASN F 450 41.29 8.04 -28.74
CA ASN F 450 41.90 7.26 -29.81
C ASN F 450 42.19 8.12 -31.03
N TRP G 1 4.41 -3.19 25.96
CA TRP G 1 4.78 -3.75 24.66
C TRP G 1 4.56 -5.25 24.63
N ASN G 2 4.18 -5.76 23.47
CA ASN G 2 3.97 -7.20 23.30
C ASN G 2 4.51 -7.66 21.95
C UX8 G 3 5.98 -10.43 20.78
CA UX8 G 3 5.96 -9.10 20.86
CG UX8 G 3 7.86 -8.63 19.04
CE2 UX8 G 3 8.47 -9.44 16.91
CB UX8 G 3 7.58 -8.54 20.65
CD1 UX8 G 3 7.65 -7.57 18.16
CD2 UX8 G 3 8.40 -9.91 18.31
CE3 UX8 G 3 8.77 -11.20 18.65
CZ3 UX8 G 3 9.24 -12.11 17.63
CH2 UX8 G 3 9.29 -11.68 16.28
CZ2 UX8 G 3 8.93 -10.35 15.90
N UX8 G 3 5.47 -8.58 21.98
NE1 UX8 G 3 8.01 -8.10 16.97
O UX8 G 3 6.26 -11.52 21.35
O9 UX8 G 3 7.71 -7.31 21.10
N THR G 4 5.43 -10.50 19.57
CA THR G 4 5.04 -11.70 18.82
C THR G 4 5.74 -11.71 17.47
N LYS G 5 6.30 -12.84 17.07
CA LYS G 5 6.99 -12.96 15.78
C LYS G 5 6.57 -14.25 15.10
N ARG G 6 6.12 -14.13 13.86
CA ARG G 6 5.66 -15.28 13.08
C ARG G 6 6.87 -15.97 12.46
N PHE G 7 7.17 -17.19 12.93
CA PHE G 7 8.29 -17.93 12.38
C PHE G 7 7.81 -18.90 11.29
MG MG H . -3.99 23.91 -7.96
#